data_5AE6
#
_entry.id   5AE6
#
_cell.length_a   100.244
_cell.length_b   202.443
_cell.length_c   82.441
_cell.angle_alpha   90.00
_cell.angle_beta   90.00
_cell.angle_gamma   90.00
#
_symmetry.space_group_name_H-M   'P 21 21 2'
#
loop_
_entity.id
_entity.type
_entity.pdbx_description
1 polymer BETA-XYLOSIDASE
2 branched alpha-D-mannopyranose-(1-3)-beta-D-mannopyranose-(1-4)-2-acetamido-2-deoxy-beta-D-glucopyranose-(1-4)-2-acetamido-2-deoxy-beta-D-glucopyranose
3 branched 2-acetamido-2-deoxy-beta-D-glucopyranose-(1-4)-2-acetamido-2-deoxy-beta-D-glucopyranose
4 branched beta-D-mannopyranose-(1-4)-2-acetamido-2-deoxy-beta-D-glucopyranose-(1-4)-2-acetamido-2-deoxy-beta-D-glucopyranose
5 branched beta-D-xylopyranose-(1-4)-4-deoxy-4-thio-alpha-D-xylopyranose
6 branched alpha-D-mannopyranose-(1-2)-alpha-D-mannopyranose-(1-3)-beta-D-mannopyranose-(1-4)-2-acetamido-2-deoxy-beta-D-glucopyranose-(1-4)-2-acetamido-2-deoxy-beta-D-glucopyranose
7 non-polymer 2-acetamido-2-deoxy-beta-D-glucopyranose
8 non-polymer 'ZINC ION'
9 water water
#
_entity_poly.entity_id   1
_entity_poly.type   'polypeptide(L)'
_entity_poly.pdbx_seq_one_letter_code
;(PCA)NNQTYANYSAQGQPDLYPETLATLTLSFPDCEHGPLKNNLVCDSSAGYVERAQALISLFTLEELILNTQNSGPGV
PRLGLPNYQVWNEALHGLDRANFATKGGQFEWATSFPMPILTTAALNRTLIHQIADIISTQARAFSNSGRYGLDVYAPNV
NGFRSPLWGRGQETPGEDAFFLSSAYTYEYITGIQGGVDPEHLKVAATVKHFAGYDLENWNNQSRLGFDAIITQQDLSEY
YTPQFLAAARYAKSRSLMCAYNSVNGVPSCANSFFLQTLLRESWGFPEWGYVSSDCDAVYNVFNPHDYASNQSSAAASSL
RAGTDIDCGQTYPWHLNESFVAGEVSRGEIERSVTRLYANLVRLGYFDKKNQYRSLGWKDVVKTDAWNISYEAAVEGIVL
LKNDGTLPLSKKVRSIALIGPWANATTQMQGNYYGPAPYLISPLEAAKKAGYHVNFELGTEIAGNSTTGFAKAIAAAKKS
DAIIYLGGIDNTIEQEGADRTDIAWPGNQLDLIKQLSEVGKPLVVLQMGGGQVDSSSLKSNKKVNSLVWGGYPGQSGGVA
LFDILSGKRAPAGRLVTTQYPAEYVHQFPQNDMNLRPDGKSNPGQTYIWYTGKPVYEFGSGLFYTTFKETLASHPKSLKF
NTSSILSAPHPGYTYSEQIPVFTFEANIKNSGKTESPYTAMLFVRTSNAGPAPYPNKWLVGFDRLADIKPGHSSKLSIPI
PVSALARVDSHGNRIVYPGKYELALNTDESVKLEFELVGEEVTIENWPLEE
;
_entity_poly.pdbx_strand_id   A,B
#
# COMPACT_ATOMS: atom_id res chain seq x y z
N ASN A 2 -16.33 -10.03 29.40
CA ASN A 2 -16.19 -9.95 30.85
C ASN A 2 -17.49 -10.27 31.59
N ASN A 3 -18.33 -11.09 30.98
CA ASN A 3 -19.60 -11.48 31.59
C ASN A 3 -19.38 -12.36 32.82
N GLN A 4 -20.27 -12.26 33.80
CA GLN A 4 -20.15 -12.99 35.06
C GLN A 4 -21.03 -14.23 35.06
N THR A 5 -22.10 -14.17 34.28
CA THR A 5 -22.96 -15.31 34.03
C THR A 5 -23.02 -15.53 32.51
N TYR A 6 -23.64 -16.64 32.07
CA TYR A 6 -23.82 -16.88 30.64
C TYR A 6 -24.46 -15.67 29.96
N ALA A 7 -23.88 -15.27 28.82
CA ALA A 7 -24.38 -14.14 28.06
C ALA A 7 -24.53 -14.48 26.58
N ASN A 8 -25.75 -14.34 26.07
CA ASN A 8 -26.04 -14.60 24.67
C ASN A 8 -25.74 -13.35 23.84
N TYR A 9 -24.55 -13.30 23.27
CA TYR A 9 -24.13 -12.13 22.48
C TYR A 9 -24.77 -12.08 21.10
N SER A 10 -25.48 -13.13 20.71
CA SER A 10 -26.39 -13.07 19.56
C SER A 10 -27.65 -12.24 19.82
N ALA A 11 -28.00 -12.06 21.10
CA ALA A 11 -29.20 -11.30 21.50
C ALA A 11 -28.89 -9.97 22.19
N GLN A 12 -27.90 -9.98 23.07
CA GLN A 12 -27.54 -8.82 23.90
C GLN A 12 -26.89 -7.72 23.05
N GLY A 13 -27.49 -6.54 23.06
CA GLY A 13 -27.02 -5.40 22.27
C GLY A 13 -25.74 -4.73 22.74
N GLN A 14 -25.33 -5.02 23.96
CA GLN A 14 -24.14 -4.42 24.56
C GLN A 14 -23.15 -5.51 24.95
N PRO A 15 -21.86 -5.31 24.61
CA PRO A 15 -20.81 -6.23 25.09
C PRO A 15 -20.53 -6.03 26.59
N ASP A 16 -19.76 -6.96 27.16
CA ASP A 16 -19.31 -6.84 28.55
C ASP A 16 -17.80 -6.68 28.50
N LEU A 17 -17.36 -5.43 28.49
CA LEU A 17 -15.96 -5.10 28.29
C LEU A 17 -15.23 -5.10 29.61
N TYR A 18 -13.95 -5.47 29.56
CA TYR A 18 -13.08 -5.42 30.73
C TYR A 18 -12.81 -3.96 31.12
N PRO A 19 -12.59 -3.71 32.44
CA PRO A 19 -12.30 -2.35 32.91
C PRO A 19 -11.08 -1.72 32.21
N GLU A 20 -10.11 -2.54 31.83
CA GLU A 20 -8.93 -2.08 31.09
C GLU A 20 -9.31 -1.37 29.79
N THR A 21 -10.26 -1.94 29.07
CA THR A 21 -10.72 -1.38 27.79
C THR A 21 -11.35 -0.01 28.03
N LEU A 22 -12.11 0.08 29.13
CA LEU A 22 -12.95 1.23 29.43
C LEU A 22 -12.25 2.30 30.25
N ALA A 23 -11.00 2.04 30.65
CA ALA A 23 -10.29 2.90 31.60
C ALA A 23 -9.97 4.27 31.03
N THR A 24 -9.92 5.26 31.92
CA THR A 24 -9.49 6.62 31.58
C THR A 24 -8.06 6.76 32.03
N LEU A 25 -7.16 6.90 31.07
CA LEU A 25 -5.75 7.02 31.35
C LEU A 25 -5.37 8.48 31.53
N THR A 26 -4.19 8.71 32.10
CA THR A 26 -3.59 10.03 32.14
C THR A 26 -2.44 9.96 31.17
N LEU A 27 -2.47 10.81 30.15
CA LEU A 27 -1.52 10.74 29.05
C LEU A 27 -0.41 11.76 29.23
N SER A 28 0.64 11.63 28.41
CA SER A 28 1.77 12.57 28.40
C SER A 28 2.61 12.31 27.16
N PHE A 29 3.70 13.05 27.02
CA PHE A 29 4.57 12.90 25.85
C PHE A 29 5.94 12.39 26.24
N PRO A 30 6.53 11.53 25.40
CA PRO A 30 7.92 11.13 25.51
C PRO A 30 8.86 12.33 25.57
N ASP A 31 9.93 12.19 26.34
CA ASP A 31 10.91 13.24 26.52
C ASP A 31 12.04 12.98 25.53
N CYS A 32 11.99 13.63 24.37
CA CYS A 32 13.00 13.40 23.33
C CYS A 32 14.35 14.09 23.57
N GLU A 33 14.40 14.99 24.55
CA GLU A 33 15.65 15.67 24.90
C GLU A 33 16.48 14.89 25.91
N HIS A 34 15.85 14.29 26.91
CA HIS A 34 16.59 13.67 28.03
C HIS A 34 16.23 12.20 28.31
N GLY A 35 15.11 11.74 27.77
CA GLY A 35 14.61 10.39 28.04
C GLY A 35 15.37 9.29 27.33
N PRO A 36 15.03 8.02 27.66
CA PRO A 36 15.69 6.84 27.11
C PRO A 36 15.69 6.81 25.56
N LEU A 37 14.75 7.52 24.93
CA LEU A 37 14.65 7.47 23.46
C LEU A 37 15.46 8.56 22.75
N LYS A 38 16.18 9.39 23.50
CA LYS A 38 16.80 10.60 22.93
C LYS A 38 17.76 10.38 21.78
N ASN A 39 18.47 9.25 21.78
CA ASN A 39 19.39 8.95 20.69
C ASN A 39 18.84 7.99 19.63
N ASN A 40 17.63 7.51 19.85
CA ASN A 40 16.90 6.72 18.87
C ASN A 40 16.35 7.61 17.75
N LEU A 41 16.26 7.07 16.53
CA LEU A 41 15.78 7.85 15.37
C LEU A 41 14.38 8.44 15.59
N VAL A 42 13.58 7.81 16.44
CA VAL A 42 12.21 8.29 16.67
C VAL A 42 12.22 9.73 17.21
N CYS A 43 13.29 10.10 17.91
CA CYS A 43 13.42 11.44 18.46
C CYS A 43 14.13 12.39 17.53
N ASP A 44 14.54 11.91 16.36
CA ASP A 44 15.11 12.77 15.35
C ASP A 44 14.01 13.38 14.48
N SER A 45 13.67 14.63 14.76
CA SER A 45 12.59 15.33 14.06
C SER A 45 12.85 15.61 12.57
N SER A 46 14.06 15.34 12.09
CA SER A 46 14.36 15.56 10.68
C SER A 46 14.18 14.29 9.84
N ALA A 47 14.05 13.14 10.50
CA ALA A 47 13.93 11.86 9.81
C ALA A 47 12.51 11.59 9.28
N GLY A 48 12.37 10.61 8.39
CA GLY A 48 11.07 10.23 7.84
C GLY A 48 10.18 9.56 8.88
N TYR A 49 8.88 9.82 8.82
CA TYR A 49 7.95 9.34 9.87
C TYR A 49 7.92 7.82 10.02
N VAL A 50 8.00 7.11 8.90
CA VAL A 50 8.05 5.64 8.92
C VAL A 50 9.33 5.14 9.57
N GLU A 51 10.46 5.72 9.18
CA GLU A 51 11.77 5.32 9.69
C GLU A 51 11.84 5.60 11.18
N ARG A 52 11.25 6.71 11.60
CA ARG A 52 11.15 7.04 13.02
C ARG A 52 10.37 5.98 13.81
N ALA A 53 9.18 5.61 13.33
CA ALA A 53 8.36 4.61 14.00
C ALA A 53 9.07 3.26 14.03
N GLN A 54 9.68 2.88 12.92
CA GLN A 54 10.42 1.60 12.81
C GLN A 54 11.53 1.51 13.87
N ALA A 55 12.28 2.61 14.02
CA ALA A 55 13.36 2.70 15.01
C ALA A 55 12.83 2.48 16.42
N LEU A 56 11.67 3.07 16.72
CA LEU A 56 11.06 2.88 18.02
C LEU A 56 10.63 1.44 18.23
N ILE A 57 9.90 0.88 17.26
CA ILE A 57 9.33 -0.47 17.43
C ILE A 57 10.43 -1.53 17.62
N SER A 58 11.57 -1.31 16.98
CA SER A 58 12.73 -2.21 17.12
C SER A 58 13.18 -2.38 18.58
N LEU A 59 12.78 -1.45 19.45
CA LEU A 59 13.21 -1.45 20.85
C LEU A 59 12.33 -2.30 21.77
N PHE A 60 11.13 -2.67 21.29
CA PHE A 60 10.14 -3.39 22.10
C PHE A 60 10.51 -4.86 22.23
N THR A 61 10.12 -5.46 23.34
CA THR A 61 10.07 -6.91 23.43
C THR A 61 8.77 -7.34 22.74
N LEU A 62 8.65 -8.62 22.44
CA LEU A 62 7.45 -9.15 21.84
C LEU A 62 6.20 -8.85 22.68
N GLU A 63 6.31 -9.07 23.99
CA GLU A 63 5.18 -8.89 24.87
C GLU A 63 4.74 -7.42 24.90
N GLU A 64 5.72 -6.51 24.86
CA GLU A 64 5.44 -5.08 24.83
C GLU A 64 4.66 -4.66 23.58
N LEU A 65 5.04 -5.22 22.43
CA LEU A 65 4.30 -5.01 21.18
C LEU A 65 2.84 -5.43 21.36
N ILE A 66 2.67 -6.68 21.78
CA ILE A 66 1.37 -7.31 21.97
C ILE A 66 0.46 -6.50 22.91
N LEU A 67 1.00 -6.08 24.05
CA LEU A 67 0.22 -5.27 24.99
C LEU A 67 -0.17 -3.92 24.37
N ASN A 68 0.68 -3.40 23.50
CA ASN A 68 0.40 -2.13 22.83
C ASN A 68 -0.40 -2.22 21.53
N THR A 69 -1.03 -3.38 21.28
CA THR A 69 -2.05 -3.50 20.23
C THR A 69 -3.48 -3.29 20.73
N GLN A 70 -3.66 -2.94 22.01
CA GLN A 70 -4.98 -2.61 22.55
C GLN A 70 -5.19 -1.09 22.56
N ASN A 71 -6.46 -0.66 22.65
CA ASN A 71 -6.76 0.79 22.71
C ASN A 71 -6.15 1.52 23.93
N SER A 72 -6.25 0.92 25.12
CA SER A 72 -5.59 1.46 26.32
C SER A 72 -4.12 0.98 26.42
N GLY A 73 -3.27 1.45 25.50
CA GLY A 73 -1.90 0.93 25.42
C GLY A 73 -1.08 1.37 26.62
N PRO A 74 -0.39 0.42 27.29
CA PRO A 74 0.39 0.80 28.49
C PRO A 74 1.67 1.57 28.19
N GLY A 75 2.05 1.64 26.91
CA GLY A 75 3.34 2.20 26.55
C GLY A 75 4.45 1.23 26.95
N VAL A 76 5.65 1.76 27.16
CA VAL A 76 6.79 0.99 27.63
C VAL A 76 7.55 1.84 28.65
N PRO A 77 7.23 1.67 29.95
CA PRO A 77 7.82 2.48 31.02
C PRO A 77 9.35 2.56 30.96
N ARG A 78 10.03 1.44 30.78
CA ARG A 78 11.49 1.41 30.71
C ARG A 78 12.06 2.26 29.56
N LEU A 79 11.22 2.63 28.59
CA LEU A 79 11.67 3.43 27.48
C LEU A 79 11.25 4.91 27.61
N GLY A 80 10.58 5.23 28.72
CA GLY A 80 9.96 6.54 28.89
C GLY A 80 8.88 6.78 27.83
N LEU A 81 8.21 5.71 27.43
CA LEU A 81 7.13 5.81 26.46
C LEU A 81 5.82 5.63 27.21
N PRO A 82 5.05 6.73 27.38
CA PRO A 82 3.88 6.76 28.25
C PRO A 82 2.75 5.92 27.70
N ASN A 83 1.76 5.61 28.53
CA ASN A 83 0.56 4.96 28.01
C ASN A 83 -0.14 5.88 27.03
N TYR A 84 -0.85 5.29 26.06
CA TYR A 84 -1.57 6.08 25.06
C TYR A 84 -2.92 5.45 24.79
N GLN A 85 -3.96 6.29 24.82
CA GLN A 85 -5.34 5.88 24.59
C GLN A 85 -5.75 6.09 23.13
N VAL A 86 -6.12 5.00 22.46
CA VAL A 86 -6.61 5.06 21.07
C VAL A 86 -8.12 5.36 21.02
N TRP A 87 -8.83 4.97 22.08
CA TRP A 87 -10.27 5.18 22.12
C TRP A 87 -10.59 6.55 22.66
N ASN A 88 -10.85 7.48 21.75
CA ASN A 88 -11.28 8.83 22.06
C ASN A 88 -12.51 9.13 21.21
N GLU A 89 -13.51 9.77 21.81
CA GLU A 89 -14.77 10.08 21.09
C GLU A 89 -14.85 11.54 20.69
N ALA A 90 -15.27 11.80 19.45
CA ALA A 90 -15.36 13.16 18.96
C ALA A 90 -16.58 13.44 18.06
N LEU A 91 -17.57 12.54 18.08
CA LEU A 91 -18.74 12.59 17.17
C LEU A 91 -19.30 13.99 16.92
N HIS A 92 -19.56 14.72 18.00
CA HIS A 92 -20.03 16.11 17.92
C HIS A 92 -19.51 16.88 19.15
N GLY A 93 -18.25 16.64 19.50
CA GLY A 93 -17.59 17.30 20.63
C GLY A 93 -16.77 16.26 21.37
N LEU A 94 -15.84 16.73 22.21
CA LEU A 94 -14.98 15.79 22.93
C LEU A 94 -15.76 14.97 23.94
N ASP A 95 -15.46 13.68 23.96
CA ASP A 95 -15.99 12.78 24.96
C ASP A 95 -14.97 11.69 25.22
N ARG A 96 -15.06 11.07 26.41
CA ARG A 96 -14.09 10.11 26.93
C ARG A 96 -12.73 10.76 27.22
N ALA A 97 -12.71 12.09 27.27
CA ALA A 97 -11.55 12.84 27.76
C ALA A 97 -11.46 12.68 29.27
N ASN A 98 -10.29 12.94 29.84
CA ASN A 98 -10.16 13.01 31.28
C ASN A 98 -10.50 14.45 31.70
N PHE A 99 -11.79 14.74 31.78
CA PHE A 99 -12.28 16.07 32.17
C PHE A 99 -11.97 16.35 33.64
N ALA A 100 -11.53 17.57 33.93
CA ALA A 100 -11.36 18.01 35.32
C ALA A 100 -12.74 18.17 36.00
N THR A 101 -12.80 17.95 37.31
CA THR A 101 -14.06 18.07 38.03
C THR A 101 -14.23 19.40 38.77
N LYS A 102 -13.16 20.19 38.80
CA LYS A 102 -13.12 21.50 39.46
C LYS A 102 -11.89 22.20 38.92
N GLY A 103 -11.75 23.49 39.22
CA GLY A 103 -10.56 24.25 38.85
C GLY A 103 -10.75 25.18 37.66
N GLY A 104 -11.89 25.06 37.00
CA GLY A 104 -12.25 26.01 35.95
C GLY A 104 -11.60 25.79 34.62
N GLN A 105 -10.85 24.69 34.49
CA GLN A 105 -10.08 24.37 33.30
C GLN A 105 -10.29 22.93 32.90
N PHE A 106 -10.51 22.70 31.60
CA PHE A 106 -10.73 21.36 31.06
C PHE A 106 -11.91 20.64 31.71
N GLU A 107 -12.83 21.43 32.24
CA GLU A 107 -14.04 20.89 32.85
C GLU A 107 -15.09 20.54 31.80
N TRP A 108 -14.93 21.09 30.60
CA TRP A 108 -15.93 20.91 29.55
C TRP A 108 -15.32 21.05 28.17
N ALA A 109 -16.13 20.72 27.16
CA ALA A 109 -15.81 20.90 25.76
C ALA A 109 -17.09 21.34 25.04
N THR A 110 -16.94 21.97 23.87
CA THR A 110 -18.10 22.43 23.09
C THR A 110 -18.94 21.23 22.67
N SER A 111 -20.23 21.28 23.01
CA SER A 111 -21.20 20.28 22.60
C SER A 111 -21.99 20.80 21.41
N PHE A 112 -21.60 20.34 20.23
CA PHE A 112 -22.25 20.70 18.98
C PHE A 112 -23.54 19.88 18.85
N PRO A 113 -24.40 20.23 17.88
CA PRO A 113 -25.58 19.38 17.69
C PRO A 113 -25.19 17.98 17.22
N MET A 114 -26.07 16.99 17.39
CA MET A 114 -25.85 15.68 16.79
C MET A 114 -25.71 15.89 15.28
N PRO A 115 -24.86 15.08 14.62
CA PRO A 115 -24.62 15.27 13.19
C PRO A 115 -25.90 15.24 12.33
N ILE A 116 -26.93 14.53 12.78
CA ILE A 116 -28.19 14.43 12.05
C ILE A 116 -28.76 15.84 11.78
N LEU A 117 -28.73 16.70 12.80
CA LEU A 117 -29.24 18.07 12.69
C LEU A 117 -28.28 18.99 11.93
N THR A 118 -27.00 18.94 12.26
CA THR A 118 -25.97 19.71 11.57
C THR A 118 -25.98 19.49 10.06
N THR A 119 -26.17 18.23 9.64
CA THR A 119 -26.21 17.88 8.22
C THR A 119 -27.45 18.48 7.52
N ALA A 120 -28.54 18.62 8.27
CA ALA A 120 -29.80 19.22 7.75
C ALA A 120 -29.65 20.68 7.26
N ALA A 121 -28.60 21.35 7.73
CA ALA A 121 -28.27 22.71 7.29
C ALA A 121 -27.82 22.73 5.83
N LEU A 122 -27.36 21.58 5.31
CA LEU A 122 -26.84 21.45 3.95
C LEU A 122 -25.69 22.39 3.65
N ASN A 123 -24.84 22.59 4.67
CA ASN A 123 -23.72 23.52 4.58
C ASN A 123 -22.39 22.81 4.83
N ARG A 124 -21.61 22.62 3.77
CA ARG A 124 -20.34 21.91 3.84
C ARG A 124 -19.31 22.64 4.74
N THR A 125 -19.21 23.96 4.56
CA THR A 125 -18.29 24.81 5.32
C THR A 125 -18.57 24.67 6.81
N LEU A 126 -19.85 24.63 7.18
CA LEU A 126 -20.28 24.43 8.56
C LEU A 126 -19.70 23.15 9.17
N ILE A 127 -19.91 22.02 8.48
CA ILE A 127 -19.37 20.72 8.92
C ILE A 127 -17.86 20.75 9.12
N HIS A 128 -17.15 21.28 8.13
CA HIS A 128 -15.71 21.44 8.19
C HIS A 128 -15.23 22.26 9.41
N GLN A 129 -15.88 23.41 9.69
CA GLN A 129 -15.51 24.28 10.82
C GLN A 129 -15.76 23.61 12.17
N ILE A 130 -16.89 22.93 12.30
CA ILE A 130 -17.17 22.15 13.51
C ILE A 130 -16.03 21.14 13.75
N ALA A 131 -15.64 20.41 12.70
CA ALA A 131 -14.53 19.46 12.77
C ALA A 131 -13.22 20.13 13.17
N ASP A 132 -12.90 21.25 12.52
CA ASP A 132 -11.71 22.03 12.90
C ASP A 132 -11.70 22.47 14.37
N ILE A 133 -12.83 22.95 14.87
CA ILE A 133 -12.95 23.34 16.27
C ILE A 133 -12.79 22.15 17.21
N ILE A 134 -13.40 21.02 16.84
CA ILE A 134 -13.28 19.79 17.62
C ILE A 134 -11.80 19.37 17.75
N SER A 135 -11.05 19.42 16.65
CA SER A 135 -9.63 19.02 16.64
C SER A 135 -8.69 20.03 17.31
N THR A 136 -9.01 21.33 17.23
CA THR A 136 -8.38 22.34 18.07
C THR A 136 -8.60 22.01 19.54
N GLN A 137 -9.83 21.73 19.91
CA GLN A 137 -10.15 21.40 21.30
C GLN A 137 -9.48 20.07 21.74
N ALA A 138 -9.45 19.09 20.83
CA ALA A 138 -8.71 17.84 21.07
C ALA A 138 -7.24 18.08 21.37
N ARG A 139 -6.57 18.89 20.56
CA ARG A 139 -5.15 19.18 20.77
C ARG A 139 -4.90 19.87 22.10
N ALA A 140 -5.80 20.78 22.48
CA ALA A 140 -5.70 21.49 23.76
C ALA A 140 -5.75 20.54 24.95
N PHE A 141 -6.75 19.67 24.97
CA PHE A 141 -6.86 18.63 26.00
C PHE A 141 -5.64 17.72 25.97
N SER A 142 -5.20 17.35 24.76
CA SER A 142 -4.05 16.48 24.59
C SER A 142 -2.81 17.12 25.22
N ASN A 143 -2.64 18.42 25.01
CA ASN A 143 -1.47 19.12 25.56
C ASN A 143 -1.42 19.18 27.08
N SER A 144 -2.53 18.83 27.73
CA SER A 144 -2.55 18.68 29.19
C SER A 144 -2.79 17.23 29.63
N GLY A 145 -2.60 16.29 28.71
CA GLY A 145 -2.66 14.87 29.02
C GLY A 145 -4.06 14.30 29.21
N ARG A 146 -5.07 15.02 28.71
CA ARG A 146 -6.46 14.70 29.01
C ARG A 146 -7.24 14.13 27.80
N TYR A 147 -6.54 13.89 26.69
CA TYR A 147 -7.17 13.34 25.48
C TYR A 147 -6.11 12.83 24.54
N GLY A 148 -6.48 11.84 23.73
CA GLY A 148 -5.56 11.27 22.72
C GLY A 148 -5.42 12.13 21.47
N LEU A 149 -4.93 11.51 20.40
CA LEU A 149 -4.66 12.23 19.15
C LEU A 149 -5.33 11.55 17.95
N ASP A 150 -6.19 10.58 18.25
CA ASP A 150 -7.02 9.98 17.21
C ASP A 150 -8.44 9.86 17.76
N VAL A 151 -9.42 9.90 16.86
CA VAL A 151 -10.82 9.92 17.29
C VAL A 151 -11.65 8.89 16.53
N TYR A 152 -12.50 8.18 17.24
CA TYR A 152 -13.42 7.22 16.66
C TYR A 152 -14.62 7.96 16.05
N ALA A 153 -14.35 8.75 15.01
CA ALA A 153 -15.36 9.56 14.33
C ALA A 153 -14.86 9.80 12.92
N PRO A 154 -15.78 9.99 11.96
CA PRO A 154 -17.23 10.06 12.09
C PRO A 154 -17.98 8.74 11.84
N ASN A 155 -19.16 8.64 12.44
CA ASN A 155 -20.11 7.58 12.15
C ASN A 155 -20.84 7.98 10.88
N VAL A 156 -20.53 7.33 9.77
CA VAL A 156 -21.15 7.66 8.49
C VAL A 156 -21.90 6.49 7.83
N ASN A 157 -22.29 5.49 8.62
CA ASN A 157 -23.18 4.43 8.12
C ASN A 157 -24.51 5.05 7.69
N GLY A 158 -25.10 4.55 6.60
CA GLY A 158 -26.40 5.06 6.17
C GLY A 158 -27.50 4.78 7.17
N PHE A 159 -28.29 5.81 7.48
CA PHE A 159 -29.48 5.67 8.33
C PHE A 159 -30.57 4.96 7.51
N ARG A 160 -30.37 3.66 7.24
CA ARG A 160 -31.22 2.88 6.33
C ARG A 160 -32.57 2.54 6.95
N SER A 161 -32.56 1.81 8.06
CA SER A 161 -33.78 1.52 8.81
C SER A 161 -34.09 2.65 9.78
N PRO A 162 -35.33 3.16 9.76
CA PRO A 162 -35.68 4.35 10.53
C PRO A 162 -35.69 4.14 12.05
N LEU A 163 -35.72 2.89 12.50
CA LEU A 163 -35.73 2.59 13.95
C LEU A 163 -34.34 2.37 14.59
N TRP A 164 -33.27 2.47 13.80
CA TRP A 164 -31.90 2.36 14.32
C TRP A 164 -31.71 3.31 15.48
N GLY A 165 -31.28 2.77 16.63
CA GLY A 165 -30.99 3.58 17.83
C GLY A 165 -29.82 4.56 17.68
N ARG A 166 -29.07 4.44 16.58
CA ARG A 166 -27.84 5.24 16.40
C ARG A 166 -27.86 6.09 15.15
N GLY A 167 -28.98 6.07 14.42
CA GLY A 167 -29.10 6.90 13.22
C GLY A 167 -28.90 8.38 13.50
N GLN A 168 -29.20 8.78 14.74
CA GLN A 168 -29.03 10.14 15.24
C GLN A 168 -27.59 10.63 15.06
N GLU A 169 -26.63 9.71 15.13
CA GLU A 169 -25.21 10.02 15.07
C GLU A 169 -24.74 10.31 13.65
N THR A 170 -25.59 10.05 12.65
CA THR A 170 -25.16 10.02 11.27
C THR A 170 -25.60 11.23 10.46
N PRO A 171 -24.98 11.43 9.28
CA PRO A 171 -25.47 12.47 8.38
C PRO A 171 -26.65 12.09 7.48
N GLY A 172 -27.36 11.00 7.79
CA GLY A 172 -28.64 10.70 7.13
C GLY A 172 -28.73 9.38 6.36
N GLU A 173 -29.77 9.25 5.53
CA GLU A 173 -30.02 7.98 4.82
C GLU A 173 -29.38 7.91 3.42
N ASP A 174 -28.83 9.02 2.95
CA ASP A 174 -28.18 9.05 1.64
C ASP A 174 -26.66 8.81 1.74
N ALA A 175 -26.29 7.54 1.86
CA ALA A 175 -24.89 7.17 1.99
C ALA A 175 -24.02 7.73 0.86
N PHE A 176 -24.49 7.62 -0.38
CA PHE A 176 -23.65 7.95 -1.54
C PHE A 176 -23.26 9.42 -1.66
N PHE A 177 -24.23 10.34 -1.62
CA PHE A 177 -23.85 11.75 -1.81
C PHE A 177 -23.76 12.55 -0.52
N LEU A 178 -24.87 12.65 0.21
CA LEU A 178 -24.95 13.44 1.43
C LEU A 178 -24.00 12.99 2.55
N SER A 179 -23.98 11.69 2.84
CA SER A 179 -23.07 11.14 3.85
C SER A 179 -21.61 11.27 3.46
N SER A 180 -21.32 11.02 2.19
CA SER A 180 -19.96 11.11 1.67
C SER A 180 -19.43 12.54 1.76
N ALA A 181 -20.32 13.51 1.52
CA ALA A 181 -19.98 14.93 1.62
C ALA A 181 -19.64 15.29 3.06
N TYR A 182 -20.50 14.87 3.99
CA TYR A 182 -20.21 15.01 5.42
C TYR A 182 -18.86 14.35 5.75
N THR A 183 -18.70 13.12 5.30
CA THR A 183 -17.46 12.36 5.54
C THR A 183 -16.23 13.19 5.18
N TYR A 184 -16.19 13.72 3.95
CA TYR A 184 -15.06 14.51 3.49
C TYR A 184 -14.81 15.79 4.31
N GLU A 185 -15.86 16.56 4.57
CA GLU A 185 -15.73 17.83 5.28
C GLU A 185 -15.31 17.64 6.73
N TYR A 186 -15.84 16.61 7.37
CA TYR A 186 -15.54 16.31 8.75
C TYR A 186 -14.10 15.78 8.93
N ILE A 187 -13.72 14.79 8.12
CA ILE A 187 -12.38 14.19 8.22
C ILE A 187 -11.26 15.18 7.90
N THR A 188 -11.43 15.99 6.86
CA THR A 188 -10.42 17.00 6.53
C THR A 188 -10.31 18.09 7.61
N GLY A 189 -11.42 18.36 8.29
CA GLY A 189 -11.43 19.28 9.43
C GLY A 189 -10.72 18.73 10.66
N ILE A 190 -10.94 17.45 10.95
CA ILE A 190 -10.27 16.75 12.04
C ILE A 190 -8.76 16.67 11.76
N GLN A 191 -8.40 16.32 10.53
CA GLN A 191 -7.01 15.99 10.20
C GLN A 191 -6.16 17.19 9.80
N GLY A 192 -6.82 18.32 9.53
CA GLY A 192 -6.15 19.58 9.22
C GLY A 192 -5.72 19.71 7.77
N GLY A 193 -6.60 19.28 6.86
CA GLY A 193 -6.32 19.26 5.42
C GLY A 193 -6.52 17.89 4.78
N VAL A 194 -5.88 17.68 3.63
CA VAL A 194 -5.93 16.41 2.90
C VAL A 194 -4.57 15.72 3.04
N ASP A 195 -4.52 14.70 3.91
CA ASP A 195 -3.27 14.05 4.29
C ASP A 195 -2.12 15.06 4.47
N PRO A 196 -2.31 16.07 5.33
CA PRO A 196 -1.18 17.00 5.51
C PRO A 196 0.00 16.30 6.17
N GLU A 197 1.21 16.78 5.89
CA GLU A 197 2.44 16.27 6.50
C GLU A 197 2.32 16.28 8.02
N HIS A 198 1.94 17.42 8.58
CA HIS A 198 1.68 17.56 10.01
CA HIS A 198 1.69 17.55 10.01
C HIS A 198 0.20 17.33 10.29
N LEU A 199 -0.13 16.11 10.71
CA LEU A 199 -1.51 15.74 10.98
C LEU A 199 -2.00 16.45 12.23
N LYS A 200 -3.27 16.87 12.21
CA LYS A 200 -3.79 17.58 13.36
C LYS A 200 -4.30 16.55 14.37
N VAL A 201 -5.36 15.83 13.99
CA VAL A 201 -5.91 14.71 14.76
C VAL A 201 -6.26 13.65 13.74
N ALA A 202 -6.00 12.37 14.06
CA ALA A 202 -6.33 11.28 13.14
C ALA A 202 -7.81 10.90 13.25
N ALA A 203 -8.50 10.90 12.11
CA ALA A 203 -9.90 10.47 12.06
C ALA A 203 -9.98 8.95 11.94
N THR A 204 -11.09 8.38 12.39
CA THR A 204 -11.34 6.93 12.27
C THR A 204 -12.75 6.73 11.71
N VAL A 205 -12.87 6.69 10.38
CA VAL A 205 -14.18 6.51 9.74
C VAL A 205 -14.79 5.17 10.18
N LYS A 206 -16.10 5.17 10.47
CA LYS A 206 -16.76 4.00 11.03
C LYS A 206 -18.24 3.96 10.60
N HIS A 207 -18.88 2.79 10.55
CA HIS A 207 -18.32 1.49 10.92
C HIS A 207 -18.34 0.61 9.66
N PHE A 208 -17.19 0.07 9.29
CA PHE A 208 -17.00 -0.64 8.01
C PHE A 208 -17.18 -2.16 8.23
N ALA A 209 -18.20 -2.81 7.68
CA ALA A 209 -19.32 -2.23 6.91
C ALA A 209 -20.59 -3.07 7.16
N GLY A 210 -21.73 -2.56 6.71
CA GLY A 210 -23.00 -3.27 6.85
C GLY A 210 -23.65 -3.14 8.21
N TYR A 211 -23.16 -2.20 9.02
CA TYR A 211 -23.67 -1.95 10.38
C TYR A 211 -24.65 -0.78 10.39
N ASP A 212 -25.91 -1.08 10.69
CA ASP A 212 -26.93 -0.02 10.75
C ASP A 212 -28.12 -0.38 11.65
N LEU A 213 -27.91 -1.34 12.55
CA LEU A 213 -28.91 -1.78 13.52
C LEU A 213 -28.21 -2.16 14.81
N GLU A 214 -28.88 -1.95 15.95
CA GLU A 214 -28.34 -2.35 17.26
C GLU A 214 -28.72 -3.77 17.68
N ASN A 215 -30.03 -4.07 17.64
CA ASN A 215 -30.54 -5.32 18.16
C ASN A 215 -31.98 -5.62 17.71
N TRP A 216 -32.34 -5.15 16.53
CA TRP A 216 -33.70 -5.35 16.02
C TRP A 216 -34.04 -6.84 16.01
N ASN A 217 -35.28 -7.17 16.39
CA ASN A 217 -35.75 -8.55 16.52
C ASN A 217 -34.90 -9.38 17.50
N ASN A 218 -34.28 -8.69 18.46
CA ASN A 218 -33.35 -9.31 19.40
C ASN A 218 -32.19 -10.05 18.72
N GLN A 219 -31.76 -9.54 17.56
CA GLN A 219 -30.58 -10.03 16.90
C GLN A 219 -29.53 -8.92 17.04
N SER A 220 -28.60 -9.12 17.98
CA SER A 220 -27.60 -8.13 18.29
C SER A 220 -26.65 -7.89 17.12
N ARG A 221 -26.22 -6.64 16.97
CA ARG A 221 -25.11 -6.27 16.08
C ARG A 221 -23.91 -7.21 16.26
N LEU A 222 -23.69 -7.64 17.51
CA LEU A 222 -22.54 -8.45 17.89
C LEU A 222 -22.48 -9.81 17.19
N GLY A 223 -23.64 -10.32 16.77
CA GLY A 223 -23.72 -11.63 16.14
C GLY A 223 -24.42 -11.60 14.79
N PHE A 224 -24.74 -10.40 14.32
CA PHE A 224 -25.49 -10.22 13.10
C PHE A 224 -24.63 -10.53 11.88
N ASP A 225 -25.19 -11.29 10.95
CA ASP A 225 -24.56 -11.55 9.64
C ASP A 225 -25.37 -10.88 8.55
N ALA A 226 -24.87 -9.74 8.06
CA ALA A 226 -25.54 -8.97 7.02
C ALA A 226 -25.39 -9.61 5.64
N ILE A 227 -26.52 -10.05 5.08
CA ILE A 227 -26.56 -10.62 3.74
C ILE A 227 -26.83 -9.49 2.76
N ILE A 228 -25.78 -9.08 2.05
CA ILE A 228 -25.81 -7.88 1.24
C ILE A 228 -25.28 -8.23 -0.14
N THR A 229 -26.00 -7.81 -1.19
CA THR A 229 -25.52 -8.02 -2.56
C THR A 229 -24.29 -7.18 -2.82
N GLN A 230 -23.45 -7.63 -3.74
CA GLN A 230 -22.31 -6.86 -4.19
C GLN A 230 -22.74 -5.51 -4.74
N GLN A 231 -23.84 -5.49 -5.49
CA GLN A 231 -24.42 -4.25 -6.00
C GLN A 231 -24.72 -3.25 -4.86
N ASP A 232 -25.44 -3.69 -3.84
CA ASP A 232 -25.75 -2.85 -2.67
C ASP A 232 -24.50 -2.45 -1.87
N LEU A 233 -23.54 -3.37 -1.77
CA LEU A 233 -22.26 -3.06 -1.12
C LEU A 233 -21.58 -1.86 -1.76
N SER A 234 -21.46 -1.89 -3.08
CA SER A 234 -20.86 -0.82 -3.84
C SER A 234 -21.73 0.44 -3.83
N GLU A 235 -23.04 0.23 -3.96
CA GLU A 235 -23.99 1.31 -4.17
C GLU A 235 -24.33 2.09 -2.90
N TYR A 236 -24.51 1.39 -1.79
CA TYR A 236 -25.09 2.00 -0.58
C TYR A 236 -24.26 1.84 0.69
N TYR A 237 -23.62 0.69 0.87
CA TYR A 237 -22.95 0.40 2.13
C TYR A 237 -21.50 0.85 2.25
N THR A 238 -20.87 1.15 1.11
CA THR A 238 -19.44 1.53 1.08
C THR A 238 -19.02 2.86 0.41
N PRO A 239 -19.91 3.54 -0.34
CA PRO A 239 -19.42 4.73 -1.08
C PRO A 239 -18.82 5.84 -0.19
N GLN A 240 -19.36 6.00 1.02
CA GLN A 240 -18.83 6.95 2.00
C GLN A 240 -17.45 6.56 2.53
N PHE A 241 -17.15 5.26 2.47
CA PHE A 241 -15.83 4.76 2.90
C PHE A 241 -14.80 4.90 1.81
N LEU A 242 -15.22 4.73 0.57
CA LEU A 242 -14.42 5.13 -0.58
C LEU A 242 -14.05 6.62 -0.46
N ALA A 243 -15.05 7.46 -0.21
CA ALA A 243 -14.82 8.90 -0.03
C ALA A 243 -13.81 9.19 1.09
N ALA A 244 -13.94 8.48 2.21
CA ALA A 244 -13.05 8.68 3.37
C ALA A 244 -11.59 8.34 3.03
N ALA A 245 -11.38 7.19 2.40
CA ALA A 245 -10.03 6.71 2.10
C ALA A 245 -9.40 7.43 0.92
N ARG A 246 -10.16 7.60 -0.16
CA ARG A 246 -9.63 8.18 -1.40
C ARG A 246 -9.47 9.69 -1.31
N TYR A 247 -10.57 10.37 -1.00
CA TYR A 247 -10.63 11.83 -1.08
C TYR A 247 -10.10 12.49 0.21
N ALA A 248 -10.58 12.02 1.35
CA ALA A 248 -10.25 12.64 2.62
C ALA A 248 -8.93 12.12 3.16
N LYS A 249 -8.52 10.95 2.69
CA LYS A 249 -7.31 10.28 3.19
C LYS A 249 -7.33 10.14 4.72
N SER A 250 -8.45 9.66 5.24
CA SER A 250 -8.61 9.29 6.65
C SER A 250 -7.43 8.42 7.08
N ARG A 251 -6.83 8.72 8.23
CA ARG A 251 -5.66 7.97 8.71
C ARG A 251 -6.05 6.64 9.34
N SER A 252 -7.31 6.51 9.74
CA SER A 252 -7.78 5.31 10.37
C SER A 252 -9.20 4.98 9.93
N LEU A 253 -9.62 3.76 10.27
CA LEU A 253 -10.93 3.24 9.96
C LEU A 253 -11.29 2.23 11.06
N MET A 254 -12.56 2.17 11.43
CA MET A 254 -13.04 1.18 12.39
C MET A 254 -13.86 0.10 11.69
N CYS A 255 -13.47 -1.16 11.90
CA CYS A 255 -14.23 -2.28 11.39
C CYS A 255 -15.32 -2.67 12.36
N ALA A 256 -16.48 -3.01 11.79
CA ALA A 256 -17.71 -3.20 12.55
C ALA A 256 -17.84 -4.57 13.20
N TYR A 257 -18.70 -4.63 14.21
CA TYR A 257 -19.04 -5.86 14.92
C TYR A 257 -19.55 -6.97 14.03
N ASN A 258 -20.41 -6.60 13.07
CA ASN A 258 -21.17 -7.58 12.32
C ASN A 258 -20.36 -8.25 11.23
N SER A 259 -20.87 -9.39 10.75
CA SER A 259 -20.33 -10.05 9.58
C SER A 259 -21.05 -9.55 8.35
N VAL A 260 -20.40 -9.69 7.20
CA VAL A 260 -21.08 -9.45 5.93
C VAL A 260 -20.86 -10.67 5.06
N ASN A 261 -21.96 -11.29 4.66
CA ASN A 261 -21.91 -12.49 3.84
C ASN A 261 -21.01 -13.55 4.46
N GLY A 262 -21.14 -13.71 5.77
CA GLY A 262 -20.52 -14.81 6.49
C GLY A 262 -19.17 -14.47 7.05
N VAL A 263 -18.69 -13.25 6.81
CA VAL A 263 -17.33 -12.87 7.20
C VAL A 263 -17.37 -11.66 8.13
N PRO A 264 -16.86 -11.82 9.38
CA PRO A 264 -16.80 -10.67 10.29
C PRO A 264 -15.97 -9.55 9.67
N SER A 265 -16.46 -8.32 9.79
CA SER A 265 -15.80 -7.17 9.16
C SER A 265 -14.31 -7.08 9.50
N CYS A 266 -13.97 -7.33 10.77
CA CYS A 266 -12.60 -7.21 11.23
C CYS A 266 -11.69 -8.38 10.80
N ALA A 267 -12.29 -9.45 10.28
CA ALA A 267 -11.53 -10.57 9.73
C ALA A 267 -11.76 -10.65 8.23
N ASN A 268 -12.13 -9.52 7.63
CA ASN A 268 -12.55 -9.50 6.24
C ASN A 268 -11.48 -8.84 5.38
N SER A 269 -10.64 -9.67 4.76
CA SER A 269 -9.53 -9.13 3.94
C SER A 269 -10.02 -8.52 2.63
N PHE A 270 -11.17 -8.96 2.14
CA PHE A 270 -11.80 -8.31 0.99
C PHE A 270 -12.11 -6.83 1.34
N PHE A 271 -12.71 -6.63 2.51
CA PHE A 271 -12.94 -5.28 3.05
C PHE A 271 -11.64 -4.51 3.31
N LEU A 272 -10.79 -5.06 4.18
CA LEU A 272 -9.67 -4.30 4.76
C LEU A 272 -8.44 -4.17 3.88
N GLN A 273 -8.33 -5.02 2.87
CA GLN A 273 -7.20 -5.01 1.94
C GLN A 273 -7.63 -4.68 0.51
N THR A 274 -8.45 -5.55 -0.08
CA THR A 274 -8.83 -5.45 -1.51
C THR A 274 -9.57 -4.14 -1.81
N LEU A 275 -10.59 -3.84 -1.02
CA LEU A 275 -11.32 -2.59 -1.15
C LEU A 275 -10.56 -1.43 -0.55
N LEU A 276 -10.39 -1.44 0.76
CA LEU A 276 -9.87 -0.28 1.48
C LEU A 276 -8.51 0.20 0.94
N ARG A 277 -7.56 -0.71 0.80
CA ARG A 277 -6.21 -0.31 0.41
C ARG A 277 -5.99 -0.31 -1.12
N GLU A 278 -6.37 -1.40 -1.79
CA GLU A 278 -6.11 -1.56 -3.23
C GLU A 278 -7.06 -0.83 -4.18
N SER A 279 -8.31 -0.64 -3.77
CA SER A 279 -9.27 0.08 -4.62
C SER A 279 -9.40 1.55 -4.24
N TRP A 280 -9.28 1.88 -2.95
CA TRP A 280 -9.57 3.25 -2.51
C TRP A 280 -8.41 4.07 -2.00
N GLY A 281 -7.22 3.48 -1.94
CA GLY A 281 -6.01 4.23 -1.61
C GLY A 281 -5.92 4.74 -0.20
N PHE A 282 -6.47 3.97 0.76
CA PHE A 282 -6.26 4.21 2.19
C PHE A 282 -4.75 4.37 2.42
N PRO A 283 -4.32 5.38 3.20
CA PRO A 283 -2.87 5.58 3.41
C PRO A 283 -2.12 4.29 3.76
N GLU A 284 -0.94 4.15 3.17
CA GLU A 284 -0.03 3.02 3.40
C GLU A 284 0.13 2.73 4.89
N TRP A 285 0.47 3.77 5.66
CA TRP A 285 0.70 3.65 7.09
C TRP A 285 -0.49 4.15 7.92
N GLY A 286 -1.66 4.09 7.32
CA GLY A 286 -2.93 4.20 8.03
C GLY A 286 -3.10 2.94 8.86
N TYR A 287 -3.98 2.98 9.87
CA TYR A 287 -4.21 1.80 10.68
C TYR A 287 -5.70 1.56 10.91
N VAL A 288 -6.05 0.30 11.12
CA VAL A 288 -7.43 -0.06 11.36
C VAL A 288 -7.63 -0.45 12.81
N SER A 289 -8.68 0.10 13.43
CA SER A 289 -9.05 -0.31 14.78
C SER A 289 -10.34 -1.13 14.70
N SER A 290 -10.50 -2.11 15.57
CA SER A 290 -11.78 -2.80 15.69
C SER A 290 -12.76 -1.93 16.49
N ASP A 291 -14.05 -2.23 16.39
CA ASP A 291 -15.02 -1.71 17.36
C ASP A 291 -14.79 -2.46 18.70
N CYS A 292 -15.44 -2.00 19.76
CA CYS A 292 -15.15 -2.47 21.12
C CYS A 292 -16.18 -3.52 21.59
N ASP A 293 -15.87 -4.82 21.56
CA ASP A 293 -14.62 -5.40 21.06
C ASP A 293 -14.97 -6.37 19.92
N ALA A 294 -14.88 -5.89 18.68
CA ALA A 294 -15.30 -6.72 17.53
C ALA A 294 -14.39 -7.93 17.26
N VAL A 295 -13.13 -7.85 17.69
CA VAL A 295 -12.22 -9.00 17.58
C VAL A 295 -12.75 -10.20 18.40
N TYR A 296 -13.11 -9.94 19.66
CA TYR A 296 -13.73 -10.96 20.52
C TYR A 296 -14.93 -11.61 19.82
N ASN A 297 -15.80 -10.79 19.21
CA ASN A 297 -16.97 -11.31 18.50
C ASN A 297 -16.71 -12.18 17.26
N VAL A 298 -15.53 -12.08 16.67
CA VAL A 298 -15.10 -13.01 15.60
C VAL A 298 -15.22 -14.46 16.11
N PHE A 299 -14.89 -14.65 17.40
CA PHE A 299 -15.04 -15.93 18.11
C PHE A 299 -16.46 -16.07 18.67
N ASN A 300 -16.85 -15.13 19.54
CA ASN A 300 -18.11 -15.21 20.26
C ASN A 300 -18.95 -13.96 20.04
N PRO A 301 -20.08 -14.06 19.32
CA PRO A 301 -20.74 -15.29 18.88
C PRO A 301 -20.61 -15.71 17.40
N HIS A 302 -19.84 -14.99 16.58
CA HIS A 302 -19.76 -15.31 15.14
C HIS A 302 -19.21 -16.72 14.82
N ASP A 303 -18.32 -17.22 15.67
CA ASP A 303 -17.75 -18.56 15.52
C ASP A 303 -17.01 -18.69 14.19
N TYR A 304 -16.41 -17.59 13.73
CA TYR A 304 -15.60 -17.59 12.54
C TYR A 304 -14.20 -18.08 12.89
N ALA A 305 -13.89 -18.01 14.19
CA ALA A 305 -12.71 -18.64 14.79
C ALA A 305 -13.18 -19.37 16.06
N SER A 306 -12.43 -20.39 16.47
CA SER A 306 -12.85 -21.31 17.55
C SER A 306 -12.50 -20.88 18.98
N ASN A 307 -11.60 -19.91 19.10
CA ASN A 307 -11.14 -19.41 20.39
C ASN A 307 -10.66 -17.97 20.20
N GLN A 308 -10.18 -17.36 21.28
CA GLN A 308 -9.74 -15.96 21.25
C GLN A 308 -8.39 -15.77 20.54
N SER A 309 -7.49 -16.73 20.71
CA SER A 309 -6.17 -16.71 20.07
CA SER A 309 -6.18 -16.67 20.06
C SER A 309 -6.32 -16.71 18.55
N SER A 310 -7.23 -17.53 18.05
CA SER A 310 -7.47 -17.66 16.64
C SER A 310 -8.23 -16.44 16.09
N ALA A 311 -9.17 -15.92 16.87
CA ALA A 311 -9.92 -14.70 16.51
C ALA A 311 -8.95 -13.54 16.37
N ALA A 312 -8.05 -13.39 17.34
CA ALA A 312 -6.96 -12.41 17.28
C ALA A 312 -6.13 -12.54 16.00
N ALA A 313 -5.68 -13.76 15.71
CA ALA A 313 -4.79 -14.03 14.57
C ALA A 313 -5.48 -13.75 13.25
N SER A 314 -6.74 -14.19 13.13
CA SER A 314 -7.53 -13.95 11.92
C SER A 314 -7.76 -12.46 11.64
N SER A 315 -8.09 -11.70 12.68
CA SER A 315 -8.33 -10.27 12.54
C SER A 315 -7.05 -9.52 12.18
N LEU A 316 -5.96 -9.87 12.86
CA LEU A 316 -4.66 -9.24 12.60
C LEU A 316 -4.23 -9.45 11.17
N ARG A 317 -4.32 -10.69 10.71
CA ARG A 317 -3.92 -11.04 9.35
C ARG A 317 -4.84 -10.46 8.27
N ALA A 318 -6.12 -10.26 8.59
CA ALA A 318 -7.07 -9.68 7.66
C ALA A 318 -6.86 -8.18 7.44
N GLY A 319 -6.33 -7.51 8.47
CA GLY A 319 -5.98 -6.10 8.36
C GLY A 319 -6.35 -5.20 9.51
N THR A 320 -6.77 -5.80 10.63
CA THR A 320 -7.13 -5.04 11.83
C THR A 320 -5.89 -4.88 12.68
N ASP A 321 -5.48 -3.62 12.87
CA ASP A 321 -4.22 -3.34 13.55
C ASP A 321 -4.36 -3.20 15.04
N ILE A 322 -5.43 -2.54 15.48
CA ILE A 322 -5.62 -2.20 16.89
C ILE A 322 -6.95 -2.76 17.39
N ASP A 323 -6.90 -3.41 18.55
CA ASP A 323 -8.11 -3.98 19.14
C ASP A 323 -8.64 -3.03 20.21
N CYS A 324 -9.84 -2.50 19.99
CA CYS A 324 -10.57 -1.88 21.09
C CYS A 324 -11.08 -3.02 21.97
N GLY A 325 -10.26 -3.44 22.92
CA GLY A 325 -10.59 -4.58 23.78
C GLY A 325 -9.35 -5.34 24.22
N GLN A 326 -9.57 -6.50 24.82
CA GLN A 326 -8.49 -7.27 25.42
C GLN A 326 -8.11 -8.57 24.67
N THR A 327 -8.77 -8.85 23.54
CA THR A 327 -8.48 -10.09 22.80
C THR A 327 -7.06 -10.11 22.20
N TYR A 328 -6.61 -8.99 21.62
CA TYR A 328 -5.24 -8.88 21.13
C TYR A 328 -4.22 -8.97 22.27
N PRO A 329 -4.28 -8.03 23.25
CA PRO A 329 -3.20 -8.00 24.24
C PRO A 329 -3.14 -9.23 25.15
N TRP A 330 -4.25 -9.94 25.33
CA TRP A 330 -4.23 -11.11 26.22
C TRP A 330 -4.24 -12.46 25.49
N HIS A 331 -4.30 -12.44 24.16
CA HIS A 331 -4.35 -13.72 23.42
C HIS A 331 -3.40 -13.85 22.21
N LEU A 332 -2.89 -12.72 21.69
CA LEU A 332 -1.90 -12.77 20.58
C LEU A 332 -0.59 -13.46 20.99
N ASN A 333 -0.31 -13.48 22.29
CA ASN A 333 0.80 -14.28 22.81
C ASN A 333 0.57 -15.77 22.56
N GLU A 334 -0.67 -16.21 22.71
CA GLU A 334 -1.05 -17.59 22.36
C GLU A 334 -0.98 -17.83 20.85
N SER A 335 -1.44 -16.84 20.07
CA SER A 335 -1.37 -16.92 18.61
C SER A 335 0.05 -17.14 18.15
N PHE A 336 0.99 -16.40 18.75
CA PHE A 336 2.41 -16.54 18.46
C PHE A 336 2.94 -17.92 18.85
N VAL A 337 2.62 -18.37 20.06
CA VAL A 337 2.99 -19.71 20.52
C VAL A 337 2.48 -20.78 19.53
N ALA A 338 1.24 -20.64 19.08
CA ALA A 338 0.63 -21.60 18.16
C ALA A 338 1.12 -21.44 16.72
N GLY A 339 1.97 -20.45 16.48
CA GLY A 339 2.47 -20.17 15.13
C GLY A 339 1.43 -19.55 14.20
N GLU A 340 0.37 -18.99 14.76
CA GLU A 340 -0.72 -18.40 13.93
C GLU A 340 -0.35 -17.02 13.37
N VAL A 341 0.51 -16.32 14.10
CA VAL A 341 1.02 -15.03 13.65
C VAL A 341 2.54 -15.01 13.80
N SER A 342 3.20 -14.18 12.99
CA SER A 342 4.62 -13.89 13.13
C SER A 342 4.81 -12.59 13.92
N ARG A 343 6.01 -12.36 14.44
CA ARG A 343 6.35 -11.06 15.03
C ARG A 343 6.26 -9.94 13.98
N GLY A 344 6.56 -10.28 12.73
CA GLY A 344 6.41 -9.33 11.62
C GLY A 344 5.02 -8.73 11.52
N GLU A 345 3.99 -9.56 11.57
CA GLU A 345 2.61 -9.10 11.47
C GLU A 345 2.24 -8.18 12.64
N ILE A 346 2.70 -8.53 13.85
CA ILE A 346 2.43 -7.74 15.06
C ILE A 346 3.16 -6.40 15.03
N GLU A 347 4.43 -6.43 14.65
CA GLU A 347 5.22 -5.20 14.51
C GLU A 347 4.65 -4.21 13.48
N ARG A 348 4.08 -4.74 12.40
CA ARG A 348 3.51 -3.90 11.36
C ARG A 348 2.36 -3.07 11.89
N SER A 349 1.48 -3.72 12.64
CA SER A 349 0.35 -3.05 13.27
C SER A 349 0.76 -1.95 14.25
N VAL A 350 1.72 -2.24 15.13
CA VAL A 350 2.17 -1.25 16.10
C VAL A 350 2.95 -0.13 15.42
N THR A 351 3.69 -0.49 14.37
CA THR A 351 4.45 0.48 13.58
C THR A 351 3.49 1.46 12.89
N ARG A 352 2.37 0.96 12.39
CA ARG A 352 1.34 1.80 11.76
C ARG A 352 0.79 2.85 12.72
N LEU A 353 0.41 2.41 13.93
CA LEU A 353 -0.05 3.32 14.96
C LEU A 353 1.00 4.39 15.29
N TYR A 354 2.23 3.96 15.54
CA TYR A 354 3.26 4.94 15.89
C TYR A 354 3.70 5.83 14.73
N ALA A 355 3.62 5.34 13.49
CA ALA A 355 3.90 6.19 12.33
C ALA A 355 2.94 7.39 12.32
N ASN A 356 1.68 7.15 12.66
CA ASN A 356 0.69 8.21 12.73
C ASN A 356 0.97 9.14 13.92
N LEU A 357 1.34 8.56 15.07
CA LEU A 357 1.71 9.37 16.23
C LEU A 357 2.88 10.32 15.91
N VAL A 358 3.87 9.82 15.16
CA VAL A 358 5.01 10.63 14.73
C VAL A 358 4.49 11.81 13.89
N ARG A 359 3.67 11.49 12.89
CA ARG A 359 3.01 12.50 12.02
C ARG A 359 2.21 13.52 12.82
N LEU A 360 1.63 13.06 13.93
CA LEU A 360 0.80 13.89 14.79
C LEU A 360 1.61 14.77 15.74
N GLY A 361 2.94 14.62 15.70
CA GLY A 361 3.83 15.43 16.54
C GLY A 361 4.04 14.94 17.96
N TYR A 362 3.73 13.66 18.19
CA TYR A 362 3.86 13.00 19.50
C TYR A 362 5.28 13.09 20.10
N PHE A 363 6.29 13.14 19.24
CA PHE A 363 7.69 13.14 19.65
C PHE A 363 8.39 14.49 19.43
N ASP A 364 7.63 15.49 18.98
CA ASP A 364 8.19 16.79 18.57
C ASP A 364 7.54 17.95 19.32
N LYS A 365 8.21 18.42 20.37
CA LYS A 365 7.63 19.46 21.22
C LYS A 365 7.38 20.78 20.49
N LYS A 366 8.18 21.05 19.45
CA LYS A 366 8.05 22.27 18.65
C LYS A 366 6.93 22.19 17.60
N ASN A 367 6.29 21.04 17.46
CA ASN A 367 5.17 20.87 16.53
C ASN A 367 4.09 21.96 16.72
N GLN A 368 3.61 22.52 15.61
CA GLN A 368 2.63 23.62 15.62
C GLN A 368 1.45 23.41 16.58
N TYR A 369 0.94 22.19 16.65
CA TYR A 369 -0.26 21.90 17.43
C TYR A 369 0.00 21.60 18.90
N ARG A 370 1.28 21.48 19.27
CA ARG A 370 1.67 21.16 20.66
C ARG A 370 1.52 22.35 21.60
N SER A 371 1.12 23.50 21.04
CA SER A 371 1.00 24.72 21.85
CA SER A 371 1.02 24.76 21.79
C SER A 371 -0.43 25.20 22.07
N LEU A 372 -1.40 24.45 21.57
CA LEU A 372 -2.81 24.75 21.84
C LEU A 372 -3.13 24.41 23.30
N GLY A 373 -3.90 25.29 23.97
CA GLY A 373 -4.21 25.11 25.39
C GLY A 373 -5.63 25.53 25.72
N TRP A 374 -5.93 25.67 27.02
CA TRP A 374 -7.30 25.91 27.46
C TRP A 374 -7.95 27.17 26.86
N LYS A 375 -7.17 28.22 26.69
CA LYS A 375 -7.68 29.47 26.10
C LYS A 375 -8.16 29.28 24.66
N ASP A 376 -7.60 28.29 23.97
CA ASP A 376 -8.04 27.96 22.63
C ASP A 376 -9.38 27.23 22.65
N VAL A 377 -9.65 26.47 23.72
CA VAL A 377 -10.97 25.87 23.92
C VAL A 377 -11.98 26.99 24.16
N VAL A 378 -11.66 27.86 25.12
CA VAL A 378 -12.50 29.01 25.48
C VAL A 378 -12.86 29.83 24.24
N LYS A 379 -11.84 30.19 23.46
CA LYS A 379 -12.01 31.04 22.26
C LYS A 379 -12.86 30.41 21.14
N THR A 380 -12.57 29.15 20.79
CA THR A 380 -13.34 28.45 19.76
C THR A 380 -14.79 28.19 20.20
N ASP A 381 -14.99 27.86 21.48
CA ASP A 381 -16.34 27.71 22.01
C ASP A 381 -17.12 29.04 21.92
N ALA A 382 -16.44 30.15 22.21
CA ALA A 382 -17.06 31.47 22.21
C ALA A 382 -17.48 31.94 20.81
N TRP A 383 -16.94 31.30 19.76
CA TRP A 383 -17.41 31.56 18.40
C TRP A 383 -18.89 31.20 18.22
N ASN A 384 -19.39 30.32 19.08
CA ASN A 384 -20.78 29.87 19.07
C ASN A 384 -21.19 29.23 17.75
N ILE A 385 -20.31 28.39 17.22
CA ILE A 385 -20.62 27.63 16.01
C ILE A 385 -21.58 26.48 16.33
N SER A 386 -21.66 26.09 17.60
CA SER A 386 -22.62 25.08 18.03
C SER A 386 -24.04 25.63 17.90
N TYR A 387 -24.21 26.86 18.38
CA TYR A 387 -25.46 27.60 18.20
C TYR A 387 -25.77 27.75 16.72
N GLU A 388 -24.77 28.17 15.94
CA GLU A 388 -24.93 28.40 14.52
C GLU A 388 -25.35 27.15 13.74
N ALA A 389 -24.71 26.01 14.02
CA ALA A 389 -25.12 24.74 13.41
C ALA A 389 -26.60 24.41 13.69
N ALA A 390 -27.01 24.57 14.94
CA ALA A 390 -28.41 24.31 15.34
C ALA A 390 -29.39 25.22 14.59
N VAL A 391 -29.07 26.52 14.52
CA VAL A 391 -29.89 27.51 13.83
C VAL A 391 -30.02 27.24 12.33
N GLU A 392 -28.95 26.77 11.71
CA GLU A 392 -28.98 26.49 10.27
C GLU A 392 -29.71 25.17 9.94
N GLY A 393 -29.83 24.28 10.92
CA GLY A 393 -30.26 22.90 10.68
C GLY A 393 -31.72 22.60 10.96
N ILE A 394 -32.28 23.29 11.95
CA ILE A 394 -33.68 23.14 12.32
C ILE A 394 -34.58 23.14 11.07
N VAL A 395 -35.51 22.19 11.02
CA VAL A 395 -36.36 22.02 9.84
C VAL A 395 -37.80 22.45 10.11
N LEU A 396 -38.28 23.42 9.33
CA LEU A 396 -39.69 23.81 9.35
C LEU A 396 -40.45 22.92 8.38
N LEU A 397 -41.33 22.07 8.91
CA LEU A 397 -42.05 21.08 8.10
C LEU A 397 -43.45 21.55 7.68
N LYS A 398 -44.13 22.22 8.58
CA LYS A 398 -45.48 22.74 8.35
C LYS A 398 -45.61 24.13 8.99
N ASN A 399 -46.32 25.02 8.29
CA ASN A 399 -46.56 26.38 8.79
C ASN A 399 -47.59 27.13 7.94
N ASP A 400 -48.56 27.74 8.63
CA ASP A 400 -49.58 28.58 7.97
C ASP A 400 -49.31 30.08 8.20
N GLY A 401 -48.09 30.41 8.60
CA GLY A 401 -47.73 31.80 8.91
C GLY A 401 -47.74 32.11 10.39
N THR A 402 -48.21 31.16 11.20
CA THR A 402 -48.18 31.26 12.67
C THR A 402 -46.74 31.48 13.18
N LEU A 403 -45.77 30.88 12.49
CA LEU A 403 -44.36 31.19 12.72
C LEU A 403 -43.86 32.07 11.58
N PRO A 404 -43.01 33.07 11.88
CA PRO A 404 -42.52 33.42 13.22
C PRO A 404 -43.61 34.05 14.08
N LEU A 405 -43.53 33.81 15.39
CA LEU A 405 -44.52 34.31 16.34
C LEU A 405 -44.65 35.83 16.20
N SER A 406 -45.87 36.31 15.98
CA SER A 406 -46.12 37.73 15.76
C SER A 406 -45.85 38.54 17.03
N LYS A 407 -45.62 39.84 16.86
CA LYS A 407 -45.36 40.73 17.99
C LYS A 407 -46.50 40.70 19.03
N LYS A 408 -47.70 40.31 18.60
CA LYS A 408 -48.86 40.21 19.48
C LYS A 408 -48.73 39.11 20.53
N VAL A 409 -47.93 38.09 20.23
CA VAL A 409 -47.69 36.97 21.16
C VAL A 409 -46.80 37.42 22.31
N ARG A 410 -47.36 37.42 23.52
CA ARG A 410 -46.66 37.92 24.70
C ARG A 410 -46.49 36.85 25.77
N SER A 411 -47.53 36.03 25.94
CA SER A 411 -47.42 34.88 26.82
C SER A 411 -47.50 33.60 25.99
N ILE A 412 -46.75 32.59 26.42
CA ILE A 412 -46.77 31.27 25.76
C ILE A 412 -46.99 30.17 26.79
N ALA A 413 -47.74 29.15 26.37
CA ALA A 413 -47.81 27.92 27.12
C ALA A 413 -46.71 27.00 26.58
N LEU A 414 -45.73 26.70 27.44
CA LEU A 414 -44.59 25.87 27.06
C LEU A 414 -44.82 24.47 27.58
N ILE A 415 -45.14 23.56 26.67
CA ILE A 415 -45.58 22.21 27.05
C ILE A 415 -44.67 21.13 26.48
N GLY A 416 -44.50 20.04 27.22
CA GLY A 416 -43.87 18.85 26.68
C GLY A 416 -42.64 18.36 27.40
N PRO A 417 -42.28 17.08 27.18
CA PRO A 417 -41.13 16.45 27.84
C PRO A 417 -39.78 16.95 27.30
N TRP A 418 -39.80 17.81 26.28
CA TRP A 418 -38.60 18.47 25.76
C TRP A 418 -38.54 19.99 26.09
N ALA A 419 -39.56 20.51 26.78
CA ALA A 419 -39.66 21.95 27.06
C ALA A 419 -38.53 22.50 27.96
N ASN A 420 -38.16 21.71 28.98
CA ASN A 420 -37.05 22.07 29.86
C ASN A 420 -35.78 21.24 29.55
N ALA A 421 -35.60 20.86 28.29
CA ALA A 421 -34.49 19.98 27.90
C ALA A 421 -33.13 20.63 28.14
N THR A 422 -32.24 19.89 28.81
CA THR A 422 -30.84 20.30 28.91
C THR A 422 -29.94 19.20 28.33
N THR A 423 -29.71 18.14 29.10
CA THR A 423 -28.88 17.02 28.63
C THR A 423 -29.52 16.27 27.46
N GLN A 424 -30.85 16.24 27.40
CA GLN A 424 -31.56 15.72 26.23
C GLN A 424 -31.04 16.33 24.94
N MET A 425 -30.68 17.61 24.97
CA MET A 425 -30.24 18.32 23.77
C MET A 425 -28.87 17.84 23.26
N GLN A 426 -28.12 17.15 24.12
CA GLN A 426 -26.77 16.70 23.81
C GLN A 426 -26.72 15.34 23.10
N GLY A 427 -27.86 14.65 23.04
CA GLY A 427 -27.93 13.33 22.40
C GLY A 427 -27.12 12.22 23.06
N ASN A 428 -26.07 11.77 22.39
CA ASN A 428 -25.19 10.76 22.96
C ASN A 428 -23.70 11.06 22.71
N TYR A 429 -22.81 10.22 23.24
CA TYR A 429 -21.36 10.45 23.13
C TYR A 429 -20.99 11.91 23.38
N TYR A 430 -21.46 12.46 24.50
CA TYR A 430 -21.18 13.85 24.85
C TYR A 430 -20.42 13.96 26.16
N GLY A 431 -19.54 14.96 26.23
CA GLY A 431 -18.90 15.32 27.47
C GLY A 431 -19.62 16.48 28.12
N PRO A 432 -19.14 16.94 29.28
CA PRO A 432 -19.71 18.13 29.92
C PRO A 432 -19.66 19.33 28.98
N ALA A 433 -20.75 20.10 28.95
CA ALA A 433 -20.85 21.32 28.15
C ALA A 433 -20.55 22.54 29.04
N PRO A 434 -20.17 23.69 28.44
CA PRO A 434 -19.90 24.86 29.27
C PRO A 434 -21.16 25.35 29.99
N TYR A 435 -22.31 25.06 29.39
CA TYR A 435 -23.65 25.44 29.84
C TYR A 435 -24.63 24.69 28.95
N LEU A 436 -25.88 24.58 29.40
CA LEU A 436 -26.95 24.03 28.57
C LEU A 436 -28.17 24.95 28.65
N ILE A 437 -28.49 25.62 27.55
CA ILE A 437 -29.60 26.58 27.53
C ILE A 437 -30.90 25.91 27.07
N SER A 438 -31.74 25.55 28.04
CA SER A 438 -33.04 24.92 27.76
C SER A 438 -33.95 25.81 26.92
N PRO A 439 -34.98 25.22 26.28
CA PRO A 439 -36.01 26.01 25.62
C PRO A 439 -36.75 26.92 26.60
N LEU A 440 -37.03 26.40 27.81
CA LEU A 440 -37.64 27.19 28.89
C LEU A 440 -36.83 28.46 29.21
N GLU A 441 -35.56 28.31 29.52
CA GLU A 441 -34.70 29.46 29.83
C GLU A 441 -34.59 30.42 28.65
N ALA A 442 -34.53 29.87 27.44
CA ALA A 442 -34.36 30.70 26.25
C ALA A 442 -35.63 31.47 25.95
N ALA A 443 -36.77 30.89 26.33
CA ALA A 443 -38.07 31.52 26.14
C ALA A 443 -38.20 32.73 27.06
N LYS A 444 -37.85 32.54 28.33
CA LYS A 444 -37.81 33.62 29.32
C LYS A 444 -36.87 34.73 28.88
N LYS A 445 -35.66 34.36 28.49
CA LYS A 445 -34.65 35.32 28.01
C LYS A 445 -35.04 36.06 26.74
N ALA A 446 -36.00 35.50 25.99
CA ALA A 446 -36.49 36.15 24.78
C ALA A 446 -37.50 37.24 25.13
N GLY A 447 -38.07 37.17 26.33
CA GLY A 447 -38.97 38.19 26.84
C GLY A 447 -40.45 37.82 26.78
N TYR A 448 -40.73 36.52 26.77
CA TYR A 448 -42.10 36.02 26.82
C TYR A 448 -42.47 35.70 28.27
N HIS A 449 -43.76 35.85 28.60
CA HIS A 449 -44.26 35.31 29.85
CA HIS A 449 -44.29 35.32 29.85
C HIS A 449 -44.52 33.83 29.62
N VAL A 450 -43.94 32.99 30.46
CA VAL A 450 -43.93 31.55 30.19
C VAL A 450 -44.71 30.75 31.21
N ASN A 451 -45.76 30.08 30.73
CA ASN A 451 -46.50 29.13 31.54
C ASN A 451 -46.05 27.71 31.20
N PHE A 452 -45.09 27.21 31.98
CA PHE A 452 -44.47 25.92 31.74
C PHE A 452 -45.24 24.78 32.43
N GLU A 453 -45.59 23.78 31.64
CA GLU A 453 -46.15 22.54 32.16
C GLU A 453 -45.52 21.37 31.41
N LEU A 454 -45.11 20.34 32.16
CA LEU A 454 -44.57 19.12 31.57
C LEU A 454 -45.60 18.48 30.66
N GLY A 455 -46.84 18.38 31.16
CA GLY A 455 -47.95 17.82 30.37
C GLY A 455 -47.93 16.31 30.43
N THR A 456 -46.88 15.70 29.88
CA THR A 456 -46.65 14.26 29.96
C THR A 456 -45.20 13.86 29.68
N GLU A 457 -44.81 12.67 30.14
CA GLU A 457 -43.48 12.12 29.90
C GLU A 457 -43.29 11.77 28.42
N ILE A 458 -42.05 11.44 28.06
CA ILE A 458 -41.75 10.98 26.70
C ILE A 458 -42.55 9.70 26.39
N ALA A 459 -42.50 8.73 27.29
CA ALA A 459 -43.08 7.42 27.04
C ALA A 459 -44.14 6.96 28.05
N GLY A 460 -44.79 7.91 28.71
CA GLY A 460 -45.80 7.55 29.71
C GLY A 460 -47.16 7.13 29.16
N ASN A 461 -47.94 6.43 29.99
CA ASN A 461 -49.37 6.26 29.77
C ASN A 461 -50.18 6.95 30.88
N SER A 462 -49.52 7.89 31.56
CA SER A 462 -50.17 8.72 32.58
C SER A 462 -50.72 10.00 31.97
N THR A 463 -51.93 10.36 32.38
CA THR A 463 -52.59 11.58 31.88
C THR A 463 -52.73 12.66 32.96
N THR A 464 -52.24 12.36 34.16
CA THR A 464 -52.40 13.25 35.31
C THR A 464 -51.77 14.66 35.13
N GLY A 465 -51.06 14.86 34.04
CA GLY A 465 -50.45 16.16 33.74
C GLY A 465 -51.18 16.93 32.66
N PHE A 466 -52.18 16.28 32.05
CA PHE A 466 -52.95 16.86 30.95
C PHE A 466 -53.69 18.13 31.39
N ALA A 467 -54.44 18.03 32.48
CA ALA A 467 -55.31 19.11 32.95
C ALA A 467 -54.58 20.45 33.10
N LYS A 468 -53.49 20.44 33.85
CA LYS A 468 -52.65 21.63 34.08
C LYS A 468 -52.11 22.21 32.79
N ALA A 469 -51.73 21.33 31.86
CA ALA A 469 -51.21 21.73 30.55
C ALA A 469 -52.27 22.45 29.73
N ILE A 470 -53.47 21.86 29.64
CA ILE A 470 -54.62 22.49 29.00
C ILE A 470 -54.95 23.82 29.68
N ALA A 471 -54.95 23.80 31.03
CA ALA A 471 -55.15 25.01 31.84
C ALA A 471 -54.15 26.11 31.49
N ALA A 472 -52.87 25.76 31.43
CA ALA A 472 -51.83 26.72 31.06
C ALA A 472 -52.03 27.23 29.63
N ALA A 473 -52.51 26.35 28.75
CA ALA A 473 -52.81 26.70 27.36
C ALA A 473 -53.98 27.69 27.22
N LYS A 474 -55.05 27.42 27.96
CA LYS A 474 -56.26 28.25 27.90
C LYS A 474 -56.01 29.69 28.34
N LYS A 475 -54.96 29.91 29.14
CA LYS A 475 -54.62 31.24 29.63
C LYS A 475 -53.30 31.80 29.04
N SER A 476 -53.01 31.42 27.80
CA SER A 476 -51.80 31.84 27.07
C SER A 476 -52.15 32.24 25.64
N ASP A 477 -51.34 33.10 25.03
CA ASP A 477 -51.56 33.57 23.66
C ASP A 477 -51.24 32.54 22.56
N ALA A 478 -50.22 31.70 22.79
CA ALA A 478 -49.86 30.61 21.87
C ALA A 478 -49.32 29.40 22.62
N ILE A 479 -49.51 28.22 22.02
CA ILE A 479 -48.98 26.98 22.61
C ILE A 479 -47.74 26.53 21.83
N ILE A 480 -46.65 26.32 22.56
CA ILE A 480 -45.46 25.69 21.97
C ILE A 480 -45.26 24.37 22.67
N TYR A 481 -45.53 23.29 21.94
CA TYR A 481 -45.29 21.94 22.45
C TYR A 481 -43.94 21.44 21.94
N LEU A 482 -43.12 20.96 22.86
CA LEU A 482 -41.83 20.35 22.51
C LEU A 482 -41.81 18.94 23.06
N GLY A 483 -41.79 17.96 22.16
CA GLY A 483 -41.74 16.56 22.54
C GLY A 483 -41.00 15.74 21.52
N GLY A 484 -41.42 14.49 21.35
CA GLY A 484 -40.83 13.57 20.38
C GLY A 484 -40.08 12.43 21.05
N ILE A 485 -38.86 12.18 20.57
CA ILE A 485 -38.03 11.11 21.14
C ILE A 485 -36.73 11.65 21.73
N ASP A 486 -36.13 10.86 22.62
CA ASP A 486 -34.78 11.14 23.11
C ASP A 486 -33.98 9.84 23.30
N ASN A 487 -32.86 9.92 24.02
CA ASN A 487 -32.01 8.74 24.22
C ASN A 487 -32.55 7.70 25.22
N THR A 488 -33.69 7.98 25.84
CA THR A 488 -34.41 6.92 26.57
C THR A 488 -35.15 6.02 25.57
N ILE A 489 -35.41 6.57 24.39
CA ILE A 489 -36.13 5.89 23.30
C ILE A 489 -35.20 5.29 22.21
N GLU A 490 -34.26 6.09 21.72
CA GLU A 490 -33.26 5.65 20.74
C GLU A 490 -31.86 5.78 21.34
N GLN A 491 -31.12 4.68 21.34
CA GLN A 491 -29.79 4.70 21.92
C GLN A 491 -28.91 3.60 21.32
N GLU A 492 -27.59 3.78 21.47
CA GLU A 492 -26.61 2.75 21.20
C GLU A 492 -26.96 1.53 22.05
N GLY A 493 -26.99 0.35 21.43
CA GLY A 493 -27.28 -0.88 22.16
C GLY A 493 -28.74 -1.31 22.17
N ALA A 494 -29.64 -0.39 21.78
CA ALA A 494 -31.09 -0.68 21.73
C ALA A 494 -31.82 0.16 20.68
N ASP A 495 -32.29 -0.50 19.63
CA ASP A 495 -33.10 0.15 18.59
C ASP A 495 -34.50 0.42 19.12
N ARG A 496 -35.22 1.32 18.45
CA ARG A 496 -36.65 1.46 18.65
C ARG A 496 -37.33 0.19 18.14
N THR A 497 -38.52 -0.10 18.67
CA THR A 497 -39.31 -1.19 18.14
C THR A 497 -40.38 -0.65 17.21
N ASP A 498 -40.59 0.67 17.26
CA ASP A 498 -41.52 1.34 16.35
C ASP A 498 -41.12 2.79 16.07
N ILE A 499 -41.79 3.40 15.10
CA ILE A 499 -41.46 4.76 14.67
C ILE A 499 -42.66 5.72 14.78
N ALA A 500 -43.57 5.39 15.70
CA ALA A 500 -44.65 6.29 16.09
C ALA A 500 -44.18 7.16 17.25
N TRP A 501 -44.84 8.29 17.46
CA TRP A 501 -44.63 9.09 18.67
C TRP A 501 -44.78 8.19 19.88
N PRO A 502 -43.89 8.33 20.87
CA PRO A 502 -44.00 7.43 22.01
C PRO A 502 -45.08 7.88 23.01
N GLY A 503 -45.40 7.01 23.96
CA GLY A 503 -46.35 7.32 25.03
C GLY A 503 -47.69 7.87 24.54
N ASN A 504 -48.25 8.77 25.34
CA ASN A 504 -49.53 9.40 25.00
C ASN A 504 -49.38 10.86 24.57
N GLN A 505 -48.24 11.18 23.95
CA GLN A 505 -47.93 12.57 23.55
C GLN A 505 -48.87 13.14 22.49
N LEU A 506 -49.28 12.30 21.54
CA LEU A 506 -50.17 12.73 20.46
C LEU A 506 -51.58 13.05 20.96
N ASP A 507 -52.06 12.32 21.97
CA ASP A 507 -53.33 12.62 22.62
C ASP A 507 -53.30 14.02 23.22
N LEU A 508 -52.27 14.29 24.03
CA LEU A 508 -52.06 15.62 24.63
C LEU A 508 -52.01 16.74 23.60
N ILE A 509 -51.36 16.50 22.46
CA ILE A 509 -51.28 17.49 21.37
C ILE A 509 -52.66 17.71 20.73
N LYS A 510 -53.42 16.64 20.58
CA LYS A 510 -54.78 16.73 20.04
C LYS A 510 -55.66 17.60 20.94
N GLN A 511 -55.66 17.29 22.24
CA GLN A 511 -56.43 18.06 23.23
C GLN A 511 -55.98 19.53 23.30
N LEU A 512 -54.69 19.76 23.04
CA LEU A 512 -54.13 21.12 22.97
C LEU A 512 -54.56 21.87 21.70
N SER A 513 -54.80 21.13 20.62
CA SER A 513 -55.21 21.73 19.35
C SER A 513 -56.68 22.15 19.39
N GLU A 514 -57.41 21.58 20.36
CA GLU A 514 -58.84 21.88 20.52
C GLU A 514 -59.09 22.91 21.63
N VAL A 515 -58.04 23.63 22.02
CA VAL A 515 -58.15 24.69 23.01
C VAL A 515 -58.63 26.00 22.37
N GLY A 516 -58.26 26.23 21.10
CA GLY A 516 -58.67 27.42 20.37
C GLY A 516 -57.54 28.35 20.02
N LYS A 517 -56.39 28.14 20.68
CA LYS A 517 -55.22 28.99 20.52
C LYS A 517 -54.26 28.46 19.45
N PRO A 518 -53.41 29.36 18.87
CA PRO A 518 -52.38 28.91 17.94
C PRO A 518 -51.46 27.84 18.57
N LEU A 519 -51.07 26.86 17.75
CA LEU A 519 -50.34 25.71 18.25
C LEU A 519 -49.11 25.39 17.39
N VAL A 520 -47.94 25.48 18.02
CA VAL A 520 -46.67 25.10 17.39
C VAL A 520 -46.13 23.85 18.08
N VAL A 521 -45.80 22.84 17.28
CA VAL A 521 -45.26 21.59 17.78
C VAL A 521 -43.81 21.42 17.30
N LEU A 522 -42.92 21.17 18.26
CA LEU A 522 -41.55 20.83 17.94
C LEU A 522 -41.35 19.35 18.17
N GLN A 523 -41.05 18.65 17.07
CA GLN A 523 -40.78 17.23 17.09
C GLN A 523 -39.26 17.06 17.20
N MET A 524 -38.80 16.58 18.35
CA MET A 524 -37.36 16.47 18.62
C MET A 524 -36.85 15.04 18.47
N GLY A 525 -35.52 14.88 18.48
CA GLY A 525 -34.90 13.57 18.35
C GLY A 525 -34.23 13.40 17.01
N GLY A 526 -33.50 12.29 16.83
CA GLY A 526 -32.71 12.04 15.63
C GLY A 526 -33.49 11.31 14.56
N GLY A 527 -33.94 10.11 14.89
CA GLY A 527 -34.88 9.40 14.04
C GLY A 527 -36.19 10.18 13.96
N GLN A 528 -37.01 9.83 12.98
CA GLN A 528 -38.30 10.48 12.79
C GLN A 528 -39.40 9.73 13.52
N VAL A 529 -40.48 10.45 13.83
CA VAL A 529 -41.72 9.82 14.31
C VAL A 529 -42.86 10.18 13.36
N ASP A 530 -43.85 9.30 13.26
CA ASP A 530 -44.97 9.49 12.32
C ASP A 530 -45.87 10.64 12.78
N SER A 531 -45.77 11.77 12.09
CA SER A 531 -46.53 12.96 12.42
C SER A 531 -47.66 13.25 11.42
N SER A 532 -48.25 12.18 10.88
CA SER A 532 -49.37 12.31 9.93
C SER A 532 -50.61 12.96 10.57
N SER A 533 -50.90 12.59 11.82
CA SER A 533 -52.02 13.16 12.57
C SER A 533 -51.84 14.67 12.81
N LEU A 534 -50.59 15.11 12.92
CA LEU A 534 -50.29 16.54 13.03
C LEU A 534 -50.35 17.22 11.65
N LYS A 535 -49.90 16.51 10.62
CA LYS A 535 -49.95 17.02 9.25
C LYS A 535 -51.38 17.26 8.79
N SER A 536 -52.28 16.37 9.19
CA SER A 536 -53.68 16.42 8.76
C SER A 536 -54.59 17.23 9.70
N ASN A 537 -54.10 17.53 10.91
CA ASN A 537 -54.84 18.36 11.87
C ASN A 537 -54.62 19.84 11.58
N LYS A 538 -55.64 20.47 11.01
CA LYS A 538 -55.62 21.90 10.66
C LYS A 538 -55.36 22.81 11.87
N LYS A 539 -55.70 22.32 13.05
CA LYS A 539 -55.53 23.09 14.29
C LYS A 539 -54.09 23.01 14.84
N VAL A 540 -53.25 22.21 14.18
CA VAL A 540 -51.81 22.24 14.41
C VAL A 540 -51.23 23.17 13.36
N ASN A 541 -50.91 24.39 13.78
CA ASN A 541 -50.52 25.46 12.88
C ASN A 541 -49.12 25.30 12.30
N SER A 542 -48.20 24.82 13.14
CA SER A 542 -46.79 24.76 12.77
C SER A 542 -46.14 23.50 13.31
N LEU A 543 -45.31 22.88 12.48
CA LEU A 543 -44.51 21.72 12.85
C LEU A 543 -43.05 21.94 12.51
N VAL A 544 -42.20 21.72 13.52
CA VAL A 544 -40.77 21.91 13.38
C VAL A 544 -40.06 20.63 13.82
N TRP A 545 -39.06 20.21 13.05
CA TRP A 545 -38.15 19.15 13.53
C TRP A 545 -36.87 19.80 14.04
N GLY A 546 -36.57 19.58 15.32
CA GLY A 546 -35.50 20.31 15.97
C GLY A 546 -34.30 19.47 16.33
N GLY A 547 -34.33 18.18 15.97
CA GLY A 547 -33.21 17.25 16.13
C GLY A 547 -32.67 17.16 17.56
N TYR A 548 -31.35 17.14 17.68
CA TYR A 548 -30.65 17.30 18.97
C TYR A 548 -29.79 18.55 18.83
N PRO A 549 -30.28 19.68 19.38
CA PRO A 549 -29.76 21.01 19.02
C PRO A 549 -28.48 21.47 19.73
N GLY A 550 -27.95 20.68 20.67
CA GLY A 550 -26.68 21.01 21.33
C GLY A 550 -26.79 22.02 22.48
N GLN A 551 -25.63 22.53 22.89
CA GLN A 551 -25.50 23.35 24.12
C GLN A 551 -26.32 24.65 24.12
N SER A 552 -26.43 25.31 22.96
CA SER A 552 -27.21 26.54 22.86
C SER A 552 -28.58 26.25 22.26
N GLY A 553 -29.10 25.04 22.52
CA GLY A 553 -30.27 24.50 21.85
C GLY A 553 -31.51 25.36 21.94
N GLY A 554 -31.89 25.70 23.19
CA GLY A 554 -33.03 26.55 23.46
C GLY A 554 -33.02 27.85 22.68
N VAL A 555 -31.85 28.50 22.64
CA VAL A 555 -31.71 29.79 21.98
C VAL A 555 -31.81 29.64 20.48
N ALA A 556 -31.28 28.54 19.94
CA ALA A 556 -31.35 28.30 18.51
C ALA A 556 -32.81 28.12 18.11
N LEU A 557 -33.52 27.31 18.88
CA LEU A 557 -34.93 27.03 18.61
C LEU A 557 -35.75 28.30 18.68
N PHE A 558 -35.63 29.01 19.81
CA PHE A 558 -36.44 30.21 20.04
C PHE A 558 -36.08 31.44 19.23
N ASP A 559 -34.85 31.49 18.71
CA ASP A 559 -34.50 32.47 17.68
C ASP A 559 -35.22 32.16 16.37
N ILE A 560 -35.43 30.87 16.11
CA ILE A 560 -36.18 30.44 14.93
C ILE A 560 -37.66 30.75 15.12
N LEU A 561 -38.21 30.34 16.27
CA LEU A 561 -39.62 30.53 16.58
C LEU A 561 -39.99 32.01 16.60
N SER A 562 -39.19 32.83 17.29
CA SER A 562 -39.42 34.28 17.35
C SER A 562 -39.08 35.00 16.04
N GLY A 563 -38.38 34.33 15.13
CA GLY A 563 -38.05 34.94 13.84
C GLY A 563 -36.77 35.78 13.80
N LYS A 564 -36.02 35.78 14.90
CA LYS A 564 -34.68 36.40 14.90
C LYS A 564 -33.83 35.79 13.79
N ARG A 565 -33.87 34.46 13.66
CA ARG A 565 -33.30 33.77 12.51
C ARG A 565 -34.37 33.04 11.70
N ALA A 566 -34.19 32.98 10.39
CA ALA A 566 -35.11 32.28 9.50
C ALA A 566 -34.66 30.85 9.19
N PRO A 567 -35.51 29.84 9.51
CA PRO A 567 -35.19 28.42 9.30
C PRO A 567 -34.93 28.08 7.84
N ALA A 568 -34.06 27.09 7.61
CA ALA A 568 -33.75 26.64 6.25
C ALA A 568 -33.27 25.18 6.21
N GLY A 569 -33.46 24.46 7.31
CA GLY A 569 -33.05 23.04 7.35
C GLY A 569 -33.90 22.18 6.45
N ARG A 570 -33.36 21.06 6.00
CA ARG A 570 -34.12 20.07 5.23
C ARG A 570 -33.88 18.67 5.80
N LEU A 571 -34.91 17.84 5.83
CA LEU A 571 -34.78 16.49 6.38
C LEU A 571 -33.69 15.71 5.64
N VAL A 572 -32.87 14.99 6.41
CA VAL A 572 -31.81 14.15 5.86
C VAL A 572 -32.14 12.66 6.00
N THR A 573 -33.33 12.36 6.53
CA THR A 573 -33.94 11.03 6.41
C THR A 573 -35.43 11.17 6.09
N THR A 574 -36.04 10.09 5.62
CA THR A 574 -37.46 10.00 5.33
C THR A 574 -38.25 9.81 6.63
N GLN A 575 -39.33 10.57 6.79
CA GLN A 575 -40.28 10.27 7.87
C GLN A 575 -41.32 9.32 7.32
N TYR A 576 -41.18 8.03 7.65
CA TYR A 576 -42.03 6.96 7.16
C TYR A 576 -43.35 6.85 7.95
N PRO A 577 -44.42 6.32 7.31
CA PRO A 577 -45.64 5.94 8.03
C PRO A 577 -45.34 4.84 9.04
N ALA A 578 -46.05 4.84 10.16
CA ALA A 578 -45.71 3.93 11.27
C ALA A 578 -45.68 2.44 10.88
N GLU A 579 -46.56 2.03 9.97
CA GLU A 579 -46.64 0.63 9.56
C GLU A 579 -45.42 0.12 8.78
N TYR A 580 -44.65 1.05 8.18
CA TYR A 580 -43.44 0.70 7.41
C TYR A 580 -42.57 -0.37 8.06
N VAL A 581 -42.27 -0.18 9.35
CA VAL A 581 -41.36 -1.09 10.06
C VAL A 581 -42.00 -2.44 10.39
N HIS A 582 -43.32 -2.51 10.29
CA HIS A 582 -44.03 -3.78 10.49
C HIS A 582 -44.24 -4.55 9.18
N GLN A 583 -43.97 -3.91 8.05
CA GLN A 583 -44.20 -4.53 6.72
C GLN A 583 -43.17 -5.58 6.30
N PHE A 584 -41.93 -5.41 6.76
CA PHE A 584 -40.84 -6.29 6.36
C PHE A 584 -39.76 -6.29 7.43
N PRO A 585 -38.97 -7.38 7.53
CA PRO A 585 -37.91 -7.41 8.56
C PRO A 585 -36.90 -6.28 8.35
N GLN A 586 -36.55 -5.60 9.44
CA GLN A 586 -35.72 -4.40 9.34
C GLN A 586 -34.24 -4.72 9.10
N ASN A 587 -33.89 -5.99 9.25
CA ASN A 587 -32.54 -6.44 8.93
C ASN A 587 -32.44 -7.15 7.56
N ASP A 588 -33.45 -6.93 6.72
CA ASP A 588 -33.34 -7.21 5.28
C ASP A 588 -32.49 -6.08 4.72
N MET A 589 -31.27 -6.41 4.26
CA MET A 589 -30.31 -5.39 3.83
C MET A 589 -30.50 -4.92 2.38
N ASN A 590 -31.39 -5.59 1.64
CA ASN A 590 -31.69 -5.22 0.26
C ASN A 590 -32.41 -3.88 0.15
N LEU A 591 -31.78 -2.90 -0.49
CA LEU A 591 -32.36 -1.56 -0.68
C LEU A 591 -33.55 -1.55 -1.64
N ARG A 592 -33.45 -2.33 -2.72
CA ARG A 592 -34.49 -2.38 -3.75
C ARG A 592 -35.74 -3.12 -3.24
N PRO A 593 -36.94 -2.77 -3.77
CA PRO A 593 -38.14 -3.55 -3.46
C PRO A 593 -38.02 -4.96 -4.04
N ASP A 594 -38.70 -5.93 -3.44
CA ASP A 594 -38.58 -7.30 -3.96
C ASP A 594 -39.90 -7.87 -4.49
N GLY A 595 -40.92 -7.02 -4.58
CA GLY A 595 -42.24 -7.45 -5.03
C GLY A 595 -42.94 -8.36 -4.03
N LYS A 596 -42.41 -8.42 -2.80
CA LYS A 596 -42.96 -9.27 -1.75
C LYS A 596 -43.31 -8.41 -0.54
N SER A 597 -42.50 -8.46 0.52
CA SER A 597 -42.74 -7.64 1.71
C SER A 597 -41.88 -6.38 1.76
N ASN A 598 -40.76 -6.39 1.05
CA ASN A 598 -39.85 -5.26 1.01
C ASN A 598 -40.33 -4.24 -0.01
N PRO A 599 -40.73 -3.03 0.45
CA PRO A 599 -41.31 -2.02 -0.43
C PRO A 599 -40.29 -1.06 -1.04
N GLY A 600 -39.00 -1.34 -0.82
CA GLY A 600 -37.94 -0.42 -1.17
C GLY A 600 -37.58 0.43 0.04
N GLN A 601 -36.28 0.69 0.23
CA GLN A 601 -35.81 1.41 1.42
C GLN A 601 -35.13 2.72 1.04
N THR A 602 -35.30 3.74 1.88
CA THR A 602 -34.84 5.12 1.64
C THR A 602 -35.60 5.79 0.50
N TYR A 603 -35.49 7.13 0.43
CA TYR A 603 -36.11 7.93 -0.63
C TYR A 603 -35.77 7.41 -2.04
N ILE A 604 -34.63 6.73 -2.17
CA ILE A 604 -34.16 6.25 -3.47
C ILE A 604 -35.08 5.17 -4.02
N TRP A 605 -35.50 4.24 -3.14
CA TRP A 605 -36.20 3.01 -3.56
C TRP A 605 -37.64 2.83 -3.06
N TYR A 606 -38.00 3.53 -1.99
CA TYR A 606 -39.29 3.34 -1.32
C TYR A 606 -40.46 3.64 -2.24
N THR A 607 -41.37 2.68 -2.37
CA THR A 607 -42.50 2.80 -3.29
C THR A 607 -43.75 3.28 -2.58
N GLY A 608 -43.64 3.56 -1.29
CA GLY A 608 -44.79 4.00 -0.50
C GLY A 608 -44.87 5.50 -0.47
N LYS A 609 -45.60 6.03 0.51
CA LYS A 609 -45.82 7.46 0.65
C LYS A 609 -45.29 7.94 2.00
N PRO A 610 -44.15 8.66 1.98
CA PRO A 610 -43.59 9.23 3.20
C PRO A 610 -44.55 10.27 3.80
N VAL A 611 -44.56 10.40 5.13
CA VAL A 611 -45.32 11.46 5.76
C VAL A 611 -44.67 12.79 5.40
N TYR A 612 -43.38 12.91 5.69
CA TYR A 612 -42.54 13.97 5.14
C TYR A 612 -41.33 13.36 4.47
N GLU A 613 -41.08 13.77 3.24
CA GLU A 613 -40.01 13.23 2.41
C GLU A 613 -38.62 13.68 2.87
N PHE A 614 -37.63 12.86 2.54
CA PHE A 614 -36.24 13.25 2.56
C PHE A 614 -36.08 14.54 1.76
N GLY A 615 -35.55 15.58 2.39
CA GLY A 615 -35.40 16.87 1.72
C GLY A 615 -36.52 17.87 1.97
N SER A 616 -37.48 17.51 2.82
CA SER A 616 -38.55 18.44 3.21
C SER A 616 -38.01 19.55 4.09
N GLY A 617 -38.48 20.77 3.84
CA GLY A 617 -38.17 21.94 4.67
C GLY A 617 -38.73 23.21 4.06
N LEU A 618 -39.38 24.03 4.88
CA LEU A 618 -40.00 25.27 4.41
C LEU A 618 -39.25 26.51 4.87
N PHE A 619 -39.63 27.66 4.32
CA PHE A 619 -38.99 28.94 4.65
C PHE A 619 -39.96 29.96 5.26
N TYR A 620 -39.43 31.10 5.73
CA TYR A 620 -40.24 32.22 6.20
C TYR A 620 -40.54 33.22 5.07
N THR A 621 -40.10 32.87 3.87
CA THR A 621 -40.41 33.64 2.68
C THR A 621 -40.73 32.65 1.56
N THR A 622 -41.04 33.16 0.38
CA THR A 622 -41.14 32.32 -0.81
C THR A 622 -40.02 32.67 -1.77
N PHE A 623 -39.59 31.68 -2.54
CA PHE A 623 -38.54 31.86 -3.53
C PHE A 623 -39.08 31.53 -4.91
N LYS A 624 -38.57 32.22 -5.93
CA LYS A 624 -38.90 31.89 -7.31
C LYS A 624 -37.66 31.34 -7.99
N GLU A 625 -37.68 30.04 -8.31
CA GLU A 625 -36.56 29.36 -8.92
C GLU A 625 -36.72 29.25 -10.43
N THR A 626 -35.71 29.70 -11.17
CA THR A 626 -35.72 29.63 -12.64
C THR A 626 -34.37 29.17 -13.18
N LEU A 627 -34.43 28.42 -14.27
CA LEU A 627 -33.23 27.89 -14.95
C LEU A 627 -32.42 29.00 -15.62
N ALA A 628 -31.10 28.90 -15.53
CA ALA A 628 -30.18 29.91 -16.07
C ALA A 628 -29.11 29.28 -16.96
N LEU A 634 -27.43 20.03 -24.38
CA LEU A 634 -27.84 19.10 -23.31
C LEU A 634 -27.71 17.63 -23.74
N LYS A 635 -26.77 17.39 -24.65
CA LYS A 635 -26.27 16.04 -24.92
C LYS A 635 -24.83 16.01 -24.47
N PHE A 636 -24.54 15.16 -23.50
CA PHE A 636 -23.21 15.09 -22.93
C PHE A 636 -22.57 13.74 -23.23
N ASN A 637 -21.33 13.80 -23.70
CA ASN A 637 -20.57 12.60 -24.01
C ASN A 637 -19.54 12.37 -22.92
N THR A 638 -19.88 11.51 -21.95
CA THR A 638 -19.08 11.28 -20.75
C THR A 638 -17.64 10.85 -21.05
N SER A 639 -17.49 9.93 -21.99
CA SER A 639 -16.17 9.49 -22.43
C SER A 639 -15.31 10.67 -22.86
N SER A 640 -15.92 11.62 -23.57
CA SER A 640 -15.24 12.83 -24.02
C SER A 640 -14.94 13.78 -22.84
N ILE A 641 -15.96 14.06 -22.04
CA ILE A 641 -15.80 14.80 -20.79
C ILE A 641 -14.64 14.25 -19.91
N LEU A 642 -14.60 12.92 -19.74
CA LEU A 642 -13.50 12.27 -18.99
C LEU A 642 -12.15 12.23 -19.73
N SER A 643 -12.15 12.63 -21.00
CA SER A 643 -10.90 12.65 -21.78
C SER A 643 -10.10 13.93 -21.56
N ALA A 644 -10.75 14.96 -21.00
CA ALA A 644 -10.15 16.27 -20.83
C ALA A 644 -9.24 16.35 -19.59
N PRO A 645 -8.31 17.32 -19.54
CA PRO A 645 -7.59 17.66 -18.32
C PRO A 645 -8.56 17.97 -17.19
N HIS A 646 -8.15 17.69 -15.95
CA HIS A 646 -8.97 18.08 -14.80
C HIS A 646 -8.22 18.87 -13.70
N PRO A 647 -7.60 20.02 -14.09
CA PRO A 647 -6.92 20.82 -13.07
C PRO A 647 -7.87 21.20 -11.94
N GLY A 648 -7.37 21.18 -10.72
CA GLY A 648 -8.20 21.47 -9.55
C GLY A 648 -8.92 20.26 -8.97
N TYR A 649 -8.83 19.11 -9.64
CA TYR A 649 -9.44 17.88 -9.13
C TYR A 649 -8.38 16.79 -9.12
N THR A 650 -8.18 16.15 -7.97
CA THR A 650 -7.20 15.07 -7.88
C THR A 650 -7.62 13.84 -8.72
N TYR A 651 -8.91 13.50 -8.65
CA TYR A 651 -9.44 12.29 -9.30
C TYR A 651 -10.42 12.63 -10.43
N SER A 652 -10.32 11.89 -11.52
CA SER A 652 -11.09 12.15 -12.73
C SER A 652 -12.59 12.06 -12.53
N GLU A 653 -13.06 11.15 -11.68
CA GLU A 653 -14.50 11.02 -11.44
C GLU A 653 -15.14 12.21 -10.73
N GLN A 654 -14.30 13.13 -10.25
CA GLN A 654 -14.76 14.31 -9.54
C GLN A 654 -15.19 15.44 -10.47
N ILE A 655 -14.79 15.38 -11.74
CA ILE A 655 -15.05 16.48 -12.67
C ILE A 655 -16.55 16.59 -12.97
N PRO A 656 -17.06 17.84 -13.14
CA PRO A 656 -18.48 18.00 -13.47
C PRO A 656 -18.75 17.53 -14.89
N VAL A 657 -19.85 16.80 -15.08
CA VAL A 657 -20.37 16.52 -16.42
C VAL A 657 -20.88 17.85 -17.00
N PHE A 658 -21.59 18.59 -16.15
CA PHE A 658 -21.91 20.00 -16.36
C PHE A 658 -22.29 20.60 -15.01
N THR A 659 -22.60 21.89 -15.00
CA THR A 659 -23.06 22.55 -13.78
C THR A 659 -24.48 23.04 -13.96
N PHE A 660 -25.33 22.69 -12.99
CA PHE A 660 -26.72 23.12 -12.95
C PHE A 660 -26.75 24.55 -12.41
N GLU A 661 -27.31 25.46 -13.19
CA GLU A 661 -27.37 26.89 -12.87
C GLU A 661 -28.82 27.33 -12.83
N ALA A 662 -29.21 27.93 -11.70
CA ALA A 662 -30.57 28.45 -11.51
C ALA A 662 -30.57 29.74 -10.69
N ASN A 663 -31.50 30.64 -10.99
CA ASN A 663 -31.66 31.88 -10.22
C ASN A 663 -32.67 31.72 -9.09
N ILE A 664 -32.28 32.14 -7.89
CA ILE A 664 -33.13 32.01 -6.71
C ILE A 664 -33.57 33.39 -6.21
N LYS A 665 -34.79 33.80 -6.59
CA LYS A 665 -35.35 35.10 -6.20
C LYS A 665 -36.19 35.03 -4.93
N ASN A 666 -35.97 35.97 -4.02
CA ASN A 666 -36.82 36.08 -2.84
C ASN A 666 -38.07 36.86 -3.19
N SER A 667 -39.09 36.15 -3.64
CA SER A 667 -40.33 36.75 -4.10
C SER A 667 -41.27 37.11 -2.95
N GLY A 668 -40.88 36.74 -1.73
CA GLY A 668 -41.64 37.06 -0.52
C GLY A 668 -41.15 38.34 0.14
N LYS A 669 -41.45 38.48 1.43
CA LYS A 669 -41.15 39.72 2.15
C LYS A 669 -40.45 39.49 3.50
N THR A 670 -39.58 38.48 3.53
CA THR A 670 -38.74 38.17 4.68
C THR A 670 -37.36 37.75 4.20
N GLU A 671 -36.32 38.35 4.76
CA GLU A 671 -34.94 37.94 4.48
C GLU A 671 -34.77 36.51 4.95
N SER A 672 -34.10 35.69 4.13
CA SER A 672 -33.94 34.27 4.43
C SER A 672 -32.74 33.67 3.69
N PRO A 673 -32.01 32.76 4.35
CA PRO A 673 -31.07 31.91 3.62
C PRO A 673 -31.85 30.89 2.78
N TYR A 674 -31.17 30.24 1.83
CA TYR A 674 -31.81 29.25 0.96
C TYR A 674 -31.05 27.91 0.90
N THR A 675 -31.79 26.79 1.02
CA THR A 675 -31.22 25.45 0.82
C THR A 675 -31.83 24.70 -0.35
N ALA A 676 -31.02 23.90 -1.02
CA ALA A 676 -31.48 23.08 -2.14
C ALA A 676 -30.83 21.68 -2.18
N MET A 677 -31.66 20.69 -2.49
CA MET A 677 -31.21 19.36 -2.88
C MET A 677 -31.47 19.21 -4.37
N LEU A 678 -30.50 18.71 -5.10
CA LEU A 678 -30.69 18.44 -6.52
C LEU A 678 -30.71 16.93 -6.75
N PHE A 679 -31.81 16.45 -7.33
CA PHE A 679 -32.02 15.03 -7.62
C PHE A 679 -31.92 14.74 -9.12
N VAL A 680 -31.54 13.50 -9.45
CA VAL A 680 -31.56 13.04 -10.83
C VAL A 680 -32.36 11.73 -10.91
N ARG A 681 -32.93 11.46 -12.08
CA ARG A 681 -33.60 10.19 -12.33
C ARG A 681 -33.48 9.81 -13.80
N THR A 682 -33.72 8.53 -14.07
CA THR A 682 -33.70 7.98 -15.43
C THR A 682 -34.60 6.75 -15.48
N SER A 683 -35.16 6.49 -16.66
N SER A 683 -35.16 6.48 -16.65
CA SER A 683 -35.99 5.31 -16.84
CA SER A 683 -35.99 5.30 -16.84
C SER A 683 -35.46 4.40 -17.95
C SER A 683 -35.42 4.36 -17.90
N ASN A 684 -34.24 4.70 -18.44
CA ASN A 684 -33.65 3.91 -19.53
C ASN A 684 -32.11 3.79 -19.52
N ALA A 685 -31.44 4.48 -18.60
CA ALA A 685 -29.99 4.42 -18.48
C ALA A 685 -29.57 3.41 -17.42
N GLY A 686 -28.80 2.41 -17.85
CA GLY A 686 -28.36 1.34 -16.97
C GLY A 686 -29.43 0.29 -16.74
N PRO A 687 -29.21 -0.61 -15.76
CA PRO A 687 -30.08 -1.76 -15.57
C PRO A 687 -31.34 -1.42 -14.77
N ALA A 688 -32.39 -2.20 -15.00
CA ALA A 688 -33.60 -2.14 -14.17
C ALA A 688 -33.38 -2.99 -12.90
N PRO A 689 -34.08 -2.66 -11.80
CA PRO A 689 -35.06 -1.57 -11.67
C PRO A 689 -34.41 -0.19 -11.61
N TYR A 690 -35.22 0.83 -11.86
CA TYR A 690 -34.76 2.21 -11.84
C TYR A 690 -35.20 2.85 -10.55
N PRO A 691 -34.31 3.64 -9.91
CA PRO A 691 -34.64 4.31 -8.65
C PRO A 691 -35.73 5.36 -8.83
N ASN A 692 -36.37 5.75 -7.73
CA ASN A 692 -37.22 6.93 -7.70
C ASN A 692 -36.44 8.11 -8.25
N LYS A 693 -35.23 8.27 -7.73
CA LYS A 693 -34.34 9.38 -8.04
C LYS A 693 -33.17 9.24 -7.08
N TRP A 694 -32.07 9.93 -7.34
CA TRP A 694 -31.01 10.01 -6.34
C TRP A 694 -30.41 11.40 -6.26
N LEU A 695 -29.96 11.76 -5.06
CA LEU A 695 -29.34 13.05 -4.82
C LEU A 695 -27.98 13.10 -5.49
N VAL A 696 -27.76 14.18 -6.26
CA VAL A 696 -26.47 14.40 -6.93
C VAL A 696 -25.81 15.71 -6.54
N GLY A 697 -26.49 16.50 -5.72
CA GLY A 697 -25.93 17.78 -5.26
C GLY A 697 -26.77 18.45 -4.20
N PHE A 698 -26.14 19.35 -3.44
CA PHE A 698 -26.86 20.16 -2.47
C PHE A 698 -26.06 21.43 -2.21
N ASP A 699 -26.73 22.46 -1.74
CA ASP A 699 -26.05 23.69 -1.34
C ASP A 699 -26.91 24.53 -0.42
N ARG A 700 -26.26 25.47 0.27
CA ARG A 700 -26.93 26.46 1.08
C ARG A 700 -26.40 27.82 0.65
N LEU A 701 -27.30 28.77 0.45
CA LEU A 701 -26.91 30.14 0.07
C LEU A 701 -27.20 31.11 1.19
N ALA A 702 -26.38 32.17 1.28
CA ALA A 702 -26.51 33.17 2.35
C ALA A 702 -27.80 33.98 2.22
N ASP A 703 -28.22 34.62 3.31
CA ASP A 703 -29.47 35.39 3.39
C ASP A 703 -29.76 36.19 2.12
N ILE A 704 -30.92 35.94 1.52
CA ILE A 704 -31.37 36.69 0.34
C ILE A 704 -32.50 37.65 0.73
N LYS A 705 -32.32 38.91 0.33
CA LYS A 705 -33.30 39.98 0.61
C LYS A 705 -34.44 39.93 -0.41
N PRO A 706 -35.68 40.24 0.03
CA PRO A 706 -36.82 40.40 -0.90
C PRO A 706 -36.44 41.18 -2.15
N GLY A 707 -36.81 40.65 -3.32
CA GLY A 707 -36.45 41.26 -4.59
C GLY A 707 -35.10 40.84 -5.13
N HIS A 708 -34.20 40.42 -4.25
CA HIS A 708 -32.86 39.99 -4.67
C HIS A 708 -32.84 38.56 -5.21
N SER A 709 -31.86 38.28 -6.06
CA SER A 709 -31.66 36.95 -6.64
C SER A 709 -30.21 36.49 -6.50
N SER A 710 -30.00 35.39 -5.77
CA SER A 710 -28.69 34.75 -5.70
C SER A 710 -28.63 33.60 -6.69
N LYS A 711 -27.44 33.32 -7.19
CA LYS A 711 -27.24 32.24 -8.15
C LYS A 711 -26.91 30.92 -7.44
N LEU A 712 -27.66 29.88 -7.76
CA LEU A 712 -27.38 28.52 -7.31
C LEU A 712 -26.62 27.79 -8.40
N SER A 713 -25.39 27.36 -8.09
CA SER A 713 -24.57 26.58 -9.02
C SER A 713 -24.27 25.22 -8.40
N ILE A 714 -24.75 24.16 -9.03
CA ILE A 714 -24.51 22.82 -8.52
C ILE A 714 -23.82 21.98 -9.58
N PRO A 715 -22.51 21.77 -9.40
CA PRO A 715 -21.75 20.87 -10.27
C PRO A 715 -22.35 19.48 -10.21
N ILE A 716 -22.37 18.79 -11.34
CA ILE A 716 -22.88 17.44 -11.41
C ILE A 716 -21.73 16.50 -11.77
N PRO A 717 -21.03 15.97 -10.73
CA PRO A 717 -19.83 15.18 -10.93
C PRO A 717 -20.09 13.88 -11.69
N VAL A 718 -19.09 13.41 -12.43
CA VAL A 718 -19.17 12.13 -13.14
C VAL A 718 -19.56 10.99 -12.19
N SER A 719 -18.92 10.95 -11.01
CA SER A 719 -19.22 9.93 -10.00
C SER A 719 -20.69 9.89 -9.59
N ALA A 720 -21.35 11.05 -9.55
CA ALA A 720 -22.76 11.14 -9.12
C ALA A 720 -23.77 10.59 -10.15
N LEU A 721 -23.41 10.60 -11.43
CA LEU A 721 -24.31 10.09 -12.47
C LEU A 721 -24.09 8.61 -12.73
N ALA A 722 -22.98 8.06 -12.25
CA ALA A 722 -22.69 6.63 -12.37
C ALA A 722 -23.79 5.84 -11.68
N ARG A 723 -24.15 4.69 -12.25
CA ARG A 723 -25.00 3.73 -11.55
C ARG A 723 -24.20 2.44 -11.31
N VAL A 724 -24.70 1.58 -10.43
CA VAL A 724 -24.00 0.37 -10.03
C VAL A 724 -24.66 -0.88 -10.64
N ASP A 725 -23.87 -1.73 -11.30
CA ASP A 725 -24.43 -2.92 -11.92
C ASP A 725 -24.53 -4.10 -10.94
N SER A 726 -24.91 -5.27 -11.44
CA SER A 726 -25.13 -6.43 -10.58
CA SER A 726 -25.13 -6.44 -10.59
C SER A 726 -23.82 -6.99 -10.01
N HIS A 727 -22.68 -6.56 -10.55
CA HIS A 727 -21.38 -7.02 -10.04
C HIS A 727 -20.74 -5.98 -9.11
N GLY A 728 -21.41 -4.84 -8.93
CA GLY A 728 -20.87 -3.77 -8.11
C GLY A 728 -20.07 -2.72 -8.86
N ASN A 729 -19.85 -2.93 -10.16
CA ASN A 729 -19.15 -1.95 -10.97
C ASN A 729 -19.89 -0.62 -11.00
N ARG A 730 -19.14 0.47 -10.96
CA ARG A 730 -19.73 1.79 -11.14
C ARG A 730 -19.47 2.27 -12.56
N ILE A 731 -20.57 2.43 -13.29
CA ILE A 731 -20.58 2.69 -14.73
C ILE A 731 -21.54 3.85 -15.03
N VAL A 732 -21.08 4.83 -15.81
CA VAL A 732 -21.95 5.89 -16.33
C VAL A 732 -22.55 5.39 -17.64
N TYR A 733 -23.88 5.29 -17.65
CA TYR A 733 -24.60 4.70 -18.76
C TYR A 733 -25.20 5.77 -19.66
N PRO A 734 -25.18 5.54 -20.98
CA PRO A 734 -25.86 6.46 -21.90
C PRO A 734 -27.38 6.35 -21.75
N GLY A 735 -28.07 7.47 -21.96
CA GLY A 735 -29.53 7.48 -21.85
C GLY A 735 -30.09 8.84 -21.57
N LYS A 736 -31.37 8.88 -21.19
CA LYS A 736 -32.04 10.14 -20.86
C LYS A 736 -32.19 10.30 -19.36
N TYR A 737 -31.82 11.49 -18.86
CA TYR A 737 -31.93 11.79 -17.45
C TYR A 737 -32.76 13.04 -17.24
N GLU A 738 -33.17 13.25 -16.01
CA GLU A 738 -33.84 14.47 -15.65
C GLU A 738 -33.45 14.92 -14.26
N LEU A 739 -32.95 16.14 -14.16
CA LEU A 739 -32.74 16.79 -12.88
C LEU A 739 -34.04 17.33 -12.34
N ALA A 740 -34.16 17.36 -11.01
CA ALA A 740 -35.30 17.95 -10.34
C ALA A 740 -34.81 18.68 -9.10
N LEU A 741 -35.15 19.97 -9.00
CA LEU A 741 -34.70 20.80 -7.88
C LEU A 741 -35.63 20.70 -6.67
N ASN A 742 -35.10 20.10 -5.61
CA ASN A 742 -35.84 19.92 -4.35
C ASN A 742 -37.04 18.97 -4.45
N THR A 743 -37.62 18.66 -3.30
CA THR A 743 -38.80 17.80 -3.28
C THR A 743 -39.95 18.45 -4.02
N ASP A 744 -40.03 19.79 -3.98
CA ASP A 744 -41.06 20.50 -4.74
C ASP A 744 -40.82 20.60 -6.24
N GLU A 745 -39.63 20.18 -6.67
CA GLU A 745 -39.26 20.10 -8.10
C GLU A 745 -39.62 21.38 -8.86
N SER A 746 -39.31 22.52 -8.26
CA SER A 746 -39.58 23.82 -8.83
C SER A 746 -39.01 23.99 -10.24
N VAL A 747 -37.89 23.32 -10.49
CA VAL A 747 -37.23 23.37 -11.80
C VAL A 747 -36.84 21.94 -12.18
N LYS A 748 -37.02 21.60 -13.46
CA LYS A 748 -36.56 20.32 -14.00
C LYS A 748 -35.75 20.54 -15.26
N LEU A 749 -34.74 19.70 -15.48
CA LEU A 749 -33.89 19.82 -16.67
C LEU A 749 -33.56 18.47 -17.26
N GLU A 750 -34.03 18.23 -18.49
CA GLU A 750 -33.71 17.00 -19.19
C GLU A 750 -32.38 17.11 -19.91
N PHE A 751 -31.60 16.04 -19.83
CA PHE A 751 -30.37 15.94 -20.61
C PHE A 751 -30.15 14.50 -21.03
N GLU A 752 -29.33 14.31 -22.05
CA GLU A 752 -29.01 12.99 -22.55
C GLU A 752 -27.52 12.71 -22.40
N LEU A 753 -27.18 11.50 -21.99
CA LEU A 753 -25.80 11.07 -22.00
C LEU A 753 -25.60 10.20 -23.23
N VAL A 754 -24.57 10.52 -24.01
CA VAL A 754 -24.32 9.85 -25.27
C VAL A 754 -22.93 9.23 -25.26
N GLY A 755 -22.69 8.35 -26.21
CA GLY A 755 -21.42 7.62 -26.28
C GLY A 755 -21.55 6.26 -25.62
N GLU A 756 -20.43 5.55 -25.52
CA GLU A 756 -20.41 4.24 -24.88
C GLU A 756 -20.50 4.37 -23.34
N GLU A 757 -20.80 3.25 -22.70
CA GLU A 757 -20.69 3.13 -21.25
C GLU A 757 -19.24 3.41 -20.82
N VAL A 758 -19.08 4.14 -19.71
CA VAL A 758 -17.75 4.39 -19.18
C VAL A 758 -17.63 3.81 -17.78
N THR A 759 -16.60 2.99 -17.57
CA THR A 759 -16.33 2.44 -16.24
C THR A 759 -15.64 3.45 -15.31
N ILE A 760 -16.26 3.71 -14.16
CA ILE A 760 -15.72 4.60 -13.15
C ILE A 760 -14.96 3.81 -12.08
N GLU A 761 -15.54 2.69 -11.63
CA GLU A 761 -14.83 1.78 -10.75
C GLU A 761 -15.10 0.34 -11.18
N ASN A 762 -14.03 -0.45 -11.28
CA ASN A 762 -14.15 -1.91 -11.36
C ASN A 762 -14.23 -2.48 -9.95
N TRP A 763 -15.36 -3.08 -9.59
CA TRP A 763 -15.53 -3.69 -8.27
C TRP A 763 -14.77 -5.01 -8.25
N PRO A 764 -13.88 -5.22 -7.25
CA PRO A 764 -13.12 -6.48 -7.26
C PRO A 764 -13.94 -7.67 -6.82
N LEU A 765 -13.53 -8.87 -7.25
CA LEU A 765 -14.17 -10.12 -6.84
C LEU A 765 -13.84 -10.39 -5.38
N GLU A 766 -14.79 -10.96 -4.64
CA GLU A 766 -14.58 -11.25 -3.20
C GLU A 766 -13.64 -12.44 -3.00
N GLU A 767 -12.42 -12.16 -2.55
CA GLU A 767 -11.38 -13.17 -2.34
C GLU A 767 -11.18 -14.19 -3.48
N ASN B 2 5.72 -6.77 -33.75
CA ASN B 2 6.04 -6.07 -35.00
C ASN B 2 6.61 -6.99 -36.09
N ASN B 3 6.34 -8.28 -35.99
CA ASN B 3 6.80 -9.27 -36.98
C ASN B 3 6.29 -8.97 -38.39
N GLN B 4 7.16 -9.17 -39.38
CA GLN B 4 6.79 -8.91 -40.77
C GLN B 4 6.16 -10.12 -41.43
N THR B 5 6.60 -11.31 -41.00
CA THR B 5 5.99 -12.57 -41.41
C THR B 5 5.46 -13.27 -40.15
N TYR B 6 4.84 -14.43 -40.33
CA TYR B 6 4.31 -15.20 -39.20
C TYR B 6 5.40 -15.45 -38.17
N ALA B 7 5.12 -15.09 -36.93
CA ALA B 7 6.07 -15.32 -35.85
C ALA B 7 5.42 -16.19 -34.81
N ASN B 8 6.04 -17.35 -34.57
CA ASN B 8 5.58 -18.26 -33.53
C ASN B 8 6.25 -17.96 -32.19
N TYR B 9 5.58 -17.16 -31.37
CA TYR B 9 6.16 -16.74 -30.09
C TYR B 9 6.17 -17.84 -29.02
N SER B 10 5.58 -19.00 -29.31
CA SER B 10 5.75 -20.18 -28.45
C SER B 10 7.14 -20.78 -28.61
N ALA B 11 7.78 -20.52 -29.75
CA ALA B 11 9.07 -21.12 -30.08
C ALA B 11 10.18 -20.07 -30.18
N GLN B 12 9.87 -18.94 -30.80
CA GLN B 12 10.83 -17.86 -31.04
C GLN B 12 11.22 -17.19 -29.72
N GLY B 13 12.51 -17.26 -29.38
CA GLY B 13 13.04 -16.75 -28.13
C GLY B 13 13.04 -15.23 -27.99
N GLN B 14 13.06 -14.53 -29.11
CA GLN B 14 13.05 -13.07 -29.07
C GLN B 14 11.80 -12.44 -29.65
N PRO B 15 11.26 -11.41 -28.97
CA PRO B 15 10.10 -10.70 -29.52
C PRO B 15 10.46 -9.81 -30.72
N ASP B 16 9.44 -9.31 -31.40
CA ASP B 16 9.66 -8.33 -32.44
C ASP B 16 9.05 -7.00 -31.98
N LEU B 17 9.90 -6.18 -31.38
CA LEU B 17 9.46 -4.92 -30.80
C LEU B 17 9.37 -3.82 -31.83
N TYR B 18 8.38 -2.93 -31.68
CA TYR B 18 8.25 -1.76 -32.53
C TYR B 18 9.44 -0.81 -32.31
N PRO B 19 9.80 -0.04 -33.34
CA PRO B 19 10.91 0.92 -33.24
C PRO B 19 10.70 1.91 -32.10
N GLU B 20 9.46 2.33 -31.88
CA GLU B 20 9.10 3.26 -30.80
C GLU B 20 9.58 2.76 -29.45
N THR B 21 9.37 1.47 -29.20
CA THR B 21 9.83 0.83 -27.97
C THR B 21 11.35 0.90 -27.86
N LEU B 22 12.02 0.70 -28.99
CA LEU B 22 13.48 0.55 -29.02
C LEU B 22 14.22 1.88 -29.20
N ALA B 23 13.47 2.97 -29.42
CA ALA B 23 14.01 4.29 -29.76
C ALA B 23 14.96 4.85 -28.70
N THR B 24 15.91 5.65 -29.15
CA THR B 24 16.85 6.37 -28.28
C THR B 24 16.41 7.81 -28.23
N LEU B 25 15.86 8.22 -27.09
CA LEU B 25 15.35 9.56 -26.94
C LEU B 25 16.44 10.51 -26.49
N THR B 26 16.20 11.81 -26.65
CA THR B 26 17.05 12.82 -26.05
C THR B 26 16.24 13.38 -24.89
N LEU B 27 16.77 13.26 -23.68
CA LEU B 27 16.01 13.63 -22.49
C LEU B 27 16.37 15.04 -22.02
N SER B 28 15.49 15.66 -21.23
CA SER B 28 15.77 16.92 -20.56
C SER B 28 14.90 17.00 -19.32
N PHE B 29 14.95 18.13 -18.61
CA PHE B 29 14.17 18.34 -17.40
C PHE B 29 13.17 19.46 -17.60
N PRO B 30 11.98 19.35 -16.96
CA PRO B 30 11.05 20.48 -16.98
C PRO B 30 11.67 21.70 -16.29
N ASP B 31 11.34 22.89 -16.76
CA ASP B 31 11.80 24.11 -16.11
C ASP B 31 10.74 24.53 -15.09
N CYS B 32 11.01 24.20 -13.83
CA CYS B 32 10.03 24.44 -12.77
C CYS B 32 10.00 25.88 -12.26
N GLU B 33 10.99 26.68 -12.60
CA GLU B 33 11.00 28.09 -12.23
C GLU B 33 10.24 28.94 -13.21
N HIS B 34 10.32 28.59 -14.50
CA HIS B 34 9.82 29.48 -15.56
C HIS B 34 8.83 28.86 -16.56
N GLY B 35 8.75 27.53 -16.59
CA GLY B 35 7.95 26.82 -17.59
C GLY B 35 6.47 26.79 -17.27
N PRO B 36 5.65 26.13 -18.12
CA PRO B 36 4.19 26.03 -17.93
C PRO B 36 3.76 25.44 -16.58
N LEU B 37 4.60 24.63 -15.96
CA LEU B 37 4.26 23.97 -14.69
C LEU B 37 4.62 24.76 -13.42
N LYS B 38 5.26 25.92 -13.59
CA LYS B 38 5.79 26.68 -12.43
C LYS B 38 4.78 26.95 -11.30
N ASN B 39 3.51 27.11 -11.63
CA ASN B 39 2.51 27.36 -10.59
C ASN B 39 1.74 26.10 -10.17
N ASN B 40 1.96 25.00 -10.89
CA ASN B 40 1.42 23.70 -10.50
C ASN B 40 2.16 23.16 -9.27
N LEU B 41 1.45 22.42 -8.42
CA LEU B 41 2.06 21.90 -7.20
C LEU B 41 3.29 21.02 -7.45
N VAL B 42 3.35 20.38 -8.62
CA VAL B 42 4.51 19.53 -8.96
C VAL B 42 5.83 20.32 -8.87
N CYS B 43 5.77 21.62 -9.10
CA CYS B 43 6.97 22.47 -9.04
C CYS B 43 7.23 23.08 -7.67
N ASP B 44 6.38 22.77 -6.70
CA ASP B 44 6.62 23.22 -5.31
C ASP B 44 7.49 22.18 -4.60
N SER B 45 8.75 22.53 -4.41
CA SER B 45 9.73 21.61 -3.86
C SER B 45 9.57 21.37 -2.36
N SER B 46 8.67 22.11 -1.72
CA SER B 46 8.39 21.91 -0.30
C SER B 46 7.17 21.00 -0.07
N ALA B 47 6.45 20.69 -1.15
CA ALA B 47 5.27 19.84 -1.06
C ALA B 47 5.62 18.36 -1.06
N GLY B 48 4.66 17.53 -0.66
CA GLY B 48 4.82 16.08 -0.61
C GLY B 48 4.92 15.48 -2.01
N TYR B 49 5.73 14.44 -2.14
CA TYR B 49 6.04 13.85 -3.45
C TYR B 49 4.79 13.28 -4.14
N VAL B 50 3.89 12.69 -3.36
CA VAL B 50 2.65 12.14 -3.93
C VAL B 50 1.75 13.28 -4.45
N GLU B 51 1.56 14.29 -3.60
CA GLU B 51 0.72 15.46 -3.93
C GLU B 51 1.22 16.20 -5.16
N ARG B 52 2.55 16.29 -5.28
CA ARG B 52 3.18 16.89 -6.45
C ARG B 52 2.85 16.11 -7.71
N ALA B 53 3.06 14.79 -7.66
CA ALA B 53 2.75 13.92 -8.79
C ALA B 53 1.25 13.96 -9.15
N GLN B 54 0.39 13.99 -8.14
CA GLN B 54 -1.06 14.04 -8.40
C GLN B 54 -1.46 15.33 -9.11
N ALA B 55 -0.87 16.45 -8.71
CA ALA B 55 -1.14 17.76 -9.31
C ALA B 55 -0.75 17.79 -10.79
N LEU B 56 0.39 17.18 -11.12
CA LEU B 56 0.84 17.12 -12.51
C LEU B 56 -0.10 16.26 -13.37
N ILE B 57 -0.35 15.03 -12.91
CA ILE B 57 -1.19 14.09 -13.65
C ILE B 57 -2.58 14.68 -13.95
N SER B 58 -3.09 15.52 -13.04
CA SER B 58 -4.41 16.16 -13.21
C SER B 58 -4.49 17.02 -14.48
N LEU B 59 -3.33 17.45 -14.98
CA LEU B 59 -3.24 18.30 -16.15
C LEU B 59 -3.34 17.59 -17.49
N PHE B 60 -3.17 16.25 -17.47
CA PHE B 60 -3.09 15.45 -18.70
C PHE B 60 -4.49 15.24 -19.31
N THR B 61 -4.53 15.10 -20.63
CA THR B 61 -5.69 14.50 -21.29
C THR B 61 -5.59 12.98 -21.09
N LEU B 62 -6.67 12.26 -21.37
CA LEU B 62 -6.66 10.81 -21.23
C LEU B 62 -5.63 10.19 -22.16
N GLU B 63 -5.53 10.73 -23.38
CA GLU B 63 -4.62 10.18 -24.38
C GLU B 63 -3.18 10.38 -23.97
N GLU B 64 -2.87 11.56 -23.42
CA GLU B 64 -1.54 11.85 -22.90
C GLU B 64 -1.16 10.89 -21.77
N LEU B 65 -2.11 10.60 -20.87
CA LEU B 65 -1.92 9.58 -19.84
C LEU B 65 -1.60 8.22 -20.47
N ILE B 66 -2.46 7.79 -21.38
CA ILE B 66 -2.28 6.50 -22.05
C ILE B 66 -0.92 6.42 -22.76
N LEU B 67 -0.56 7.45 -23.52
CA LEU B 67 0.72 7.43 -24.25
C LEU B 67 1.93 7.39 -23.32
N ASN B 68 1.75 7.88 -22.09
CA ASN B 68 2.84 7.90 -21.12
C ASN B 68 2.82 6.70 -20.15
N THR B 69 2.17 5.62 -20.57
CA THR B 69 2.26 4.33 -19.90
C THR B 69 3.28 3.41 -20.60
N GLN B 70 3.89 3.89 -21.69
CA GLN B 70 4.94 3.12 -22.39
C GLN B 70 6.32 3.54 -21.90
N ASN B 71 7.33 2.70 -22.09
CA ASN B 71 8.69 3.05 -21.66
C ASN B 71 9.24 4.31 -22.36
N SER B 72 9.05 4.42 -23.67
CA SER B 72 9.44 5.64 -24.37
C SER B 72 8.31 6.67 -24.26
N GLY B 73 8.13 7.21 -23.07
CA GLY B 73 7.09 8.19 -22.80
C GLY B 73 7.35 9.48 -23.56
N PRO B 74 6.37 9.95 -24.34
CA PRO B 74 6.52 11.22 -25.09
C PRO B 74 6.41 12.47 -24.23
N GLY B 75 6.01 12.34 -22.97
CA GLY B 75 5.73 13.50 -22.13
C GLY B 75 4.55 14.28 -22.67
N VAL B 76 4.48 15.56 -22.33
CA VAL B 76 3.39 16.42 -22.80
C VAL B 76 4.02 17.76 -23.24
N PRO B 77 4.31 17.89 -24.55
CA PRO B 77 4.97 19.09 -25.08
C PRO B 77 4.33 20.41 -24.63
N ARG B 78 3.00 20.50 -24.68
CA ARG B 78 2.27 21.72 -24.32
C ARG B 78 2.48 22.13 -22.85
N LEU B 79 2.88 21.19 -22.01
CA LEU B 79 3.11 21.45 -20.59
C LEU B 79 4.59 21.67 -20.28
N GLY B 80 5.45 21.52 -21.28
CA GLY B 80 6.89 21.57 -21.07
C GLY B 80 7.35 20.37 -20.27
N LEU B 81 6.67 19.25 -20.47
CA LEU B 81 7.04 18.00 -19.82
C LEU B 81 7.70 17.13 -20.88
N PRO B 82 9.02 16.98 -20.81
CA PRO B 82 9.81 16.28 -21.83
C PRO B 82 9.45 14.81 -21.98
N ASN B 83 9.88 14.20 -23.09
CA ASN B 83 9.85 12.76 -23.18
C ASN B 83 10.78 12.15 -22.15
N TYR B 84 10.39 10.99 -21.63
CA TYR B 84 11.16 10.33 -20.59
C TYR B 84 11.28 8.84 -20.90
N GLN B 85 12.49 8.30 -20.76
CA GLN B 85 12.76 6.90 -21.07
C GLN B 85 12.78 6.04 -19.81
N VAL B 86 11.87 5.07 -19.73
CA VAL B 86 11.82 4.16 -18.56
C VAL B 86 12.80 2.99 -18.74
N TRP B 87 13.14 2.69 -19.99
CA TRP B 87 14.01 1.54 -20.30
C TRP B 87 15.48 1.95 -20.38
N ASN B 88 16.18 1.76 -19.26
CA ASN B 88 17.59 2.06 -19.14
C ASN B 88 18.24 0.82 -18.54
N GLU B 89 19.35 0.37 -19.13
CA GLU B 89 20.03 -0.84 -18.65
C GLU B 89 21.25 -0.47 -17.80
N ALA B 90 21.49 -1.22 -16.74
CA ALA B 90 22.57 -0.92 -15.78
C ALA B 90 23.17 -2.16 -15.14
N LEU B 91 22.83 -3.33 -15.66
CA LEU B 91 23.26 -4.62 -15.12
C LEU B 91 24.69 -4.61 -14.55
N HIS B 92 25.65 -4.16 -15.36
CA HIS B 92 27.05 -4.05 -14.96
C HIS B 92 27.72 -2.83 -15.61
N GLY B 93 27.00 -1.71 -15.57
CA GLY B 93 27.40 -0.48 -16.24
C GLY B 93 26.30 0.06 -17.14
N LEU B 94 26.39 1.32 -17.51
CA LEU B 94 25.35 1.96 -18.34
C LEU B 94 25.20 1.35 -19.75
N ASP B 95 23.96 1.08 -20.13
CA ASP B 95 23.65 0.60 -21.48
C ASP B 95 22.27 1.14 -21.91
N ARG B 96 22.11 1.33 -23.22
CA ARG B 96 20.94 1.99 -23.82
C ARG B 96 20.93 3.50 -23.55
N ALA B 97 22.06 4.03 -23.08
CA ALA B 97 22.28 5.47 -23.00
C ALA B 97 22.42 6.04 -24.40
N ASN B 98 22.17 7.34 -24.55
CA ASN B 98 22.48 8.02 -25.79
C ASN B 98 23.95 8.44 -25.76
N PHE B 99 24.83 7.48 -26.04
CA PHE B 99 26.27 7.73 -26.02
C PHE B 99 26.65 8.67 -27.16
N ALA B 100 27.54 9.62 -26.89
CA ALA B 100 28.12 10.46 -27.93
C ALA B 100 29.05 9.59 -28.76
N THR B 101 29.25 9.96 -30.02
CA THR B 101 30.19 9.23 -30.88
C THR B 101 31.45 10.07 -31.17
N LYS B 102 31.39 11.35 -30.80
CA LYS B 102 32.54 12.24 -30.89
C LYS B 102 32.46 13.34 -29.83
N GLY B 103 33.60 13.97 -29.58
CA GLY B 103 33.66 15.13 -28.69
C GLY B 103 34.34 14.88 -27.36
N GLY B 104 34.63 13.61 -27.06
CA GLY B 104 35.41 13.28 -25.86
C GLY B 104 34.66 13.19 -24.54
N GLN B 105 33.36 13.49 -24.54
CA GLN B 105 32.53 13.33 -23.34
CA GLN B 105 32.53 13.34 -23.35
C GLN B 105 31.34 12.41 -23.62
N PHE B 106 30.98 11.58 -22.65
CA PHE B 106 29.84 10.65 -22.77
C PHE B 106 29.91 9.67 -23.95
N GLU B 107 31.11 9.34 -24.40
CA GLU B 107 31.29 8.32 -25.42
C GLU B 107 31.33 6.92 -24.83
N TRP B 108 31.46 6.83 -23.51
CA TRP B 108 31.59 5.55 -22.83
C TRP B 108 31.15 5.62 -21.38
N ALA B 109 30.99 4.46 -20.77
CA ALA B 109 30.71 4.33 -19.35
C ALA B 109 31.53 3.14 -18.91
N THR B 110 31.77 3.02 -17.60
CA THR B 110 32.54 1.92 -17.03
C THR B 110 31.85 0.57 -17.28
N SER B 111 32.63 -0.42 -17.68
CA SER B 111 32.16 -1.76 -17.92
C SER B 111 32.71 -2.66 -16.83
N PHE B 112 31.85 -2.98 -15.88
CA PHE B 112 32.19 -3.84 -14.76
C PHE B 112 32.13 -5.29 -15.19
N PRO B 113 32.67 -6.21 -14.37
CA PRO B 113 32.47 -7.63 -14.72
C PRO B 113 30.98 -7.97 -14.74
N MET B 114 30.60 -9.06 -15.41
CA MET B 114 29.23 -9.54 -15.30
C MET B 114 28.99 -9.93 -13.84
N PRO B 115 27.73 -9.78 -13.36
CA PRO B 115 27.50 -9.97 -11.93
C PRO B 115 27.89 -11.35 -11.43
N ILE B 116 27.86 -12.36 -12.32
CA ILE B 116 28.29 -13.72 -11.97
C ILE B 116 29.71 -13.75 -11.39
N LEU B 117 30.64 -12.99 -12.00
CA LEU B 117 32.03 -12.92 -11.51
C LEU B 117 32.19 -12.04 -10.27
N THR B 118 31.56 -10.87 -10.28
CA THR B 118 31.56 -9.95 -9.13
C THR B 118 31.11 -10.68 -7.88
N THR B 119 30.02 -11.46 -7.99
CA THR B 119 29.48 -12.20 -6.85
C THR B 119 30.44 -13.25 -6.27
N ALA B 120 31.25 -13.85 -7.15
CA ALA B 120 32.26 -14.86 -6.75
C ALA B 120 33.28 -14.32 -5.75
N ALA B 121 33.45 -13.00 -5.71
CA ALA B 121 34.36 -12.34 -4.77
C ALA B 121 33.88 -12.47 -3.33
N LEU B 122 32.58 -12.74 -3.17
CA LEU B 122 31.94 -12.84 -1.85
C LEU B 122 32.15 -11.58 -0.99
N ASN B 123 32.12 -10.44 -1.67
CA ASN B 123 32.38 -9.16 -1.03
C ASN B 123 31.18 -8.21 -1.21
N ARG B 124 30.43 -8.02 -0.14
CA ARG B 124 29.23 -7.16 -0.13
C ARG B 124 29.56 -5.71 -0.45
N THR B 125 30.63 -5.19 0.14
CA THR B 125 31.07 -3.81 -0.03
C THR B 125 31.37 -3.51 -1.50
N LEU B 126 31.97 -4.49 -2.18
CA LEU B 126 32.24 -4.39 -3.61
C LEU B 126 30.97 -4.18 -4.45
N ILE B 127 29.95 -5.01 -4.23
CA ILE B 127 28.69 -4.96 -4.99
C ILE B 127 28.01 -3.60 -4.80
N HIS B 128 27.90 -3.19 -3.54
CA HIS B 128 27.37 -1.89 -3.20
C HIS B 128 28.12 -0.74 -3.89
N GLN B 129 29.46 -0.81 -3.92
CA GLN B 129 30.25 0.29 -4.48
C GLN B 129 30.12 0.36 -6.00
N ILE B 130 30.13 -0.80 -6.65
CA ILE B 130 29.82 -0.90 -8.07
C ILE B 130 28.48 -0.24 -8.38
N ALA B 131 27.46 -0.58 -7.59
CA ALA B 131 26.12 -0.04 -7.79
C ALA B 131 26.09 1.48 -7.59
N ASP B 132 26.83 1.95 -6.59
CA ASP B 132 26.99 3.37 -6.33
C ASP B 132 27.69 4.10 -7.49
N ILE B 133 28.72 3.48 -8.06
CA ILE B 133 29.40 4.05 -9.22
C ILE B 133 28.46 4.11 -10.43
N ILE B 134 27.75 3.02 -10.67
CA ILE B 134 26.81 2.95 -11.80
C ILE B 134 25.77 4.05 -11.69
N SER B 135 25.23 4.26 -10.50
CA SER B 135 24.20 5.27 -10.31
C SER B 135 24.77 6.69 -10.37
N THR B 136 26.02 6.87 -9.95
CA THR B 136 26.70 8.17 -10.12
C THR B 136 26.83 8.46 -11.62
N GLN B 137 27.24 7.45 -12.37
CA GLN B 137 27.42 7.61 -13.82
C GLN B 137 26.07 7.82 -14.55
N ALA B 138 25.04 7.10 -14.11
CA ALA B 138 23.67 7.29 -14.57
C ALA B 138 23.20 8.75 -14.44
N ARG B 139 23.37 9.33 -13.25
CA ARG B 139 23.00 10.71 -12.98
C ARG B 139 23.80 11.69 -13.84
N ALA B 140 25.08 11.40 -14.03
CA ALA B 140 25.94 12.24 -14.89
C ALA B 140 25.45 12.28 -16.34
N PHE B 141 25.10 11.11 -16.88
CA PHE B 141 24.51 11.03 -18.22
C PHE B 141 23.13 11.70 -18.24
N SER B 142 22.31 11.40 -17.22
CA SER B 142 20.99 12.02 -17.08
C SER B 142 21.03 13.55 -17.19
N ASN B 143 21.99 14.16 -16.49
CA ASN B 143 22.17 15.61 -16.48
C ASN B 143 22.60 16.22 -17.82
N SER B 144 22.96 15.38 -18.79
CA SER B 144 23.21 15.83 -20.17
C SER B 144 22.22 15.23 -21.15
N GLY B 145 21.08 14.78 -20.63
CA GLY B 145 19.97 14.30 -21.45
C GLY B 145 20.19 12.93 -22.08
N ARG B 146 21.16 12.17 -21.54
CA ARG B 146 21.62 10.96 -22.24
C ARG B 146 21.22 9.62 -21.62
N TYR B 147 20.50 9.65 -20.50
CA TYR B 147 20.08 8.44 -19.78
C TYR B 147 18.90 8.81 -18.88
N GLY B 148 18.10 7.82 -18.48
CA GLY B 148 16.98 8.04 -17.58
C GLY B 148 17.36 8.01 -16.10
N LEU B 149 16.36 7.80 -15.23
CA LEU B 149 16.58 7.86 -13.78
C LEU B 149 16.11 6.60 -13.05
N ASP B 150 15.76 5.58 -13.82
CA ASP B 150 15.36 4.29 -13.31
C ASP B 150 16.02 3.27 -14.21
N VAL B 151 16.43 2.16 -13.63
CA VAL B 151 17.19 1.14 -14.35
C VAL B 151 16.52 -0.23 -14.25
N TYR B 152 16.50 -0.96 -15.37
CA TYR B 152 16.00 -2.33 -15.39
C TYR B 152 17.05 -3.31 -14.84
N ALA B 153 17.32 -3.20 -13.54
CA ALA B 153 18.32 -4.01 -12.84
C ALA B 153 18.04 -3.96 -11.34
N PRO B 154 18.45 -4.99 -10.59
CA PRO B 154 19.23 -6.15 -11.04
C PRO B 154 18.41 -7.39 -11.43
N ASN B 155 18.97 -8.19 -12.32
CA ASN B 155 18.49 -9.54 -12.62
C ASN B 155 18.93 -10.44 -11.48
N VAL B 156 17.98 -10.96 -10.71
CA VAL B 156 18.29 -11.79 -9.54
C VAL B 156 17.60 -13.16 -9.52
N ASN B 157 17.03 -13.56 -10.64
CA ASN B 157 16.52 -14.92 -10.78
C ASN B 157 17.62 -15.93 -10.46
N GLY B 158 17.27 -16.98 -9.71
CA GLY B 158 18.23 -18.04 -9.41
C GLY B 158 18.66 -18.73 -10.71
N PHE B 159 19.96 -18.87 -10.90
CA PHE B 159 20.55 -19.57 -12.04
C PHE B 159 20.33 -21.08 -11.78
N ARG B 160 19.08 -21.54 -11.94
CA ARG B 160 18.70 -22.90 -11.53
C ARG B 160 19.16 -23.97 -12.54
N SER B 161 18.72 -23.85 -13.80
CA SER B 161 19.20 -24.75 -14.86
C SER B 161 20.49 -24.19 -15.43
N PRO B 162 21.56 -25.02 -15.45
CA PRO B 162 22.89 -24.57 -15.87
C PRO B 162 23.01 -24.15 -17.33
N LEU B 163 22.03 -24.47 -18.17
CA LEU B 163 22.12 -24.06 -19.58
C LEU B 163 21.47 -22.71 -19.90
N TRP B 164 20.96 -22.03 -18.87
CA TRP B 164 20.29 -20.74 -19.09
C TRP B 164 21.22 -19.74 -19.76
N GLY B 165 20.77 -19.20 -20.89
CA GLY B 165 21.54 -18.23 -21.65
C GLY B 165 21.78 -16.92 -20.93
N ARG B 166 21.09 -16.70 -19.82
CA ARG B 166 21.21 -15.43 -19.07
C ARG B 166 21.67 -15.58 -17.62
N GLY B 167 21.99 -16.81 -17.19
CA GLY B 167 22.53 -17.01 -15.85
C GLY B 167 23.77 -16.18 -15.57
N GLN B 168 24.52 -15.89 -16.63
CA GLN B 168 25.67 -14.97 -16.59
C GLN B 168 25.34 -13.61 -15.94
N GLU B 169 24.10 -13.16 -16.06
CA GLU B 169 23.67 -11.86 -15.56
C GLU B 169 23.42 -11.85 -14.03
N THR B 170 23.40 -13.03 -13.43
CA THR B 170 22.87 -13.18 -12.06
C THR B 170 23.98 -13.37 -11.04
N PRO B 171 23.66 -13.22 -9.74
CA PRO B 171 24.59 -13.60 -8.68
C PRO B 171 24.60 -15.09 -8.35
N GLY B 172 24.13 -15.94 -9.26
CA GLY B 172 24.32 -17.39 -9.11
C GLY B 172 23.09 -18.20 -8.77
N GLU B 173 23.30 -19.39 -8.22
CA GLU B 173 22.22 -20.35 -8.03
C GLU B 173 21.54 -20.34 -6.67
N ASP B 174 22.10 -19.60 -5.71
CA ASP B 174 21.51 -19.58 -4.39
C ASP B 174 20.58 -18.39 -4.21
N ALA B 175 19.31 -18.60 -4.59
CA ALA B 175 18.31 -17.53 -4.56
C ALA B 175 18.13 -16.97 -3.16
N PHE B 176 18.03 -17.86 -2.16
CA PHE B 176 17.69 -17.40 -0.82
C PHE B 176 18.70 -16.46 -0.17
N PHE B 177 19.96 -16.87 -0.08
CA PHE B 177 20.96 -16.05 0.62
C PHE B 177 21.90 -15.25 -0.28
N LEU B 178 22.66 -15.94 -1.12
CA LEU B 178 23.64 -15.25 -1.97
C LEU B 178 23.00 -14.25 -2.95
N SER B 179 21.93 -14.65 -3.62
CA SER B 179 21.27 -13.72 -4.56
C SER B 179 20.59 -12.56 -3.82
N SER B 180 20.03 -12.86 -2.64
CA SER B 180 19.34 -11.86 -1.82
C SER B 180 20.32 -10.82 -1.25
N ALA B 181 21.53 -11.26 -0.92
CA ALA B 181 22.60 -10.35 -0.49
C ALA B 181 23.02 -9.40 -1.61
N TYR B 182 23.23 -9.95 -2.81
CA TYR B 182 23.57 -9.13 -3.96
C TYR B 182 22.46 -8.12 -4.21
N THR B 183 21.21 -8.61 -4.22
CA THR B 183 20.01 -7.81 -4.40
C THR B 183 20.00 -6.60 -3.48
N TYR B 184 20.26 -6.83 -2.19
CA TYR B 184 20.30 -5.76 -1.22
C TYR B 184 21.43 -4.76 -1.49
N GLU B 185 22.65 -5.25 -1.65
CA GLU B 185 23.80 -4.36 -1.83
C GLU B 185 23.70 -3.53 -3.10
N TYR B 186 23.24 -4.16 -4.18
CA TYR B 186 23.13 -3.49 -5.47
C TYR B 186 22.00 -2.45 -5.47
N ILE B 187 20.82 -2.83 -4.97
CA ILE B 187 19.66 -1.92 -4.99
C ILE B 187 19.89 -0.69 -4.10
N THR B 188 20.47 -0.88 -2.92
CA THR B 188 20.73 0.27 -2.03
C THR B 188 21.83 1.18 -2.62
N GLY B 189 22.76 0.58 -3.36
CA GLY B 189 23.81 1.34 -4.04
C GLY B 189 23.23 2.13 -5.20
N ILE B 190 22.35 1.50 -5.96
CA ILE B 190 21.64 2.17 -7.04
C ILE B 190 20.76 3.31 -6.50
N GLN B 191 20.02 3.02 -5.43
CA GLN B 191 19.00 3.96 -4.95
C GLN B 191 19.54 5.03 -4.00
N GLY B 192 20.75 4.79 -3.48
CA GLY B 192 21.44 5.77 -2.63
C GLY B 192 21.05 5.65 -1.17
N GLY B 193 20.86 4.43 -0.70
CA GLY B 193 20.41 4.18 0.67
C GLY B 193 19.21 3.25 0.71
N VAL B 194 18.51 3.27 1.84
CA VAL B 194 17.34 2.43 2.08
C VAL B 194 16.08 3.31 2.03
N ASP B 195 15.42 3.32 0.88
CA ASP B 195 14.29 4.21 0.61
C ASP B 195 14.59 5.66 1.05
N PRO B 196 15.71 6.24 0.59
CA PRO B 196 16.00 7.60 1.04
C PRO B 196 14.97 8.57 0.47
N GLU B 197 14.72 9.67 1.18
CA GLU B 197 13.84 10.72 0.68
C GLU B 197 14.31 11.15 -0.72
N HIS B 198 15.60 11.46 -0.85
CA HIS B 198 16.18 11.82 -2.15
CA HIS B 198 16.15 11.81 -2.15
C HIS B 198 16.74 10.57 -2.82
N LEU B 199 15.98 10.01 -3.76
CA LEU B 199 16.38 8.81 -4.48
C LEU B 199 17.44 9.18 -5.48
N LYS B 200 18.47 8.35 -5.57
CA LYS B 200 19.53 8.57 -6.55
C LYS B 200 19.08 8.05 -7.91
N VAL B 201 18.88 6.74 -8.01
CA VAL B 201 18.33 6.11 -9.23
C VAL B 201 17.35 5.03 -8.78
N ALA B 202 16.20 4.91 -9.46
CA ALA B 202 15.24 3.86 -9.10
C ALA B 202 15.69 2.51 -9.67
N ALA B 203 15.75 1.50 -8.79
CA ALA B 203 16.08 0.14 -9.20
C ALA B 203 14.81 -0.57 -9.66
N THR B 204 14.96 -1.53 -10.56
CA THR B 204 13.85 -2.38 -11.02
C THR B 204 14.27 -3.85 -10.91
N VAL B 205 14.02 -4.46 -9.75
CA VAL B 205 14.36 -5.87 -9.53
C VAL B 205 13.58 -6.75 -10.53
N LYS B 206 14.26 -7.73 -11.10
CA LYS B 206 13.68 -8.54 -12.17
C LYS B 206 14.28 -9.96 -12.13
N HIS B 207 13.59 -10.97 -12.65
CA HIS B 207 12.29 -10.89 -13.31
C HIS B 207 11.26 -11.68 -12.49
N PHE B 208 10.14 -11.04 -12.15
CA PHE B 208 9.18 -11.60 -11.19
C PHE B 208 8.03 -12.28 -11.93
N ALA B 209 7.87 -13.60 -11.87
CA ALA B 209 8.72 -14.58 -11.19
C ALA B 209 8.65 -15.89 -11.99
N GLY B 210 9.56 -16.82 -11.68
CA GLY B 210 9.55 -18.15 -12.31
C GLY B 210 10.31 -18.18 -13.62
N TYR B 211 11.05 -17.11 -13.89
CA TYR B 211 11.78 -16.94 -15.15
C TYR B 211 13.24 -17.33 -15.00
N ASP B 212 13.65 -18.39 -15.70
CA ASP B 212 15.04 -18.83 -15.64
C ASP B 212 15.43 -19.68 -16.86
N LEU B 213 14.76 -19.45 -17.98
CA LEU B 213 15.06 -20.12 -19.25
C LEU B 213 14.69 -19.19 -20.41
N GLU B 214 15.42 -19.30 -21.51
CA GLU B 214 15.12 -18.50 -22.69
C GLU B 214 14.23 -19.25 -23.72
N ASN B 215 14.60 -20.49 -24.03
CA ASN B 215 13.94 -21.25 -25.08
C ASN B 215 14.32 -22.72 -25.07
N TRP B 216 14.61 -23.26 -23.89
CA TRP B 216 14.96 -24.68 -23.77
C TRP B 216 13.86 -25.53 -24.43
N ASN B 217 14.28 -26.52 -25.21
CA ASN B 217 13.37 -27.40 -25.95
C ASN B 217 12.47 -26.65 -26.92
N ASN B 218 12.96 -25.51 -27.42
CA ASN B 218 12.20 -24.63 -28.30
C ASN B 218 10.87 -24.16 -27.73
N GLN B 219 10.78 -24.14 -26.40
CA GLN B 219 9.65 -23.54 -25.72
C GLN B 219 10.12 -22.17 -25.23
N SER B 220 9.74 -21.13 -25.94
CA SER B 220 10.19 -19.77 -25.65
C SER B 220 9.63 -19.23 -24.34
N ARG B 221 10.48 -18.51 -23.61
CA ARG B 221 10.07 -17.76 -22.41
C ARG B 221 8.78 -16.95 -22.65
N LEU B 222 8.58 -16.48 -23.88
CA LEU B 222 7.44 -15.64 -24.21
C LEU B 222 6.10 -16.34 -23.97
N GLY B 223 6.08 -17.66 -24.16
CA GLY B 223 4.88 -18.47 -23.93
C GLY B 223 5.00 -19.50 -22.83
N PHE B 224 6.08 -19.44 -22.05
CA PHE B 224 6.36 -20.49 -21.08
C PHE B 224 5.40 -20.44 -19.89
N ASP B 225 4.85 -21.60 -19.53
CA ASP B 225 3.99 -21.73 -18.37
CA ASP B 225 4.00 -21.71 -18.34
C ASP B 225 4.69 -22.57 -17.31
N ALA B 226 5.30 -21.92 -16.32
CA ALA B 226 5.98 -22.62 -15.24
C ALA B 226 4.97 -23.21 -14.25
N ILE B 227 5.15 -24.50 -13.94
CA ILE B 227 4.36 -25.17 -12.91
C ILE B 227 5.27 -25.26 -11.69
N ILE B 228 4.93 -24.50 -10.65
CA ILE B 228 5.79 -24.37 -9.49
C ILE B 228 4.93 -24.60 -8.26
N THR B 229 5.43 -25.38 -7.30
CA THR B 229 4.69 -25.58 -6.06
C THR B 229 4.76 -24.31 -5.23
N GLN B 230 3.80 -24.15 -4.33
CA GLN B 230 3.81 -23.03 -3.40
C GLN B 230 5.08 -23.05 -2.53
N GLN B 231 5.50 -24.25 -2.13
CA GLN B 231 6.74 -24.42 -1.38
C GLN B 231 7.95 -23.85 -2.14
N ASP B 232 8.13 -24.27 -3.39
CA ASP B 232 9.24 -23.80 -4.22
C ASP B 232 9.16 -22.31 -4.52
N LEU B 233 7.94 -21.83 -4.72
CA LEU B 233 7.69 -20.41 -4.97
C LEU B 233 8.20 -19.57 -3.81
N SER B 234 7.83 -19.97 -2.58
CA SER B 234 8.33 -19.30 -1.36
C SER B 234 9.82 -19.53 -1.11
N GLU B 235 10.27 -20.76 -1.33
CA GLU B 235 11.62 -21.18 -0.94
C GLU B 235 12.73 -20.76 -1.90
N TYR B 236 12.43 -20.83 -3.20
CA TYR B 236 13.44 -20.64 -4.23
C TYR B 236 13.18 -19.53 -5.25
N TYR B 237 11.95 -19.38 -5.70
CA TYR B 237 11.68 -18.45 -6.79
C TYR B 237 11.39 -17.01 -6.36
N THR B 238 11.10 -16.79 -5.07
CA THR B 238 10.76 -15.44 -4.60
C THR B 238 11.54 -14.83 -3.44
N PRO B 239 12.43 -15.58 -2.74
CA PRO B 239 12.98 -14.97 -1.52
C PRO B 239 13.80 -13.70 -1.80
N GLN B 240 14.41 -13.64 -2.98
CA GLN B 240 15.18 -12.47 -3.38
C GLN B 240 14.29 -11.27 -3.68
N PHE B 241 13.04 -11.54 -4.05
CA PHE B 241 12.06 -10.49 -4.29
C PHE B 241 11.46 -9.97 -2.98
N LEU B 242 11.26 -10.86 -2.01
CA LEU B 242 10.97 -10.40 -0.65
C LEU B 242 12.09 -9.44 -0.18
N ALA B 243 13.34 -9.86 -0.33
CA ALA B 243 14.50 -9.03 0.07
C ALA B 243 14.50 -7.65 -0.60
N ALA B 244 14.29 -7.62 -1.92
CA ALA B 244 14.22 -6.38 -2.69
C ALA B 244 13.14 -5.42 -2.19
N ALA B 245 11.95 -5.95 -1.98
CA ALA B 245 10.79 -5.15 -1.56
C ALA B 245 10.89 -4.75 -0.10
N ARG B 246 11.18 -5.71 0.79
CA ARG B 246 11.12 -5.45 2.22
C ARG B 246 12.35 -4.74 2.75
N TYR B 247 13.53 -5.29 2.46
CA TYR B 247 14.77 -4.78 3.04
C TYR B 247 15.36 -3.66 2.19
N ALA B 248 15.47 -3.90 0.89
CA ALA B 248 16.08 -2.94 -0.01
C ALA B 248 15.13 -1.78 -0.40
N LYS B 249 13.82 -1.99 -0.19
CA LYS B 249 12.81 -1.03 -0.61
C LYS B 249 13.01 -0.57 -2.06
N SER B 250 13.17 -1.54 -2.96
CA SER B 250 13.24 -1.29 -4.41
C SER B 250 12.03 -0.47 -4.84
N ARG B 251 12.26 0.57 -5.65
CA ARG B 251 11.18 1.47 -6.07
C ARG B 251 10.37 0.90 -7.23
N SER B 252 10.99 -0.03 -7.96
CA SER B 252 10.33 -0.63 -9.09
C SER B 252 10.64 -2.12 -9.14
N LEU B 253 9.89 -2.83 -9.97
CA LEU B 253 10.05 -4.25 -10.15
C LEU B 253 9.54 -4.53 -11.55
N MET B 254 10.10 -5.56 -12.18
CA MET B 254 9.70 -5.95 -13.52
C MET B 254 9.05 -7.33 -13.49
N CYS B 255 7.84 -7.42 -14.06
CA CYS B 255 7.16 -8.70 -14.15
C CYS B 255 7.58 -9.45 -15.43
N ALA B 256 7.69 -10.78 -15.30
CA ALA B 256 8.29 -11.62 -16.34
C ALA B 256 7.35 -11.96 -17.50
N TYR B 257 7.94 -12.39 -18.63
CA TYR B 257 7.18 -12.91 -19.80
C TYR B 257 6.31 -14.10 -19.44
N ASN B 258 6.81 -14.95 -18.56
CA ASN B 258 6.21 -16.26 -18.38
C ASN B 258 5.02 -16.27 -17.46
N SER B 259 4.21 -17.31 -17.59
CA SER B 259 3.16 -17.58 -16.66
C SER B 259 3.68 -18.44 -15.54
N VAL B 260 2.99 -18.40 -14.41
CA VAL B 260 3.25 -19.32 -13.31
C VAL B 260 1.91 -19.89 -12.90
N ASN B 261 1.82 -21.22 -12.94
CA ASN B 261 0.58 -21.93 -12.65
C ASN B 261 -0.61 -21.33 -13.40
N GLY B 262 -0.42 -21.13 -14.71
CA GLY B 262 -1.49 -20.70 -15.62
C GLY B 262 -1.80 -19.20 -15.66
N VAL B 263 -1.07 -18.39 -14.90
CA VAL B 263 -1.35 -16.95 -14.86
C VAL B 263 -0.09 -16.14 -15.24
N PRO B 264 -0.14 -15.40 -16.37
CA PRO B 264 1.02 -14.57 -16.74
C PRO B 264 1.44 -13.65 -15.60
N SER B 265 2.74 -13.53 -15.38
CA SER B 265 3.28 -12.74 -14.27
C SER B 265 2.74 -11.31 -14.24
N CYS B 266 2.65 -10.68 -15.42
CA CYS B 266 2.20 -9.29 -15.49
C CYS B 266 0.68 -9.14 -15.31
N ALA B 267 -0.05 -10.25 -15.42
CA ALA B 267 -1.49 -10.26 -15.14
C ALA B 267 -1.83 -11.00 -13.84
N ASN B 268 -0.83 -11.12 -12.96
CA ASN B 268 -0.90 -11.96 -11.76
C ASN B 268 -1.05 -11.15 -10.45
N SER B 269 -2.29 -10.98 -9.99
CA SER B 269 -2.54 -10.14 -8.81
C SER B 269 -1.99 -10.76 -7.53
N PHE B 270 -1.98 -12.09 -7.46
CA PHE B 270 -1.33 -12.81 -6.36
C PHE B 270 0.12 -12.36 -6.22
N PHE B 271 0.85 -12.31 -7.34
CA PHE B 271 2.22 -11.83 -7.35
C PHE B 271 2.30 -10.33 -7.05
N LEU B 272 1.58 -9.53 -7.83
CA LEU B 272 1.81 -8.09 -7.86
C LEU B 272 1.16 -7.30 -6.72
N GLN B 273 0.13 -7.89 -6.11
CA GLN B 273 -0.61 -7.25 -5.01
CA GLN B 273 -0.56 -7.24 -5.00
C GLN B 273 -0.42 -8.02 -3.69
N THR B 274 -0.88 -9.27 -3.69
CA THR B 274 -0.89 -10.07 -2.46
C THR B 274 0.49 -10.27 -1.88
N LEU B 275 1.41 -10.80 -2.69
CA LEU B 275 2.78 -11.01 -2.26
C LEU B 275 3.55 -9.69 -2.19
N LEU B 276 3.71 -9.04 -3.34
CA LEU B 276 4.60 -7.89 -3.47
C LEU B 276 4.23 -6.76 -2.51
N ARG B 277 2.96 -6.36 -2.50
CA ARG B 277 2.56 -5.22 -1.71
C ARG B 277 2.15 -5.58 -0.28
N GLU B 278 1.26 -6.56 -0.13
CA GLU B 278 0.70 -6.89 1.18
C GLU B 278 1.62 -7.71 2.06
N SER B 279 2.43 -8.57 1.46
CA SER B 279 3.32 -9.43 2.24
C SER B 279 4.71 -8.83 2.50
N TRP B 280 5.27 -8.15 1.50
CA TRP B 280 6.68 -7.74 1.58
C TRP B 280 6.89 -6.23 1.68
N GLY B 281 5.81 -5.46 1.72
CA GLY B 281 5.91 -4.01 1.92
C GLY B 281 6.65 -3.24 0.81
N PHE B 282 6.45 -3.66 -0.43
CA PHE B 282 6.89 -2.89 -1.60
C PHE B 282 6.29 -1.47 -1.50
N PRO B 283 7.10 -0.42 -1.73
CA PRO B 283 6.61 0.95 -1.52
C PRO B 283 5.23 1.26 -2.16
N GLU B 284 4.39 1.95 -1.38
CA GLU B 284 3.05 2.31 -1.81
CA GLU B 284 3.05 2.39 -1.78
C GLU B 284 3.05 2.92 -3.21
N TRP B 285 3.97 3.85 -3.47
CA TRP B 285 4.05 4.53 -4.76
C TRP B 285 5.23 4.06 -5.60
N GLY B 286 5.72 2.87 -5.32
CA GLY B 286 6.59 2.15 -6.24
C GLY B 286 5.75 1.80 -7.45
N TYR B 287 6.40 1.40 -8.55
CA TYR B 287 5.66 1.03 -9.76
C TYR B 287 6.23 -0.21 -10.39
N VAL B 288 5.38 -0.93 -11.11
CA VAL B 288 5.76 -2.16 -11.80
C VAL B 288 5.84 -1.91 -13.30
N SER B 289 6.96 -2.30 -13.90
CA SER B 289 7.11 -2.31 -15.34
C SER B 289 7.07 -3.74 -15.83
N SER B 290 6.48 -3.94 -17.02
CA SER B 290 6.57 -5.25 -17.67
C SER B 290 7.95 -5.42 -18.27
N ASP B 291 8.28 -6.66 -18.61
CA ASP B 291 9.38 -6.90 -19.54
C ASP B 291 8.94 -6.51 -20.96
N CYS B 292 9.88 -6.51 -21.90
CA CYS B 292 9.63 -6.01 -23.25
C CYS B 292 9.33 -7.13 -24.27
N ASP B 293 8.07 -7.35 -24.68
CA ASP B 293 6.85 -6.72 -24.16
C ASP B 293 5.94 -7.80 -23.57
N ALA B 294 6.07 -8.07 -22.26
CA ALA B 294 5.29 -9.13 -21.61
C ALA B 294 3.77 -8.90 -21.64
N VAL B 295 3.35 -7.64 -21.70
CA VAL B 295 1.93 -7.33 -21.80
C VAL B 295 1.33 -7.91 -23.09
N TYR B 296 2.04 -7.71 -24.21
CA TYR B 296 1.67 -8.31 -25.49
C TYR B 296 1.54 -9.84 -25.36
N ASN B 297 2.48 -10.45 -24.67
CA ASN B 297 2.52 -11.91 -24.51
C ASN B 297 1.39 -12.51 -23.67
N VAL B 298 0.73 -11.68 -22.86
CA VAL B 298 -0.49 -12.09 -22.17
C VAL B 298 -1.54 -12.54 -23.21
N PHE B 299 -1.56 -11.86 -24.35
CA PHE B 299 -2.45 -12.19 -25.45
C PHE B 299 -1.77 -13.24 -26.35
N ASN B 300 -0.64 -12.85 -26.92
CA ASN B 300 0.09 -13.71 -27.85
C ASN B 300 1.52 -13.93 -27.38
N PRO B 301 1.87 -15.17 -27.00
CA PRO B 301 1.10 -16.40 -27.22
C PRO B 301 0.31 -16.99 -26.02
N HIS B 302 0.31 -16.36 -24.85
CA HIS B 302 -0.30 -17.03 -23.67
C HIS B 302 -1.80 -17.30 -23.79
N ASP B 303 -2.51 -16.48 -24.56
CA ASP B 303 -3.96 -16.63 -24.75
C ASP B 303 -4.76 -16.46 -23.45
N TYR B 304 -4.16 -15.79 -22.47
CA TYR B 304 -4.85 -15.44 -21.22
C TYR B 304 -5.84 -14.31 -21.47
N ALA B 305 -5.57 -13.51 -22.50
CA ALA B 305 -6.52 -12.53 -23.01
C ALA B 305 -6.69 -12.77 -24.51
N SER B 306 -7.82 -12.34 -25.08
CA SER B 306 -8.11 -12.66 -26.48
C SER B 306 -7.60 -11.65 -27.50
N ASN B 307 -7.14 -10.50 -27.01
CA ASN B 307 -6.65 -9.41 -27.86
C ASN B 307 -5.78 -8.47 -27.02
N GLN B 308 -5.16 -7.51 -27.68
CA GLN B 308 -4.29 -6.55 -27.03
C GLN B 308 -5.03 -5.61 -26.07
N SER B 309 -6.26 -5.23 -26.39
CA SER B 309 -7.04 -4.36 -25.50
CA SER B 309 -7.06 -4.38 -25.51
C SER B 309 -7.28 -5.06 -24.15
N SER B 310 -7.64 -6.34 -24.19
CA SER B 310 -7.90 -7.13 -22.99
CA SER B 310 -7.90 -7.10 -22.97
C SER B 310 -6.64 -7.48 -22.22
N ALA B 311 -5.55 -7.69 -22.95
CA ALA B 311 -4.26 -7.97 -22.34
C ALA B 311 -3.79 -6.75 -21.55
N ALA B 312 -3.98 -5.56 -22.12
CA ALA B 312 -3.60 -4.31 -21.47
C ALA B 312 -4.43 -4.12 -20.20
N ALA B 313 -5.74 -4.31 -20.31
CA ALA B 313 -6.65 -4.16 -19.19
C ALA B 313 -6.30 -5.07 -18.01
N SER B 314 -6.08 -6.34 -18.34
CA SER B 314 -5.79 -7.37 -17.33
CA SER B 314 -5.78 -7.37 -17.33
C SER B 314 -4.45 -7.13 -16.62
N SER B 315 -3.43 -6.76 -17.39
CA SER B 315 -2.12 -6.45 -16.83
C SER B 315 -2.19 -5.21 -15.93
N LEU B 316 -2.85 -4.16 -16.40
CA LEU B 316 -3.01 -2.93 -15.62
C LEU B 316 -3.75 -3.17 -14.31
N ARG B 317 -4.87 -3.89 -14.37
CA ARG B 317 -5.69 -4.16 -13.19
C ARG B 317 -4.98 -5.07 -12.19
N ALA B 318 -4.15 -5.98 -12.68
CA ALA B 318 -3.35 -6.86 -11.80
C ALA B 318 -2.22 -6.13 -11.05
N GLY B 319 -1.75 -5.00 -11.58
CA GLY B 319 -0.71 -4.23 -10.92
C GLY B 319 0.51 -3.83 -11.77
N THR B 320 0.43 -4.02 -13.08
CA THR B 320 1.51 -3.61 -13.99
C THR B 320 1.25 -2.16 -14.44
N ASP B 321 2.20 -1.28 -14.15
CA ASP B 321 1.99 0.17 -14.33
C ASP B 321 2.51 0.72 -15.66
N ILE B 322 3.72 0.31 -16.02
CA ILE B 322 4.37 0.74 -17.25
C ILE B 322 4.59 -0.47 -18.15
N ASP B 323 4.30 -0.29 -19.43
CA ASP B 323 4.55 -1.30 -20.44
C ASP B 323 5.85 -0.98 -21.19
N CYS B 324 6.79 -1.91 -21.17
CA CYS B 324 7.90 -1.86 -22.10
C CYS B 324 7.40 -2.42 -23.44
N GLY B 325 6.83 -1.55 -24.26
CA GLY B 325 6.19 -1.94 -25.50
C GLY B 325 5.03 -1.03 -25.82
N GLN B 326 4.27 -1.38 -26.84
CA GLN B 326 3.23 -0.51 -27.36
C GLN B 326 1.81 -1.03 -27.13
N THR B 327 1.70 -2.16 -26.44
CA THR B 327 0.38 -2.71 -26.09
C THR B 327 -0.45 -1.70 -25.28
N TYR B 328 0.13 -1.13 -24.21
CA TYR B 328 -0.54 -0.08 -23.43
C TYR B 328 -0.89 1.19 -24.24
N PRO B 329 0.13 1.89 -24.78
CA PRO B 329 -0.17 3.18 -25.41
C PRO B 329 -1.06 3.07 -26.66
N TRP B 330 -1.06 1.92 -27.34
CA TRP B 330 -1.84 1.80 -28.58
C TRP B 330 -3.12 1.00 -28.41
N HIS B 331 -3.39 0.48 -27.22
CA HIS B 331 -4.61 -0.32 -26.99
C HIS B 331 -5.37 -0.03 -25.70
N LEU B 332 -4.78 0.71 -24.76
CA LEU B 332 -5.53 1.09 -23.54
C LEU B 332 -6.67 2.05 -23.88
N ASN B 333 -6.53 2.79 -24.98
CA ASN B 333 -7.62 3.62 -25.48
C ASN B 333 -8.83 2.76 -25.79
N GLU B 334 -8.59 1.61 -26.41
CA GLU B 334 -9.62 0.63 -26.72
C GLU B 334 -10.18 0.00 -25.44
N SER B 335 -9.30 -0.26 -24.47
CA SER B 335 -9.72 -0.83 -23.18
C SER B 335 -10.71 0.10 -22.50
N PHE B 336 -10.37 1.39 -22.46
CA PHE B 336 -11.25 2.42 -21.91
C PHE B 336 -12.60 2.43 -22.63
N VAL B 337 -12.57 2.46 -23.97
CA VAL B 337 -13.78 2.47 -24.79
C VAL B 337 -14.67 1.23 -24.51
N ALA B 338 -14.04 0.08 -24.30
CA ALA B 338 -14.76 -1.15 -24.04
C ALA B 338 -15.24 -1.26 -22.59
N GLY B 339 -14.89 -0.27 -21.75
CA GLY B 339 -15.24 -0.26 -20.33
C GLY B 339 -14.43 -1.23 -19.46
N GLU B 340 -13.30 -1.70 -19.99
CA GLU B 340 -12.45 -2.67 -19.31
C GLU B 340 -11.55 -1.98 -18.25
N VAL B 341 -11.22 -0.71 -18.46
CA VAL B 341 -10.46 0.06 -17.46
C VAL B 341 -11.15 1.39 -17.18
N SER B 342 -10.86 1.97 -16.01
CA SER B 342 -11.29 3.33 -15.67
C SER B 342 -10.12 4.29 -15.88
N ARG B 343 -10.43 5.58 -16.03
CA ARG B 343 -9.34 6.57 -16.10
C ARG B 343 -8.59 6.58 -14.76
N GLY B 344 -9.28 6.22 -13.68
CA GLY B 344 -8.66 6.13 -12.36
C GLY B 344 -7.51 5.14 -12.30
N GLU B 345 -7.70 3.97 -12.93
CA GLU B 345 -6.70 2.91 -12.96
C GLU B 345 -5.48 3.34 -13.75
N ILE B 346 -5.72 4.00 -14.88
CA ILE B 346 -4.64 4.52 -15.72
C ILE B 346 -3.88 5.64 -15.00
N GLU B 347 -4.61 6.57 -14.39
CA GLU B 347 -3.99 7.67 -13.65
C GLU B 347 -3.06 7.22 -12.52
N ARG B 348 -3.48 6.20 -11.79
CA ARG B 348 -2.68 5.67 -10.67
C ARG B 348 -1.29 5.25 -11.15
N SER B 349 -1.24 4.51 -12.25
CA SER B 349 0.01 4.01 -12.80
CA SER B 349 0.02 4.01 -12.78
C SER B 349 0.96 5.13 -13.25
N VAL B 350 0.41 6.14 -13.92
CA VAL B 350 1.25 7.27 -14.35
C VAL B 350 1.67 8.10 -13.13
N THR B 351 0.77 8.23 -12.16
CA THR B 351 1.08 8.96 -10.94
C THR B 351 2.21 8.24 -10.21
N ARG B 352 2.15 6.92 -10.17
CA ARG B 352 3.20 6.09 -9.58
C ARG B 352 4.56 6.39 -10.20
N LEU B 353 4.65 6.35 -11.52
CA LEU B 353 5.91 6.71 -12.19
C LEU B 353 6.37 8.11 -11.78
N TYR B 354 5.48 9.10 -11.91
CA TYR B 354 5.90 10.47 -11.63
C TYR B 354 6.17 10.76 -10.16
N ALA B 355 5.57 9.99 -9.26
CA ALA B 355 5.87 10.12 -7.84
C ALA B 355 7.36 9.80 -7.61
N ASN B 356 7.86 8.79 -8.30
CA ASN B 356 9.27 8.42 -8.22
C ASN B 356 10.18 9.47 -8.87
N LEU B 357 9.76 9.95 -10.04
CA LEU B 357 10.48 11.04 -10.71
C LEU B 357 10.59 12.28 -9.80
N VAL B 358 9.52 12.61 -9.08
CA VAL B 358 9.61 13.69 -8.09
C VAL B 358 10.68 13.38 -7.04
N ARG B 359 10.63 12.19 -6.46
CA ARG B 359 11.62 11.77 -5.47
C ARG B 359 13.04 11.74 -6.02
N LEU B 360 13.18 11.55 -7.33
CA LEU B 360 14.49 11.51 -7.97
C LEU B 360 15.05 12.89 -8.32
N GLY B 361 14.29 13.94 -7.98
CA GLY B 361 14.73 15.32 -8.23
C GLY B 361 14.52 15.80 -9.67
N TYR B 362 13.61 15.13 -10.38
CA TYR B 362 13.29 15.47 -11.77
C TYR B 362 12.72 16.89 -11.91
N PHE B 363 12.15 17.41 -10.82
CA PHE B 363 11.51 18.73 -10.85
C PHE B 363 12.26 19.78 -10.04
N ASP B 364 13.35 19.38 -9.40
CA ASP B 364 14.13 20.23 -8.50
C ASP B 364 15.57 20.41 -8.99
N LYS B 365 15.83 21.53 -9.66
CA LYS B 365 17.16 21.75 -10.24
C LYS B 365 18.27 21.82 -9.18
N LYS B 366 17.91 22.10 -7.94
CA LYS B 366 18.90 22.21 -6.86
C LYS B 366 19.15 20.88 -6.16
N ASN B 367 18.50 19.81 -6.61
CA ASN B 367 18.72 18.47 -6.09
C ASN B 367 20.20 18.10 -6.12
N GLN B 368 20.66 17.44 -5.05
CA GLN B 368 22.06 17.04 -4.88
C GLN B 368 22.65 16.31 -6.10
N TYR B 369 21.82 15.53 -6.80
CA TYR B 369 22.32 14.69 -7.88
C TYR B 369 22.30 15.34 -9.26
N ARG B 370 21.71 16.53 -9.35
CA ARG B 370 21.53 17.26 -10.61
C ARG B 370 22.77 18.01 -11.08
N SER B 371 23.84 18.01 -10.28
CA SER B 371 25.07 18.68 -10.67
CA SER B 371 25.09 18.68 -10.64
C SER B 371 26.17 17.71 -11.11
N LEU B 372 25.95 16.41 -10.90
CA LEU B 372 26.91 15.39 -11.36
C LEU B 372 27.12 15.48 -12.88
N GLY B 373 28.37 15.31 -13.32
CA GLY B 373 28.70 15.53 -14.72
C GLY B 373 29.74 14.58 -15.27
N TRP B 374 30.24 14.87 -16.48
CA TRP B 374 31.24 14.00 -17.11
C TRP B 374 32.47 13.76 -16.23
N LYS B 375 32.91 14.78 -15.51
CA LYS B 375 34.08 14.65 -14.62
C LYS B 375 33.90 13.56 -13.57
N ASP B 376 32.65 13.35 -13.18
CA ASP B 376 32.30 12.33 -12.19
C ASP B 376 32.34 10.93 -12.79
N VAL B 377 32.09 10.83 -14.09
CA VAL B 377 32.27 9.55 -14.79
C VAL B 377 33.76 9.23 -14.87
N VAL B 378 34.53 10.21 -15.32
CA VAL B 378 35.99 10.08 -15.41
C VAL B 378 36.56 9.69 -14.04
N LYS B 379 36.17 10.40 -12.99
CA LYS B 379 36.67 10.15 -11.63
C LYS B 379 36.34 8.74 -11.13
N THR B 380 35.06 8.35 -11.20
CA THR B 380 34.66 7.05 -10.68
C THR B 380 35.24 5.91 -11.51
N ASP B 381 35.32 6.09 -12.82
CA ASP B 381 35.93 5.08 -13.69
C ASP B 381 37.40 4.86 -13.31
N ALA B 382 38.12 5.96 -13.06
CA ALA B 382 39.54 5.90 -12.71
C ALA B 382 39.85 5.23 -11.38
N TRP B 383 38.86 5.11 -10.48
CA TRP B 383 39.01 4.28 -9.28
C TRP B 383 39.30 2.80 -9.61
N ASN B 384 38.97 2.37 -10.82
CA ASN B 384 39.28 1.00 -11.29
C ASN B 384 38.66 -0.09 -10.41
N ILE B 385 37.42 0.14 -9.99
CA ILE B 385 36.64 -0.87 -9.27
C ILE B 385 36.21 -2.01 -10.22
N SER B 386 36.12 -1.73 -11.52
CA SER B 386 35.89 -2.79 -12.51
C SER B 386 37.02 -3.81 -12.47
N TYR B 387 38.25 -3.33 -12.65
CA TYR B 387 39.45 -4.15 -12.46
C TYR B 387 39.42 -4.90 -11.12
N GLU B 388 39.11 -4.16 -10.05
CA GLU B 388 39.15 -4.72 -8.70
C GLU B 388 38.15 -5.87 -8.50
N ALA B 389 36.95 -5.69 -9.05
CA ALA B 389 35.91 -6.71 -8.97
C ALA B 389 36.37 -7.99 -9.66
N ALA B 390 36.92 -7.84 -10.86
CA ALA B 390 37.42 -8.98 -11.62
C ALA B 390 38.52 -9.72 -10.85
N VAL B 391 39.48 -8.98 -10.32
CA VAL B 391 40.60 -9.59 -9.58
C VAL B 391 40.14 -10.27 -8.29
N GLU B 392 39.09 -9.73 -7.66
CA GLU B 392 38.52 -10.34 -6.46
C GLU B 392 37.70 -11.59 -6.78
N GLY B 393 37.08 -11.62 -7.96
CA GLY B 393 36.10 -12.64 -8.31
C GLY B 393 36.66 -13.89 -8.96
N ILE B 394 37.76 -13.74 -9.70
CA ILE B 394 38.43 -14.85 -10.39
C ILE B 394 38.59 -16.06 -9.46
N VAL B 395 38.25 -17.25 -9.96
CA VAL B 395 38.22 -18.46 -9.15
C VAL B 395 39.32 -19.44 -9.55
N LEU B 396 40.19 -19.77 -8.61
CA LEU B 396 41.20 -20.80 -8.84
C LEU B 396 40.61 -22.16 -8.47
N LEU B 397 40.41 -23.00 -9.48
CA LEU B 397 39.76 -24.31 -9.31
C LEU B 397 40.73 -25.46 -9.07
N LYS B 398 41.85 -25.43 -9.80
CA LYS B 398 42.85 -26.50 -9.75
C LYS B 398 44.22 -25.84 -9.85
N ASN B 399 45.17 -26.29 -9.04
CA ASN B 399 46.56 -25.82 -9.06
C ASN B 399 47.51 -26.75 -8.33
N ASP B 400 48.74 -26.88 -8.85
CA ASP B 400 49.78 -27.71 -8.21
C ASP B 400 51.02 -26.89 -7.78
N GLY B 401 51.02 -25.59 -8.07
CA GLY B 401 52.19 -24.76 -7.79
C GLY B 401 52.63 -24.02 -9.03
N THR B 402 52.06 -24.39 -10.18
CA THR B 402 52.35 -23.75 -11.46
C THR B 402 51.90 -22.29 -11.45
N LEU B 403 50.77 -22.03 -10.81
CA LEU B 403 50.36 -20.66 -10.53
C LEU B 403 50.70 -20.31 -9.07
N PRO B 404 51.20 -19.09 -8.81
CA PRO B 404 51.51 -18.07 -9.82
C PRO B 404 52.73 -18.45 -10.67
N LEU B 405 52.77 -17.96 -11.91
CA LEU B 405 53.88 -18.21 -12.82
C LEU B 405 55.20 -17.76 -12.20
N SER B 406 56.14 -18.68 -12.07
CA SER B 406 57.47 -18.38 -11.50
C SER B 406 58.26 -17.46 -12.42
N LYS B 407 59.32 -16.88 -11.86
CA LYS B 407 60.20 -15.97 -12.61
C LYS B 407 60.91 -16.67 -13.76
N LYS B 408 61.01 -18.00 -13.66
CA LYS B 408 61.56 -18.86 -14.71
C LYS B 408 60.73 -18.78 -16.02
N VAL B 409 59.45 -18.40 -15.90
CA VAL B 409 58.57 -18.28 -17.05
C VAL B 409 58.75 -16.94 -17.76
N ARG B 410 59.42 -16.97 -18.91
CA ARG B 410 59.75 -15.77 -19.68
C ARG B 410 58.89 -15.68 -20.93
N SER B 411 58.69 -16.81 -21.60
CA SER B 411 57.83 -16.87 -22.77
C SER B 411 56.58 -17.68 -22.45
N ILE B 412 55.47 -17.31 -23.09
CA ILE B 412 54.23 -18.07 -22.95
C ILE B 412 53.57 -18.27 -24.30
N ALA B 413 53.01 -19.45 -24.47
CA ALA B 413 52.14 -19.74 -25.60
C ALA B 413 50.72 -19.38 -25.16
N LEU B 414 50.20 -18.31 -25.73
CA LEU B 414 48.86 -17.81 -25.40
C LEU B 414 47.88 -18.35 -26.44
N ILE B 415 47.15 -19.38 -26.06
CA ILE B 415 46.29 -20.11 -27.01
C ILE B 415 44.81 -19.96 -26.62
N GLY B 416 43.95 -19.87 -27.62
CA GLY B 416 42.52 -19.99 -27.36
C GLY B 416 41.64 -18.90 -27.92
N PRO B 417 40.34 -19.21 -28.06
CA PRO B 417 39.37 -18.27 -28.62
C PRO B 417 39.05 -17.08 -27.70
N TRP B 418 39.54 -17.14 -26.47
CA TRP B 418 39.42 -16.05 -25.50
C TRP B 418 40.75 -15.31 -25.26
N ALA B 419 41.80 -15.70 -25.98
CA ALA B 419 43.15 -15.14 -25.75
C ALA B 419 43.26 -13.66 -26.12
N ASN B 420 42.60 -13.24 -27.20
CA ASN B 420 42.61 -11.82 -27.60
C ASN B 420 41.28 -11.13 -27.33
N ALA B 421 40.61 -11.59 -26.29
CA ALA B 421 39.27 -11.15 -25.93
C ALA B 421 39.21 -9.66 -25.63
N THR B 422 38.32 -8.96 -26.32
CA THR B 422 37.99 -7.58 -26.01
C THR B 422 36.48 -7.46 -25.67
N THR B 423 35.61 -7.41 -26.69
CA THR B 423 34.17 -7.30 -26.43
C THR B 423 33.60 -8.53 -25.69
N GLN B 424 34.23 -9.69 -25.90
CA GLN B 424 33.85 -10.91 -25.19
C GLN B 424 33.88 -10.74 -23.67
N MET B 425 34.83 -9.93 -23.21
CA MET B 425 34.99 -9.63 -21.78
C MET B 425 33.81 -8.87 -21.18
N GLN B 426 33.01 -8.22 -22.04
CA GLN B 426 31.89 -7.41 -21.58
C GLN B 426 30.56 -8.15 -21.41
N GLY B 427 30.52 -9.43 -21.79
CA GLY B 427 29.29 -10.21 -21.65
C GLY B 427 28.16 -9.66 -22.48
N ASN B 428 27.05 -9.29 -21.82
CA ASN B 428 25.93 -8.66 -22.54
C ASN B 428 25.46 -7.37 -21.87
N TYR B 429 24.47 -6.72 -22.46
CA TYR B 429 23.96 -5.44 -21.94
C TYR B 429 25.08 -4.46 -21.58
N TYR B 430 26.00 -4.25 -22.51
CA TYR B 430 27.14 -3.35 -22.28
C TYR B 430 27.12 -2.21 -23.28
N GLY B 431 27.53 -1.04 -22.81
CA GLY B 431 27.75 0.11 -23.69
C GLY B 431 29.24 0.22 -24.00
N PRO B 432 29.64 1.21 -24.82
CA PRO B 432 31.05 1.37 -25.12
C PRO B 432 31.84 1.58 -23.84
N ALA B 433 33.01 0.94 -23.74
CA ALA B 433 33.89 1.07 -22.60
C ALA B 433 34.98 2.13 -22.89
N PRO B 434 35.66 2.65 -21.84
CA PRO B 434 36.77 3.58 -22.09
C PRO B 434 37.90 2.93 -22.89
N TYR B 435 38.13 1.64 -22.62
CA TYR B 435 39.16 0.84 -23.26
C TYR B 435 38.78 -0.61 -22.98
N LEU B 436 39.47 -1.56 -23.62
CA LEU B 436 39.35 -2.97 -23.28
C LEU B 436 40.72 -3.60 -23.33
N ILE B 437 41.25 -4.01 -22.19
CA ILE B 437 42.57 -4.59 -22.12
C ILE B 437 42.49 -6.12 -22.27
N SER B 438 42.77 -6.61 -23.47
CA SER B 438 42.77 -8.06 -23.75
C SER B 438 43.79 -8.82 -22.90
N PRO B 439 43.58 -10.14 -22.70
CA PRO B 439 44.61 -10.94 -22.01
C PRO B 439 45.96 -10.91 -22.76
N LEU B 440 45.90 -10.83 -24.09
CA LEU B 440 47.09 -10.69 -24.94
C LEU B 440 47.85 -9.37 -24.68
N GLU B 441 47.14 -8.24 -24.71
CA GLU B 441 47.79 -6.95 -24.45
C GLU B 441 48.37 -6.95 -23.05
N ALA B 442 47.62 -7.51 -22.11
CA ALA B 442 48.03 -7.60 -20.70
C ALA B 442 49.28 -8.43 -20.48
N ALA B 443 49.37 -9.59 -21.13
CA ALA B 443 50.54 -10.45 -21.00
C ALA B 443 51.80 -9.74 -21.51
N LYS B 444 51.66 -9.07 -22.65
CA LYS B 444 52.73 -8.25 -23.21
C LYS B 444 53.13 -7.09 -22.29
N LYS B 445 52.15 -6.42 -21.68
CA LYS B 445 52.42 -5.33 -20.74
C LYS B 445 53.17 -5.83 -19.51
N ALA B 446 52.86 -7.05 -19.08
CA ALA B 446 53.45 -7.64 -17.88
C ALA B 446 54.87 -8.16 -18.12
N GLY B 447 55.32 -8.16 -19.37
CA GLY B 447 56.71 -8.47 -19.67
C GLY B 447 57.04 -9.84 -20.22
N TYR B 448 56.03 -10.69 -20.42
CA TYR B 448 56.24 -12.01 -21.02
C TYR B 448 56.45 -11.89 -22.53
N HIS B 449 57.30 -12.74 -23.10
CA HIS B 449 57.38 -12.91 -24.56
CA HIS B 449 57.33 -12.85 -24.56
C HIS B 449 56.20 -13.78 -24.96
N VAL B 450 55.28 -13.23 -25.75
CA VAL B 450 54.05 -13.94 -26.06
C VAL B 450 54.03 -14.52 -27.47
N ASN B 451 53.78 -15.83 -27.53
CA ASN B 451 53.54 -16.52 -28.78
C ASN B 451 52.06 -16.86 -28.86
N PHE B 452 51.34 -16.10 -29.70
CA PHE B 452 49.89 -16.15 -29.75
C PHE B 452 49.39 -16.93 -30.95
N GLU B 453 48.50 -17.89 -30.70
CA GLU B 453 47.80 -18.61 -31.76
C GLU B 453 46.35 -18.84 -31.34
N LEU B 454 45.41 -18.60 -32.24
CA LEU B 454 43.99 -18.87 -31.99
C LEU B 454 43.76 -20.34 -31.59
N GLY B 455 44.32 -21.26 -32.36
CA GLY B 455 44.20 -22.70 -32.05
C GLY B 455 42.90 -23.28 -32.58
N THR B 456 41.78 -22.80 -32.03
CA THR B 456 40.45 -23.16 -32.54
C THR B 456 39.38 -22.11 -32.14
N GLU B 457 38.28 -22.08 -32.88
CA GLU B 457 37.19 -21.15 -32.58
C GLU B 457 36.44 -21.57 -31.30
N ILE B 458 35.57 -20.73 -30.77
CA ILE B 458 34.80 -21.07 -29.56
C ILE B 458 34.04 -22.38 -29.78
N ALA B 459 33.35 -22.46 -30.91
CA ALA B 459 32.59 -23.64 -31.30
C ALA B 459 33.22 -24.28 -32.54
N GLY B 460 34.55 -24.25 -32.63
CA GLY B 460 35.24 -24.74 -33.82
C GLY B 460 35.15 -26.26 -33.96
N ASN B 461 35.10 -26.74 -35.21
CA ASN B 461 35.11 -28.17 -35.47
C ASN B 461 36.28 -28.63 -36.36
N SER B 462 37.19 -27.70 -36.66
CA SER B 462 38.40 -27.98 -37.44
C SER B 462 39.63 -28.13 -36.56
N THR B 463 40.53 -29.03 -36.94
CA THR B 463 41.82 -29.18 -36.26
C THR B 463 42.95 -28.45 -37.01
N THR B 464 42.62 -27.78 -38.11
CA THR B 464 43.63 -27.10 -38.94
C THR B 464 44.49 -26.11 -38.15
N GLY B 465 43.87 -25.41 -37.21
CA GLY B 465 44.59 -24.44 -36.37
C GLY B 465 45.43 -25.05 -35.25
N PHE B 466 45.30 -26.36 -35.03
CA PHE B 466 46.02 -27.04 -33.92
C PHE B 466 47.55 -26.96 -34.03
N ALA B 467 48.08 -27.21 -35.24
CA ALA B 467 49.54 -27.38 -35.43
C ALA B 467 50.36 -26.16 -35.02
N LYS B 468 49.93 -24.98 -35.46
CA LYS B 468 50.60 -23.74 -35.06
C LYS B 468 50.50 -23.48 -33.56
N ALA B 469 49.38 -23.87 -32.95
CA ALA B 469 49.21 -23.70 -31.51
C ALA B 469 50.14 -24.64 -30.75
N ILE B 470 50.25 -25.88 -31.24
CA ILE B 470 51.19 -26.88 -30.70
C ILE B 470 52.65 -26.45 -30.91
N ALA B 471 52.95 -25.88 -32.09
CA ALA B 471 54.29 -25.36 -32.37
C ALA B 471 54.63 -24.23 -31.41
N ALA B 472 53.68 -23.30 -31.23
CA ALA B 472 53.87 -22.20 -30.27
C ALA B 472 54.17 -22.72 -28.86
N ALA B 473 53.43 -23.74 -28.45
CA ALA B 473 53.62 -24.36 -27.15
C ALA B 473 55.04 -24.90 -26.95
N LYS B 474 55.58 -25.51 -28.00
CA LYS B 474 56.91 -26.13 -27.95
C LYS B 474 58.04 -25.09 -27.79
N LYS B 475 57.80 -23.89 -28.30
CA LYS B 475 58.77 -22.78 -28.20
C LYS B 475 58.73 -22.06 -26.85
N SER B 476 57.71 -22.32 -26.03
CA SER B 476 57.42 -21.46 -24.88
C SER B 476 57.69 -22.12 -23.54
N ASP B 477 57.87 -21.31 -22.49
CA ASP B 477 58.09 -21.83 -21.13
C ASP B 477 56.82 -22.37 -20.47
N ALA B 478 55.67 -21.80 -20.81
CA ALA B 478 54.37 -22.26 -20.29
C ALA B 478 53.24 -22.00 -21.28
N ILE B 479 52.19 -22.80 -21.19
CA ILE B 479 51.04 -22.62 -22.06
C ILE B 479 49.90 -22.03 -21.23
N ILE B 480 49.34 -20.93 -21.72
CA ILE B 480 48.14 -20.38 -21.10
C ILE B 480 47.02 -20.47 -22.12
N TYR B 481 46.14 -21.43 -21.92
CA TYR B 481 44.98 -21.59 -22.79
C TYR B 481 43.79 -20.78 -22.26
N LEU B 482 43.23 -19.91 -23.10
CA LEU B 482 42.03 -19.16 -22.74
C LEU B 482 40.90 -19.52 -23.68
N GLY B 483 39.87 -20.14 -23.13
CA GLY B 483 38.68 -20.47 -23.89
C GLY B 483 37.47 -20.59 -22.98
N GLY B 484 36.52 -21.42 -23.40
CA GLY B 484 35.29 -21.61 -22.66
C GLY B 484 34.09 -21.23 -23.51
N ILE B 485 33.16 -20.50 -22.92
CA ILE B 485 31.98 -20.04 -23.64
C ILE B 485 31.92 -18.52 -23.66
N ASP B 486 31.16 -17.97 -24.60
CA ASP B 486 30.91 -16.55 -24.62
C ASP B 486 29.48 -16.32 -25.11
N ASN B 487 29.15 -15.09 -25.50
CA ASN B 487 27.79 -14.77 -25.90
C ASN B 487 27.36 -15.23 -27.29
N THR B 488 28.24 -15.94 -27.99
CA THR B 488 27.82 -16.71 -29.17
C THR B 488 27.24 -18.04 -28.70
N ILE B 489 27.49 -18.41 -27.46
CA ILE B 489 27.05 -19.70 -26.92
C ILE B 489 25.86 -19.54 -25.96
N GLU B 490 26.00 -18.60 -25.03
CA GLU B 490 24.95 -18.29 -24.07
C GLU B 490 24.54 -16.85 -24.28
N GLN B 491 23.25 -16.63 -24.54
CA GLN B 491 22.77 -15.27 -24.70
C GLN B 491 21.30 -15.12 -24.32
N GLU B 492 20.87 -13.87 -24.20
CA GLU B 492 19.45 -13.54 -24.10
C GLU B 492 18.74 -14.06 -25.36
N GLY B 493 17.65 -14.80 -25.17
CA GLY B 493 16.86 -15.29 -26.29
C GLY B 493 17.21 -16.70 -26.77
N ALA B 494 18.34 -17.23 -26.29
CA ALA B 494 18.79 -18.57 -26.70
C ALA B 494 19.71 -19.23 -25.66
N ASP B 495 19.17 -20.27 -25.02
CA ASP B 495 19.90 -21.10 -24.06
C ASP B 495 20.93 -21.97 -24.76
N ARG B 496 21.91 -22.45 -24.00
CA ARG B 496 22.79 -23.53 -24.46
C ARG B 496 21.96 -24.81 -24.63
N THR B 497 22.41 -25.69 -25.51
CA THR B 497 21.76 -27.00 -25.68
C THR B 497 22.44 -28.09 -24.86
N ASP B 498 23.66 -27.81 -24.44
CA ASP B 498 24.39 -28.72 -23.55
C ASP B 498 25.34 -27.89 -22.67
N ILE B 499 25.95 -28.53 -21.66
CA ILE B 499 26.84 -27.83 -20.72
C ILE B 499 28.27 -28.39 -20.77
N ALA B 500 28.65 -28.87 -21.95
CA ALA B 500 30.01 -29.33 -22.23
C ALA B 500 30.81 -28.18 -22.85
N TRP B 501 32.14 -28.23 -22.79
CA TRP B 501 32.98 -27.29 -23.54
C TRP B 501 32.55 -27.35 -25.00
N PRO B 502 32.30 -26.19 -25.63
CA PRO B 502 31.85 -26.16 -27.03
C PRO B 502 32.95 -26.51 -28.04
N GLY B 503 32.57 -26.80 -29.28
CA GLY B 503 33.51 -27.10 -30.36
C GLY B 503 34.52 -28.18 -30.00
N ASN B 504 35.74 -28.07 -30.52
CA ASN B 504 36.78 -29.05 -30.20
C ASN B 504 37.87 -28.52 -29.27
N GLN B 505 37.50 -27.56 -28.43
CA GLN B 505 38.41 -26.93 -27.48
C GLN B 505 39.11 -27.93 -26.54
N LEU B 506 38.38 -28.92 -26.03
CA LEU B 506 38.96 -29.93 -25.12
C LEU B 506 39.96 -30.85 -25.82
N ASP B 507 39.71 -31.10 -27.10
CA ASP B 507 40.64 -31.87 -27.91
C ASP B 507 41.95 -31.10 -28.09
N LEU B 508 41.84 -29.81 -28.41
CA LEU B 508 43.02 -28.95 -28.48
C LEU B 508 43.75 -28.92 -27.14
N ILE B 509 43.00 -28.78 -26.04
CA ILE B 509 43.60 -28.76 -24.70
C ILE B 509 44.36 -30.05 -24.43
N LYS B 510 43.75 -31.18 -24.80
CA LYS B 510 44.37 -32.49 -24.62
C LYS B 510 45.73 -32.54 -25.33
N GLN B 511 45.77 -32.09 -26.58
CA GLN B 511 47.01 -32.14 -27.36
C GLN B 511 48.06 -31.15 -26.84
N LEU B 512 47.62 -29.98 -26.37
CA LEU B 512 48.52 -29.04 -25.68
C LEU B 512 49.16 -29.66 -24.45
N SER B 513 48.40 -30.49 -23.73
CA SER B 513 48.88 -31.20 -22.54
C SER B 513 49.86 -32.33 -22.85
N GLU B 514 49.99 -32.72 -24.12
CA GLU B 514 50.90 -33.79 -24.53
C GLU B 514 52.27 -33.23 -24.93
N VAL B 515 52.42 -31.92 -24.85
CA VAL B 515 53.64 -31.24 -25.31
C VAL B 515 54.79 -31.35 -24.29
N GLY B 516 54.46 -31.46 -23.01
CA GLY B 516 55.48 -31.58 -21.97
C GLY B 516 55.88 -30.24 -21.37
N LYS B 517 54.99 -29.26 -21.47
CA LYS B 517 55.17 -27.94 -20.87
C LYS B 517 54.10 -27.68 -19.82
N PRO B 518 54.39 -26.82 -18.81
CA PRO B 518 53.33 -26.41 -17.86
C PRO B 518 52.12 -25.84 -18.59
N LEU B 519 50.93 -26.24 -18.14
CA LEU B 519 49.68 -25.87 -18.82
C LEU B 519 48.67 -25.29 -17.83
N VAL B 520 48.21 -24.09 -18.12
CA VAL B 520 47.20 -23.40 -17.34
C VAL B 520 46.01 -23.19 -18.27
N VAL B 521 44.82 -23.57 -17.80
CA VAL B 521 43.58 -23.42 -18.57
C VAL B 521 42.68 -22.37 -17.89
N LEU B 522 42.31 -21.35 -18.65
CA LEU B 522 41.34 -20.39 -18.16
C LEU B 522 40.01 -20.74 -18.79
N GLN B 523 39.06 -21.11 -17.94
CA GLN B 523 37.70 -21.44 -18.37
C GLN B 523 36.84 -20.17 -18.25
N MET B 524 36.52 -19.56 -19.37
CA MET B 524 35.79 -18.27 -19.37
C MET B 524 34.29 -18.41 -19.66
N GLY B 525 33.52 -17.36 -19.35
CA GLY B 525 32.06 -17.39 -19.53
C GLY B 525 31.30 -17.39 -18.21
N GLY B 526 29.98 -17.23 -18.26
CA GLY B 526 29.17 -17.13 -17.04
C GLY B 526 28.71 -18.49 -16.58
N GLY B 527 28.03 -19.20 -17.47
CA GLY B 527 27.64 -20.59 -17.22
C GLY B 527 28.91 -21.43 -17.10
N GLN B 528 28.80 -22.57 -16.43
CA GLN B 528 29.91 -23.49 -16.28
C GLN B 528 29.95 -24.49 -17.43
N VAL B 529 31.11 -25.07 -17.68
CA VAL B 529 31.26 -26.19 -18.62
C VAL B 529 31.92 -27.36 -17.90
N ASP B 530 31.60 -28.57 -18.35
CA ASP B 530 32.09 -29.79 -17.74
C ASP B 530 33.60 -29.90 -17.96
N SER B 531 34.38 -29.57 -16.93
CA SER B 531 35.85 -29.67 -16.99
C SER B 531 36.41 -30.93 -16.32
N SER B 532 35.63 -32.01 -16.29
CA SER B 532 36.05 -33.25 -15.60
C SER B 532 37.32 -33.88 -16.20
N SER B 533 37.47 -33.80 -17.52
CA SER B 533 38.66 -34.31 -18.18
C SER B 533 39.89 -33.40 -17.99
N LEU B 534 39.67 -32.15 -17.59
CA LEU B 534 40.75 -31.24 -17.21
C LEU B 534 41.14 -31.49 -15.78
N LYS B 535 40.14 -31.80 -14.95
CA LYS B 535 40.32 -32.14 -13.56
C LYS B 535 41.17 -33.40 -13.38
N SER B 536 40.90 -34.41 -14.21
CA SER B 536 41.58 -35.70 -14.08
C SER B 536 42.92 -35.79 -14.80
N ASN B 537 43.16 -34.89 -15.76
CA ASN B 537 44.44 -34.79 -16.49
C ASN B 537 45.56 -34.13 -15.66
N LYS B 538 46.46 -34.96 -15.15
CA LYS B 538 47.61 -34.50 -14.36
C LYS B 538 48.49 -33.49 -15.11
N LYS B 539 48.46 -33.52 -16.44
CA LYS B 539 49.24 -32.58 -17.27
C LYS B 539 48.53 -31.26 -17.56
N VAL B 540 47.33 -31.09 -16.98
CA VAL B 540 46.69 -29.78 -16.87
C VAL B 540 47.03 -29.33 -15.46
N ASN B 541 48.04 -28.50 -15.35
CA ASN B 541 48.58 -28.11 -14.06
C ASN B 541 47.63 -27.24 -13.26
N SER B 542 46.93 -26.34 -13.96
CA SER B 542 46.05 -25.37 -13.32
C SER B 542 44.76 -25.12 -14.09
N LEU B 543 43.69 -24.89 -13.33
CA LEU B 543 42.40 -24.50 -13.91
C LEU B 543 41.82 -23.29 -13.18
N VAL B 544 41.43 -22.30 -13.98
CA VAL B 544 40.92 -21.02 -13.46
C VAL B 544 39.60 -20.73 -14.17
N TRP B 545 38.57 -20.34 -13.41
CA TRP B 545 37.34 -19.79 -14.01
C TRP B 545 37.39 -18.27 -13.96
N GLY B 546 37.37 -17.62 -15.12
CA GLY B 546 37.52 -16.17 -15.19
C GLY B 546 36.27 -15.37 -15.50
N GLY B 547 35.12 -16.06 -15.61
CA GLY B 547 33.83 -15.40 -15.87
C GLY B 547 33.83 -14.47 -17.07
N TYR B 548 33.26 -13.28 -16.89
CA TYR B 548 33.33 -12.19 -17.87
C TYR B 548 33.94 -11.01 -17.13
N PRO B 549 35.25 -10.76 -17.31
CA PRO B 549 35.99 -9.89 -16.39
C PRO B 549 35.92 -8.36 -16.66
N GLY B 550 35.19 -7.93 -17.69
CA GLY B 550 34.99 -6.51 -17.94
C GLY B 550 36.20 -5.80 -18.56
N GLN B 551 36.15 -4.47 -18.52
CA GLN B 551 37.04 -3.59 -19.31
C GLN B 551 38.54 -3.77 -19.07
N SER B 552 38.93 -4.10 -17.85
CA SER B 552 40.33 -4.34 -17.52
C SER B 552 40.55 -5.84 -17.34
N GLY B 553 39.74 -6.66 -18.01
CA GLY B 553 39.76 -8.10 -17.83
C GLY B 553 41.13 -8.75 -17.99
N GLY B 554 41.85 -8.38 -19.05
CA GLY B 554 43.20 -8.91 -19.28
C GLY B 554 44.17 -8.73 -18.12
N VAL B 555 44.20 -7.51 -17.56
CA VAL B 555 45.11 -7.18 -16.45
C VAL B 555 44.74 -7.89 -15.17
N ALA B 556 43.44 -8.01 -14.90
CA ALA B 556 42.97 -8.77 -13.74
C ALA B 556 43.44 -10.22 -13.84
N LEU B 557 43.27 -10.80 -15.03
CA LEU B 557 43.64 -12.19 -15.26
C LEU B 557 45.14 -12.39 -15.06
N PHE B 558 45.95 -11.56 -15.71
CA PHE B 558 47.41 -11.70 -15.62
C PHE B 558 48.06 -11.23 -14.30
N ASP B 559 47.43 -10.30 -13.60
CA ASP B 559 47.87 -9.98 -12.24
C ASP B 559 47.68 -11.17 -11.31
N ILE B 560 46.62 -11.95 -11.53
CA ILE B 560 46.41 -13.20 -10.79
C ILE B 560 47.46 -14.24 -11.22
N LEU B 561 47.57 -14.44 -12.54
CA LEU B 561 48.46 -15.45 -13.07
C LEU B 561 49.92 -15.18 -12.67
N SER B 562 50.31 -13.89 -12.66
CA SER B 562 51.67 -13.50 -12.30
C SER B 562 51.89 -13.48 -10.79
N GLY B 563 50.81 -13.49 -10.02
CA GLY B 563 50.90 -13.42 -8.57
C GLY B 563 51.01 -12.00 -8.03
N LYS B 564 50.91 -11.00 -8.91
CA LYS B 564 50.79 -9.60 -8.46
C LYS B 564 49.58 -9.45 -7.53
N ARG B 565 48.51 -10.19 -7.82
CA ARG B 565 47.39 -10.37 -6.88
C ARG B 565 47.16 -11.86 -6.69
N ALA B 566 46.63 -12.22 -5.52
CA ALA B 566 46.36 -13.60 -5.19
C ALA B 566 44.83 -13.85 -5.22
N PRO B 567 44.41 -14.94 -5.89
CA PRO B 567 42.99 -15.26 -6.11
C PRO B 567 42.25 -15.67 -4.84
N ALA B 568 40.95 -15.37 -4.78
CA ALA B 568 40.10 -15.80 -3.65
C ALA B 568 38.63 -16.04 -4.02
N GLY B 569 38.29 -15.94 -5.30
CA GLY B 569 36.90 -16.18 -5.72
C GLY B 569 36.44 -17.59 -5.43
N ARG B 570 35.14 -17.77 -5.23
CA ARG B 570 34.53 -19.10 -5.15
C ARG B 570 33.36 -19.20 -6.14
N LEU B 571 33.13 -20.38 -6.70
CA LEU B 571 32.03 -20.58 -7.67
C LEU B 571 30.69 -20.24 -7.05
N VAL B 572 29.84 -19.57 -7.82
CA VAL B 572 28.51 -19.18 -7.35
C VAL B 572 27.41 -20.00 -8.04
N THR B 573 27.83 -20.94 -8.88
CA THR B 573 26.94 -22.02 -9.35
C THR B 573 27.66 -23.36 -9.28
N THR B 574 26.90 -24.44 -9.44
CA THR B 574 27.44 -25.78 -9.52
C THR B 574 27.94 -26.02 -10.94
N GLN B 575 29.15 -26.60 -11.06
CA GLN B 575 29.61 -27.10 -12.36
C GLN B 575 29.16 -28.54 -12.50
N TYR B 576 28.04 -28.74 -13.18
CA TYR B 576 27.47 -30.08 -13.33
C TYR B 576 28.22 -30.91 -14.39
N PRO B 577 28.21 -32.25 -14.23
CA PRO B 577 28.64 -33.12 -15.34
C PRO B 577 27.67 -32.96 -16.51
N ALA B 578 28.17 -33.12 -17.75
CA ALA B 578 27.42 -32.82 -18.95
C ALA B 578 26.07 -33.55 -19.06
N GLU B 579 26.02 -34.75 -18.49
CA GLU B 579 24.84 -35.62 -18.49
C GLU B 579 23.62 -34.97 -17.84
N TYR B 580 23.87 -34.09 -16.86
CA TYR B 580 22.82 -33.55 -15.99
C TYR B 580 21.62 -33.03 -16.77
N VAL B 581 21.89 -32.23 -17.80
CA VAL B 581 20.83 -31.58 -18.58
C VAL B 581 20.10 -32.52 -19.53
N HIS B 582 20.61 -33.73 -19.70
CA HIS B 582 19.96 -34.69 -20.60
C HIS B 582 19.18 -35.75 -19.84
N GLN B 583 19.21 -35.66 -18.52
CA GLN B 583 18.54 -36.63 -17.65
C GLN B 583 17.06 -36.34 -17.38
N PHE B 584 16.68 -35.05 -17.46
CA PHE B 584 15.34 -34.61 -17.07
C PHE B 584 15.01 -33.28 -17.75
N PRO B 585 13.71 -33.00 -17.96
CA PRO B 585 13.37 -31.75 -18.64
C PRO B 585 13.86 -30.56 -17.81
N GLN B 586 14.46 -29.57 -18.47
CA GLN B 586 15.03 -28.40 -17.77
C GLN B 586 13.95 -27.38 -17.38
N ASN B 587 12.72 -27.60 -17.84
CA ASN B 587 11.59 -26.81 -17.35
C ASN B 587 10.79 -27.55 -16.27
N ASP B 588 11.36 -28.62 -15.74
CA ASP B 588 10.84 -29.22 -14.51
C ASP B 588 11.30 -28.29 -13.38
N MET B 589 10.35 -27.57 -12.78
CA MET B 589 10.68 -26.47 -11.87
C MET B 589 10.88 -26.92 -10.41
N ASN B 590 10.59 -28.20 -10.15
CA ASN B 590 10.74 -28.79 -8.82
C ASN B 590 12.20 -28.92 -8.43
N LEU B 591 12.61 -28.26 -7.36
CA LEU B 591 14.00 -28.33 -6.90
C LEU B 591 14.36 -29.70 -6.31
N ARG B 592 13.40 -30.34 -5.65
CA ARG B 592 13.67 -31.59 -4.93
C ARG B 592 13.83 -32.78 -5.88
N PRO B 593 14.68 -33.77 -5.51
CA PRO B 593 14.77 -34.97 -6.34
C PRO B 593 13.46 -35.72 -6.25
N ASP B 594 13.14 -36.52 -7.25
CA ASP B 594 11.86 -37.26 -7.21
C ASP B 594 12.03 -38.77 -7.30
N GLY B 595 13.28 -39.23 -7.25
CA GLY B 595 13.58 -40.65 -7.37
C GLY B 595 13.42 -41.22 -8.78
N LYS B 596 13.11 -40.34 -9.74
CA LYS B 596 12.92 -40.75 -11.12
C LYS B 596 13.92 -40.05 -12.03
N SER B 597 13.49 -39.10 -12.86
CA SER B 597 14.42 -38.41 -13.74
C SER B 597 15.15 -37.24 -13.05
N ASN B 598 14.50 -36.65 -12.07
CA ASN B 598 15.00 -35.43 -11.41
C ASN B 598 15.93 -35.80 -10.27
N PRO B 599 17.23 -35.49 -10.43
CA PRO B 599 18.20 -35.83 -9.41
C PRO B 599 18.29 -34.79 -8.29
N GLY B 600 17.42 -33.78 -8.31
CA GLY B 600 17.53 -32.64 -7.40
C GLY B 600 18.30 -31.53 -8.10
N GLN B 601 17.91 -30.28 -7.87
CA GLN B 601 18.50 -29.15 -8.60
C GLN B 601 19.20 -28.18 -7.66
N THR B 602 20.34 -27.62 -8.12
CA THR B 602 21.23 -26.79 -7.31
C THR B 602 21.94 -27.59 -6.23
N TYR B 603 22.98 -26.99 -5.65
CA TYR B 603 23.78 -27.59 -4.58
C TYR B 603 22.93 -27.98 -3.36
N ILE B 604 21.78 -27.33 -3.20
CA ILE B 604 20.87 -27.60 -2.06
C ILE B 604 20.27 -29.00 -2.14
N TRP B 605 19.88 -29.41 -3.37
CA TRP B 605 19.08 -30.63 -3.59
C TRP B 605 19.72 -31.71 -4.48
N TYR B 606 20.73 -31.35 -5.26
CA TYR B 606 21.34 -32.25 -6.25
C TYR B 606 21.91 -33.51 -5.58
N THR B 607 21.58 -34.67 -6.15
CA THR B 607 22.06 -35.94 -5.57
C THR B 607 23.20 -36.59 -6.37
N GLY B 608 23.53 -36.01 -7.52
CA GLY B 608 24.67 -36.47 -8.33
C GLY B 608 25.98 -35.90 -7.82
N LYS B 609 27.02 -35.96 -8.66
CA LYS B 609 28.36 -35.53 -8.27
C LYS B 609 28.80 -34.34 -9.13
N PRO B 610 28.81 -33.12 -8.55
CA PRO B 610 29.34 -31.98 -9.27
C PRO B 610 30.78 -32.22 -9.73
N VAL B 611 31.15 -31.72 -10.91
CA VAL B 611 32.54 -31.69 -11.32
C VAL B 611 33.30 -30.75 -10.37
N TYR B 612 32.81 -29.52 -10.26
CA TYR B 612 33.22 -28.59 -9.19
C TYR B 612 31.98 -28.06 -8.48
N GLU B 613 32.03 -28.10 -7.16
CA GLU B 613 30.89 -27.73 -6.32
C GLU B 613 30.71 -26.22 -6.22
N PHE B 614 29.46 -25.83 -6.03
CA PHE B 614 29.12 -24.47 -5.61
C PHE B 614 29.99 -24.11 -4.41
N GLY B 615 30.70 -22.99 -4.48
CA GLY B 615 31.58 -22.61 -3.37
C GLY B 615 33.02 -23.09 -3.49
N SER B 616 33.37 -23.70 -4.62
CA SER B 616 34.74 -24.13 -4.89
C SER B 616 35.67 -22.94 -5.14
N GLY B 617 36.87 -23.02 -4.60
CA GLY B 617 37.89 -22.02 -4.88
C GLY B 617 39.13 -22.23 -4.02
N LEU B 618 40.29 -22.10 -4.64
CA LEU B 618 41.57 -22.32 -3.95
C LEU B 618 42.39 -21.02 -3.85
N PHE B 619 43.43 -21.06 -3.02
CA PHE B 619 44.28 -19.89 -2.81
C PHE B 619 45.74 -20.15 -3.23
N TYR B 620 46.55 -19.08 -3.28
CA TYR B 620 47.99 -19.21 -3.48
C TYR B 620 48.72 -19.57 -2.18
N THR B 621 47.96 -19.96 -1.17
CA THR B 621 48.47 -20.36 0.13
C THR B 621 47.49 -21.40 0.71
N THR B 622 47.70 -21.80 1.96
CA THR B 622 46.74 -22.64 2.68
C THR B 622 46.32 -21.94 3.95
N PHE B 623 45.13 -22.27 4.45
CA PHE B 623 44.66 -21.72 5.71
C PHE B 623 44.34 -22.82 6.70
N LYS B 624 44.58 -22.53 7.98
CA LYS B 624 44.12 -23.38 9.05
C LYS B 624 42.97 -22.68 9.71
N GLU B 625 41.80 -23.30 9.69
CA GLU B 625 40.58 -22.75 10.29
C GLU B 625 40.20 -23.53 11.55
N THR B 626 39.94 -22.81 12.62
CA THR B 626 39.59 -23.40 13.91
C THR B 626 38.44 -22.62 14.54
N LEU B 627 37.54 -23.33 15.21
CA LEU B 627 36.43 -22.70 15.92
C LEU B 627 37.01 -21.78 16.99
N ALA B 628 36.55 -20.53 17.01
CA ALA B 628 37.09 -19.53 17.91
C ALA B 628 36.40 -19.58 19.27
N SER B 629 35.07 -19.61 19.24
CA SER B 629 34.25 -19.70 20.45
C SER B 629 32.80 -20.00 20.09
N HIS B 630 32.11 -20.71 20.98
CA HIS B 630 30.67 -20.92 20.86
C HIS B 630 29.96 -20.43 22.13
N PRO B 631 28.68 -20.01 22.02
CA PRO B 631 27.91 -19.69 23.23
C PRO B 631 27.87 -20.87 24.19
N LYS B 632 27.94 -20.57 25.49
CA LYS B 632 27.95 -21.59 26.55
C LYS B 632 26.91 -22.70 26.32
N SER B 633 25.70 -22.31 25.93
CA SER B 633 24.68 -23.25 25.49
C SER B 633 24.56 -23.24 23.97
N LEU B 634 24.56 -24.43 23.37
CA LEU B 634 24.31 -24.60 21.94
C LEU B 634 22.91 -25.12 21.67
N LYS B 635 22.02 -24.85 22.63
CA LYS B 635 20.60 -25.07 22.49
C LYS B 635 19.90 -23.72 22.45
N PHE B 636 19.47 -23.32 21.26
CA PHE B 636 18.92 -22.00 21.06
C PHE B 636 17.41 -22.06 20.99
N ASN B 637 16.78 -21.21 21.80
CA ASN B 637 15.33 -21.12 21.82
C ASN B 637 14.88 -19.95 20.93
N THR B 638 14.43 -20.27 19.72
CA THR B 638 14.07 -19.25 18.71
C THR B 638 12.93 -18.33 19.15
N SER B 639 11.89 -18.90 19.75
CA SER B 639 10.78 -18.11 20.25
C SER B 639 11.23 -17.08 21.27
N SER B 640 12.20 -17.46 22.10
CA SER B 640 12.76 -16.60 23.12
C SER B 640 13.67 -15.52 22.50
N ILE B 641 14.53 -15.94 21.58
CA ILE B 641 15.40 -15.03 20.88
C ILE B 641 14.60 -13.95 20.13
N LEU B 642 13.49 -14.35 19.52
CA LEU B 642 12.65 -13.42 18.76
C LEU B 642 11.79 -12.53 19.65
N SER B 643 11.70 -12.86 20.93
CA SER B 643 10.92 -12.09 21.90
C SER B 643 11.67 -10.88 22.50
N ALA B 644 12.98 -10.85 22.31
CA ALA B 644 13.83 -9.78 22.81
C ALA B 644 13.73 -8.52 21.93
N PRO B 645 14.15 -7.35 22.47
CA PRO B 645 14.28 -6.16 21.61
C PRO B 645 15.27 -6.43 20.49
N HIS B 646 15.10 -5.78 19.34
CA HIS B 646 16.11 -5.92 18.27
C HIS B 646 16.65 -4.59 17.72
N PRO B 647 17.31 -3.77 18.59
CA PRO B 647 17.88 -2.51 18.12
C PRO B 647 18.93 -2.72 17.04
N GLY B 648 18.91 -1.89 16.01
CA GLY B 648 19.84 -2.01 14.90
C GLY B 648 19.31 -2.85 13.73
N TYR B 649 18.16 -3.48 13.93
CA TYR B 649 17.50 -4.26 12.89
C TYR B 649 16.07 -3.77 12.75
N THR B 650 15.67 -3.44 11.52
CA THR B 650 14.30 -3.03 11.23
C THR B 650 13.34 -4.20 11.43
N TYR B 651 13.72 -5.39 10.96
CA TYR B 651 12.82 -6.55 11.01
C TYR B 651 13.36 -7.64 11.95
N SER B 652 12.44 -8.25 12.71
CA SER B 652 12.80 -9.24 13.72
C SER B 652 13.52 -10.48 13.18
N GLU B 653 13.14 -10.95 11.98
CA GLU B 653 13.79 -12.13 11.39
C GLU B 653 15.27 -11.89 10.99
N GLN B 654 15.72 -10.63 11.02
CA GLN B 654 17.10 -10.26 10.70
C GLN B 654 18.08 -10.45 11.85
N ILE B 655 17.58 -10.68 13.07
CA ILE B 655 18.46 -10.81 14.23
C ILE B 655 19.23 -12.14 14.23
N PRO B 656 20.47 -12.14 14.77
CA PRO B 656 21.20 -13.42 14.83
C PRO B 656 20.64 -14.37 15.88
N VAL B 657 20.52 -15.65 15.53
CA VAL B 657 20.31 -16.72 16.52
C VAL B 657 21.61 -16.83 17.33
N PHE B 658 22.74 -16.85 16.62
CA PHE B 658 24.06 -16.67 17.23
C PHE B 658 25.04 -16.28 16.13
N THR B 659 26.29 -16.03 16.50
CA THR B 659 27.34 -15.72 15.53
C THR B 659 28.38 -16.85 15.44
N PHE B 660 28.54 -17.41 14.24
CA PHE B 660 29.63 -18.34 13.96
C PHE B 660 30.96 -17.60 13.94
N GLU B 661 31.89 -18.04 14.79
CA GLU B 661 33.20 -17.41 14.87
C GLU B 661 34.37 -18.38 14.73
N ALA B 662 35.27 -18.06 13.81
CA ALA B 662 36.44 -18.88 13.56
C ALA B 662 37.71 -18.04 13.45
N ASN B 663 38.83 -18.68 13.78
CA ASN B 663 40.14 -18.10 13.55
C ASN B 663 40.71 -18.65 12.26
N ILE B 664 41.11 -17.74 11.37
CA ILE B 664 41.63 -18.09 10.07
C ILE B 664 43.12 -17.77 10.06
N LYS B 665 43.95 -18.80 10.04
CA LYS B 665 45.41 -18.64 10.07
C LYS B 665 46.00 -18.96 8.69
N ASN B 666 46.80 -18.04 8.17
CA ASN B 666 47.57 -18.30 6.96
C ASN B 666 48.75 -19.23 7.30
N SER B 667 48.64 -20.48 6.83
CA SER B 667 49.59 -21.53 7.17
C SER B 667 50.52 -21.89 6.00
N GLY B 668 50.68 -20.95 5.06
CA GLY B 668 51.48 -21.18 3.87
C GLY B 668 52.52 -20.10 3.61
N LYS B 669 53.06 -20.08 2.39
CA LYS B 669 54.18 -19.23 2.02
C LYS B 669 53.78 -17.82 1.58
N THR B 670 52.50 -17.63 1.25
CA THR B 670 52.07 -16.45 0.50
C THR B 670 50.94 -15.67 1.16
N GLU B 671 51.08 -14.36 1.24
CA GLU B 671 50.03 -13.46 1.71
C GLU B 671 48.81 -13.63 0.79
N SER B 672 47.61 -13.63 1.36
CA SER B 672 46.39 -13.88 0.60
C SER B 672 45.12 -13.37 1.29
N PRO B 673 44.16 -12.87 0.48
CA PRO B 673 42.82 -12.64 1.03
C PRO B 673 42.12 -13.99 1.25
N TYR B 674 41.04 -13.99 2.02
CA TYR B 674 40.31 -15.20 2.34
C TYR B 674 38.82 -15.02 2.06
N THR B 675 38.17 -16.07 1.54
CA THR B 675 36.71 -16.11 1.44
C THR B 675 36.16 -17.37 2.08
N ALA B 676 34.94 -17.25 2.62
CA ALA B 676 34.24 -18.39 3.19
C ALA B 676 32.75 -18.36 2.84
N MET B 677 32.21 -19.53 2.55
CA MET B 677 30.76 -19.76 2.56
C MET B 677 30.43 -20.62 3.77
N LEU B 678 29.39 -20.23 4.51
CA LEU B 678 28.94 -21.03 5.64
C LEU B 678 27.62 -21.73 5.35
N PHE B 679 27.62 -23.06 5.47
CA PHE B 679 26.42 -23.86 5.20
C PHE B 679 25.85 -24.44 6.49
N VAL B 680 24.55 -24.72 6.47
CA VAL B 680 23.89 -25.42 7.57
C VAL B 680 23.15 -26.61 6.95
N ARG B 681 22.96 -27.66 7.75
CA ARG B 681 22.15 -28.78 7.32
C ARG B 681 21.40 -29.30 8.53
N THR B 682 20.33 -30.04 8.26
CA THR B 682 19.57 -30.73 9.28
C THR B 682 19.10 -32.08 8.76
N SER B 683 19.07 -33.07 9.65
CA SER B 683 18.52 -34.37 9.29
C SER B 683 17.14 -34.63 9.90
N ASN B 684 16.67 -33.72 10.76
CA ASN B 684 15.38 -33.93 11.41
C ASN B 684 14.48 -32.71 11.60
N ALA B 685 14.98 -31.51 11.37
CA ALA B 685 14.19 -30.31 11.60
C ALA B 685 13.41 -29.88 10.37
N GLY B 686 12.09 -29.82 10.52
CA GLY B 686 11.22 -29.46 9.41
C GLY B 686 10.75 -30.69 8.67
N PRO B 687 10.11 -30.49 7.51
CA PRO B 687 9.55 -31.64 6.82
C PRO B 687 10.57 -32.29 5.89
N ALA B 688 10.37 -33.58 5.61
CA ALA B 688 11.18 -34.30 4.64
C ALA B 688 10.66 -33.98 3.24
N PRO B 689 11.51 -34.10 2.20
CA PRO B 689 12.92 -34.48 2.25
C PRO B 689 13.82 -33.39 2.84
N TYR B 690 14.92 -33.82 3.47
CA TYR B 690 15.90 -32.89 4.04
C TYR B 690 16.95 -32.59 2.98
N PRO B 691 17.32 -31.31 2.83
CA PRO B 691 18.25 -30.97 1.74
C PRO B 691 19.68 -31.39 2.09
N ASN B 692 20.58 -31.30 1.11
CA ASN B 692 22.01 -31.52 1.34
C ASN B 692 22.50 -30.56 2.42
N LYS B 693 22.23 -29.28 2.18
CA LYS B 693 22.66 -28.18 3.03
C LYS B 693 22.16 -26.93 2.33
N TRP B 694 22.25 -25.78 3.00
CA TRP B 694 21.94 -24.51 2.36
C TRP B 694 22.80 -23.39 2.94
N LEU B 695 23.15 -22.43 2.10
CA LEU B 695 24.01 -21.31 2.49
C LEU B 695 23.29 -20.40 3.50
N VAL B 696 23.98 -20.05 4.58
CA VAL B 696 23.44 -19.16 5.60
C VAL B 696 24.30 -17.94 5.85
N GLY B 697 25.46 -17.88 5.22
CA GLY B 697 26.35 -16.73 5.35
C GLY B 697 27.57 -16.86 4.48
N PHE B 698 28.26 -15.73 4.26
CA PHE B 698 29.54 -15.70 3.56
C PHE B 698 30.29 -14.45 3.96
N ASP B 699 31.58 -14.40 3.63
CA ASP B 699 32.37 -13.22 3.86
C ASP B 699 33.70 -13.28 3.14
N ARG B 700 34.32 -12.11 3.05
CA ARG B 700 35.66 -11.98 2.51
C ARG B 700 36.49 -11.19 3.50
N LEU B 701 37.69 -11.69 3.79
CA LEU B 701 38.62 -11.00 4.67
C LEU B 701 39.81 -10.44 3.89
N ALA B 702 40.34 -9.32 4.38
CA ALA B 702 41.49 -8.65 3.78
C ALA B 702 42.74 -9.54 3.84
N ASP B 703 43.74 -9.23 3.02
CA ASP B 703 45.01 -9.96 3.01
C ASP B 703 45.47 -10.38 4.40
N ILE B 704 45.74 -11.68 4.55
CA ILE B 704 46.35 -12.24 5.76
C ILE B 704 47.79 -12.70 5.43
N LYS B 705 48.76 -12.23 6.21
CA LYS B 705 50.17 -12.56 6.01
C LYS B 705 50.53 -13.95 6.56
N PRO B 706 51.53 -14.63 5.94
CA PRO B 706 51.93 -15.96 6.41
C PRO B 706 52.14 -15.99 7.93
N GLY B 707 51.50 -16.96 8.60
CA GLY B 707 51.60 -17.08 10.06
C GLY B 707 50.64 -16.21 10.87
N HIS B 708 50.14 -15.14 10.27
CA HIS B 708 49.15 -14.28 10.92
C HIS B 708 47.74 -14.90 10.91
N SER B 709 46.88 -14.41 11.78
CA SER B 709 45.47 -14.84 11.84
C SER B 709 44.50 -13.67 11.69
N SER B 710 43.28 -14.00 11.27
CA SER B 710 42.19 -13.04 11.25
C SER B 710 40.90 -13.72 11.73
N LYS B 711 39.99 -12.92 12.25
CA LYS B 711 38.75 -13.42 12.77
C LYS B 711 37.71 -13.46 11.66
N LEU B 712 36.99 -14.58 11.59
CA LEU B 712 35.83 -14.70 10.72
C LEU B 712 34.60 -14.76 11.63
N SER B 713 33.72 -13.77 11.51
CA SER B 713 32.47 -13.72 12.28
C SER B 713 31.31 -13.66 11.30
N ILE B 714 30.44 -14.68 11.37
CA ILE B 714 29.30 -14.76 10.48
C ILE B 714 28.03 -14.95 11.30
N PRO B 715 27.20 -13.89 11.38
CA PRO B 715 25.95 -14.01 12.12
C PRO B 715 25.05 -15.00 11.41
N ILE B 716 24.20 -15.66 12.18
CA ILE B 716 23.24 -16.62 11.63
CA ILE B 716 23.25 -16.63 11.65
C ILE B 716 21.84 -16.08 11.89
N PRO B 717 21.28 -15.34 10.91
CA PRO B 717 19.94 -14.77 11.18
C PRO B 717 18.83 -15.79 11.30
N VAL B 718 17.82 -15.45 12.11
CA VAL B 718 16.60 -16.25 12.23
C VAL B 718 16.04 -16.65 10.85
N SER B 719 15.96 -15.67 9.93
CA SER B 719 15.44 -15.94 8.58
C SER B 719 16.22 -17.03 7.84
N ALA B 720 17.52 -17.10 8.10
CA ALA B 720 18.42 -18.08 7.47
C ALA B 720 18.17 -19.52 7.91
N LEU B 721 17.66 -19.69 9.14
CA LEU B 721 17.38 -21.02 9.69
C LEU B 721 15.97 -21.51 9.39
N ALA B 722 15.06 -20.60 9.04
CA ALA B 722 13.70 -20.98 8.66
C ALA B 722 13.67 -21.96 7.51
N ARG B 723 12.78 -22.94 7.60
CA ARG B 723 12.53 -23.83 6.48
C ARG B 723 11.12 -23.55 5.94
N VAL B 724 10.83 -24.07 4.76
CA VAL B 724 9.55 -23.79 4.10
C VAL B 724 8.66 -25.04 4.09
N ASP B 725 7.43 -24.92 4.61
CA ASP B 725 6.52 -26.05 4.65
C ASP B 725 5.84 -26.26 3.30
N SER B 726 5.00 -27.30 3.23
CA SER B 726 4.35 -27.67 1.97
C SER B 726 3.39 -26.59 1.45
N HIS B 727 3.10 -25.59 2.30
CA HIS B 727 2.18 -24.51 1.93
C HIS B 727 2.89 -23.20 1.59
N GLY B 728 4.22 -23.18 1.74
CA GLY B 728 5.00 -21.96 1.49
C GLY B 728 5.35 -21.15 2.72
N ASN B 729 4.81 -21.53 3.88
CA ASN B 729 5.11 -20.81 5.12
C ASN B 729 6.57 -20.96 5.52
N ARG B 730 7.16 -19.88 6.02
N ARG B 730 7.16 -19.88 6.00
CA ARG B 730 8.51 -19.91 6.53
CA ARG B 730 8.53 -19.91 6.52
C ARG B 730 8.46 -20.08 8.04
C ARG B 730 8.48 -20.07 8.03
N ILE B 731 8.96 -21.22 8.51
CA ILE B 731 8.87 -21.62 9.92
C ILE B 731 10.27 -22.03 10.39
N VAL B 732 10.65 -21.56 11.57
CA VAL B 732 11.87 -22.06 12.21
C VAL B 732 11.50 -23.29 13.05
N TYR B 733 12.04 -24.44 12.65
CA TYR B 733 11.70 -25.71 13.28
C TYR B 733 12.70 -26.10 14.36
N PRO B 734 12.20 -26.63 15.49
CA PRO B 734 13.13 -27.19 16.48
C PRO B 734 13.76 -28.47 15.95
N GLY B 735 14.95 -28.80 16.43
CA GLY B 735 15.66 -30.00 15.98
C GLY B 735 17.16 -29.79 15.95
N LYS B 736 17.86 -30.75 15.33
CA LYS B 736 19.33 -30.73 15.28
C LYS B 736 19.87 -30.20 13.97
N TYR B 737 20.91 -29.39 14.08
CA TYR B 737 21.49 -28.74 12.93
C TYR B 737 23.01 -28.82 13.01
N GLU B 738 23.66 -28.66 11.87
CA GLU B 738 25.10 -28.61 11.83
C GLU B 738 25.57 -27.58 10.83
N LEU B 739 26.39 -26.65 11.30
CA LEU B 739 27.10 -25.73 10.41
C LEU B 739 28.33 -26.42 9.83
N ALA B 740 28.66 -26.07 8.59
CA ALA B 740 29.89 -26.52 7.95
C ALA B 740 30.53 -25.34 7.23
N LEU B 741 31.78 -25.04 7.58
CA LEU B 741 32.53 -23.97 6.91
C LEU B 741 33.15 -24.41 5.59
N ASN B 742 32.67 -23.82 4.48
CA ASN B 742 33.17 -24.06 3.13
C ASN B 742 32.89 -25.47 2.58
N THR B 743 33.21 -25.68 1.30
CA THR B 743 33.05 -27.00 0.68
C THR B 743 34.01 -28.03 1.29
N ASP B 744 35.14 -27.59 1.81
CA ASP B 744 36.09 -28.52 2.43
C ASP B 744 35.68 -28.88 3.85
N GLU B 745 34.71 -28.15 4.39
CA GLU B 745 34.13 -28.43 5.71
C GLU B 745 35.18 -28.46 6.83
N SER B 746 36.07 -27.47 6.80
CA SER B 746 37.21 -27.36 7.72
C SER B 746 36.81 -27.24 9.19
N VAL B 747 35.68 -26.57 9.43
CA VAL B 747 35.13 -26.43 10.78
C VAL B 747 33.66 -26.87 10.70
N LYS B 748 33.21 -27.60 11.71
CA LYS B 748 31.82 -28.02 11.80
C LYS B 748 31.33 -27.76 13.21
N LEU B 749 30.06 -27.38 13.35
CA LEU B 749 29.49 -27.06 14.65
C LEU B 749 28.02 -27.49 14.74
N GLU B 750 27.76 -28.42 15.64
CA GLU B 750 26.41 -28.92 15.88
C GLU B 750 25.71 -28.03 16.89
N PHE B 751 24.44 -27.71 16.60
CA PHE B 751 23.61 -26.99 17.55
C PHE B 751 22.19 -27.52 17.50
N GLU B 752 21.37 -27.06 18.44
CA GLU B 752 20.00 -27.49 18.52
C GLU B 752 19.08 -26.28 18.64
N LEU B 753 17.97 -26.31 17.93
CA LEU B 753 16.92 -25.32 18.15
C LEU B 753 15.83 -25.95 19.01
N VAL B 754 15.46 -25.28 20.10
CA VAL B 754 14.51 -25.81 21.08
C VAL B 754 13.29 -24.90 21.19
N GLY B 755 12.21 -25.43 21.77
CA GLY B 755 10.98 -24.68 21.95
C GLY B 755 10.05 -25.00 20.81
N GLU B 756 8.95 -24.25 20.70
CA GLU B 756 7.96 -24.49 19.64
C GLU B 756 8.46 -24.01 18.29
N GLU B 757 7.83 -24.52 17.24
CA GLU B 757 7.93 -23.93 15.90
C GLU B 757 7.57 -22.44 15.98
N VAL B 758 8.25 -21.62 15.22
CA VAL B 758 7.92 -20.19 15.12
C VAL B 758 7.65 -19.82 13.66
N THR B 759 6.49 -19.22 13.41
CA THR B 759 6.15 -18.74 12.08
C THR B 759 6.90 -17.44 11.83
N ILE B 760 7.66 -17.41 10.73
CA ILE B 760 8.37 -16.20 10.30
C ILE B 760 7.56 -15.47 9.23
N GLU B 761 7.01 -16.22 8.28
CA GLU B 761 6.11 -15.67 7.24
C GLU B 761 4.92 -16.60 7.03
N ASN B 762 3.72 -16.05 7.13
CA ASN B 762 2.53 -16.73 6.64
C ASN B 762 2.44 -16.53 5.13
N TRP B 763 2.54 -17.62 4.36
CA TRP B 763 2.40 -17.55 2.91
C TRP B 763 0.92 -17.38 2.59
N PRO B 764 0.57 -16.32 1.83
CA PRO B 764 -0.84 -16.11 1.56
C PRO B 764 -1.40 -17.13 0.56
N LEU B 765 -2.71 -17.34 0.64
CA LEU B 765 -3.42 -18.20 -0.31
C LEU B 765 -3.49 -17.52 -1.66
N GLU B 766 -3.34 -18.29 -2.74
CA GLU B 766 -3.41 -17.72 -4.11
C GLU B 766 -4.83 -17.35 -4.49
N GLU B 767 -5.08 -16.04 -4.58
CA GLU B 767 -6.39 -15.46 -4.92
C GLU B 767 -7.57 -16.01 -4.11
#